data_1G8X
#
_entry.id   1G8X
#
_cell.length_a   135.423
_cell.length_b   155.420
_cell.length_c   143.191
_cell.angle_alpha   90.00
_cell.angle_beta   90.00
_cell.angle_gamma   90.00
#
_symmetry.space_group_name_H-M   'P 21 21 2'
#
loop_
_entity.id
_entity.type
_entity.pdbx_description
1 polymer 'MYOSIN II HEAVY CHAIN FUSED TO ALPHA-ACTININ 3'
2 non-polymer 'MAGNESIUM ION'
3 non-polymer "ADENOSINE-5'-DIPHOSPHATE"
4 water water
#
_entity_poly.entity_id   1
_entity_poly.type   'polypeptide(L)'
_entity_poly.pdbx_seq_one_letter_code
;MNPIHDRTSDYHKYLKVKQGDSDLFKLTVSDKRYIWYNPDPDERDSYECGEIVSETSDSFTFKTVDGQDRQVKKDDANQR
NPIKFDGVEDMSELSYLNEPAVFHNLRVRYNQDLIYTYSGLFLVAVNPFKRIPIYTQEMVDIFKGRRRNEVAPHIFAISD
VAYRSMLDDRQNQSLLITGESGAGKTENTKKVIQYLASVAGRNQANGSGVLEQQILQANPILEAFGNAKTTRNNNSSEFG
KFIEIQFNNAGFISGASIQSYLLEKSRVVFQSETERNYHIFYQLLAGATAEEKKALHLAGPESFNYLNQSGCVDIKGVSD
EDEFKITRQAMDIVGFSQEEQMSIFKIIAGILHLGNIKFEKGAGEGAVLKDKTALNAASTVFGVNPSVLEKALMEPRILA
GRDLVAQHLNVEKSSSSRDALVKALYGRLFLWLVKKINNVLCSERKAYFIGVLDISGFEIFKVNSFEQLCINYTNEKLQQ
FFNHHMFKVEQEEYLKEKINWTFIDFGLDSQATIDLIDGRQPPGILALLDEQSVFPNATDNTLITKLHSHFSKKNAKYEE
PRFSKTEFGVTHYAGQVMYEIQDWLEKNKDPLQQDLELCFKDSSDNVVTKLFNDPNIASRAKKGANFITVAAQYKEQLAS
LMATLETTNPHFVRCIIPNNKQLPAKLEDKVVLDQLRCNGVLEGIRITRKGFPNRIIYADFVKRYYLLAPNVPRDAEDSQ
KATDAVLKHLNIDPEQYRFGITKIFFRAGQLARIEEAREQRLGSEQTKSDYLKRANELVQWINDKQASLESRDFGDSIES
VQSFMNAHKEYKKTEKPPKGQEVSELEAIYNSLQTKLRLIKREPFVAPAGLTPNEIDSTWSALEKAEQEHAEALRIELKR
QKKIAVLLQKYNRILKKLENWATTKSVYLGSNETGDSITAVQAKLKNLEAFDGECQSLEGQSNSDLLSILAQLTELNYNG
VPELTERKDTFFAQQWTGVKSSAETYKNTLLAELERLQKIEDLHHHHHHH
;
_entity_poly.pdbx_strand_id   A,B
#
# COMPACT_ATOMS: atom_id res chain seq x y z
N ASN A 2 12.93 -23.75 37.92
CA ASN A 2 12.60 -24.92 37.04
C ASN A 2 11.19 -24.77 36.45
N PRO A 3 10.91 -23.62 35.81
CA PRO A 3 9.59 -23.38 35.21
C PRO A 3 9.22 -24.44 34.17
N ILE A 4 10.19 -25.25 33.79
CA ILE A 4 9.96 -26.29 32.80
C ILE A 4 8.79 -27.15 33.24
N HIS A 5 8.58 -27.23 34.55
CA HIS A 5 7.50 -28.02 35.11
C HIS A 5 6.49 -27.10 35.81
N ASP A 6 5.64 -26.44 35.03
CA ASP A 6 4.66 -25.53 35.59
C ASP A 6 3.81 -24.92 34.49
N ARG A 7 2.73 -25.60 34.14
CA ARG A 7 1.83 -25.15 33.07
C ARG A 7 1.56 -23.66 33.04
N THR A 8 1.84 -22.96 34.14
CA THR A 8 1.57 -21.53 34.17
C THR A 8 2.77 -20.62 33.85
N SER A 9 3.96 -21.21 33.84
CA SER A 9 5.19 -20.47 33.53
C SER A 9 5.16 -19.96 32.08
N ASP A 10 5.92 -18.91 31.82
CA ASP A 10 5.98 -18.34 30.48
C ASP A 10 6.66 -19.30 29.52
N TYR A 11 7.51 -20.16 30.06
CA TYR A 11 8.19 -21.12 29.23
C TYR A 11 7.14 -22.07 28.66
N HIS A 12 6.13 -22.37 29.45
CA HIS A 12 5.08 -23.26 28.96
C HIS A 12 4.10 -22.51 28.09
N LYS A 13 3.96 -21.23 28.38
CA LYS A 13 3.04 -20.37 27.65
C LYS A 13 3.52 -20.05 26.23
N TYR A 14 4.82 -19.91 26.05
CA TYR A 14 5.35 -19.55 24.74
C TYR A 14 6.18 -20.58 24.01
N LEU A 15 6.57 -21.65 24.69
CA LEU A 15 7.41 -22.67 24.04
C LEU A 15 6.83 -24.07 24.05
N LYS A 16 5.73 -24.26 24.78
CA LYS A 16 5.14 -25.59 24.85
C LYS A 16 3.74 -25.60 24.28
N VAL A 17 3.38 -26.72 23.67
CA VAL A 17 2.08 -26.87 23.04
C VAL A 17 1.04 -26.81 24.15
N LYS A 18 0.03 -25.97 23.98
CA LYS A 18 -0.98 -25.85 25.00
C LYS A 18 -1.82 -27.10 25.03
N GLN A 19 -1.79 -27.77 26.18
CA GLN A 19 -2.53 -29.02 26.39
C GLN A 19 -3.76 -28.74 27.24
N GLY A 20 -4.57 -29.77 27.46
CA GLY A 20 -5.76 -29.62 28.27
C GLY A 20 -5.49 -30.09 29.70
N ASP A 21 -4.20 -30.15 30.05
CA ASP A 21 -3.72 -30.58 31.37
C ASP A 21 -4.39 -31.84 31.94
N SER A 22 -4.28 -32.95 31.21
CA SER A 22 -4.85 -34.25 31.60
C SER A 22 -4.00 -35.41 31.10
N ASP A 23 -3.53 -36.26 32.03
CA ASP A 23 -2.69 -37.40 31.70
C ASP A 23 -3.43 -38.74 31.51
N LEU A 24 -4.41 -39.01 32.37
CA LEU A 24 -5.20 -40.24 32.33
C LEU A 24 -5.83 -40.61 30.97
N PHE A 25 -7.16 -40.70 30.94
CA PHE A 25 -7.89 -41.06 29.72
C PHE A 25 -9.02 -40.08 29.39
N LYS A 26 -9.99 -40.56 28.61
CA LYS A 26 -11.15 -39.76 28.18
C LYS A 26 -10.77 -38.46 27.46
N LEU A 27 -9.52 -38.37 27.00
CA LEU A 27 -9.02 -37.20 26.28
C LEU A 27 -9.34 -37.37 24.79
N THR A 28 -9.41 -38.62 24.34
CA THR A 28 -9.72 -38.93 22.95
C THR A 28 -11.21 -39.31 22.82
N VAL A 29 -12.00 -38.39 22.28
CA VAL A 29 -13.45 -38.61 22.09
C VAL A 29 -13.75 -38.93 20.61
N SER A 30 -12.70 -39.07 19.81
CA SER A 30 -12.82 -39.39 18.39
C SER A 30 -11.69 -40.35 17.96
N ASP A 31 -12.05 -41.34 17.16
CA ASP A 31 -11.07 -42.33 16.71
C ASP A 31 -11.21 -42.69 15.23
N LYS A 32 -11.51 -41.71 14.39
CA LYS A 32 -11.63 -41.99 12.96
C LYS A 32 -10.25 -41.90 12.32
N ARG A 33 -10.09 -42.54 11.17
CA ARG A 33 -8.83 -42.50 10.46
C ARG A 33 -8.97 -41.61 9.23
N TYR A 34 -8.10 -40.61 9.11
CA TYR A 34 -8.15 -39.70 7.99
C TYR A 34 -7.01 -39.89 7.02
N ILE A 35 -7.14 -39.28 5.85
CA ILE A 35 -6.14 -39.35 4.81
C ILE A 35 -6.01 -37.97 4.16
N TRP A 36 -4.78 -37.54 3.90
CA TRP A 36 -4.54 -36.24 3.26
C TRP A 36 -4.63 -36.38 1.75
N TYR A 37 -5.52 -35.59 1.15
CA TYR A 37 -5.70 -35.62 -0.30
C TYR A 37 -5.88 -34.21 -0.80
N ASN A 38 -5.74 -34.02 -2.12
CA ASN A 38 -5.93 -32.70 -2.70
C ASN A 38 -7.26 -32.78 -3.42
N PRO A 39 -8.20 -31.88 -3.10
CA PRO A 39 -9.49 -31.96 -3.79
C PRO A 39 -9.25 -31.97 -5.30
N ASP A 40 -8.84 -30.82 -5.84
CA ASP A 40 -8.57 -30.74 -7.27
C ASP A 40 -7.09 -31.08 -7.50
N PRO A 41 -6.78 -32.17 -8.22
CA PRO A 41 -5.39 -32.56 -8.49
C PRO A 41 -4.59 -31.42 -9.12
N ASP A 42 -5.28 -30.31 -9.34
CA ASP A 42 -4.68 -29.12 -9.91
C ASP A 42 -3.60 -28.60 -8.97
N GLU A 43 -4.04 -28.10 -7.81
CA GLU A 43 -3.12 -27.56 -6.81
C GLU A 43 -2.55 -28.68 -5.92
N ARG A 44 -1.40 -29.19 -6.37
CA ARG A 44 -0.68 -30.25 -5.71
C ARG A 44 -0.41 -29.98 -4.23
N ASP A 45 -0.26 -28.71 -3.87
CA ASP A 45 0.04 -28.33 -2.49
C ASP A 45 -1.17 -28.07 -1.62
N SER A 46 -2.36 -28.14 -2.21
CA SER A 46 -3.57 -27.93 -1.43
C SER A 46 -3.97 -29.26 -0.82
N TYR A 47 -4.37 -29.24 0.44
CA TYR A 47 -4.76 -30.48 1.08
C TYR A 47 -6.00 -30.41 1.93
N GLU A 48 -6.74 -31.51 1.90
CA GLU A 48 -7.96 -31.70 2.66
C GLU A 48 -7.82 -33.11 3.21
N CYS A 49 -8.48 -33.40 4.33
CA CYS A 49 -8.38 -34.76 4.85
C CYS A 49 -9.79 -35.33 4.97
N GLY A 50 -9.95 -36.58 4.53
CA GLY A 50 -11.25 -37.22 4.58
C GLY A 50 -11.27 -38.47 5.41
N GLU A 51 -12.42 -38.77 6.01
CA GLU A 51 -12.57 -39.95 6.85
C GLU A 51 -12.49 -41.24 6.05
N ILE A 52 -11.63 -42.14 6.49
CA ILE A 52 -11.49 -43.43 5.82
C ILE A 52 -12.80 -44.19 6.03
N VAL A 53 -13.50 -44.40 4.92
CA VAL A 53 -14.80 -45.08 4.92
C VAL A 53 -14.66 -46.58 4.98
N SER A 54 -13.67 -47.10 4.26
CA SER A 54 -13.43 -48.54 4.19
C SER A 54 -12.09 -48.81 3.51
N GLU A 55 -11.56 -50.02 3.70
CA GLU A 55 -10.28 -50.38 3.10
C GLU A 55 -10.29 -51.81 2.58
N THR A 56 -9.46 -52.09 1.57
CA THR A 56 -9.36 -53.43 1.02
C THR A 56 -7.99 -54.02 1.34
N SER A 57 -7.66 -55.10 0.66
CA SER A 57 -6.41 -55.81 0.86
C SER A 57 -5.21 -54.87 0.69
N ASP A 58 -5.41 -53.80 -0.09
CA ASP A 58 -4.33 -52.84 -0.35
C ASP A 58 -4.80 -51.55 -1.02
N SER A 59 -5.80 -50.88 -0.45
CA SER A 59 -6.31 -49.64 -1.03
C SER A 59 -7.48 -49.06 -0.25
N PHE A 60 -7.29 -47.88 0.32
CA PHE A 60 -8.34 -47.22 1.10
C PHE A 60 -9.37 -46.54 0.19
N THR A 61 -10.49 -46.17 0.80
CA THR A 61 -11.58 -45.49 0.11
C THR A 61 -12.03 -44.45 1.13
N PHE A 62 -12.11 -43.19 0.74
CA PHE A 62 -12.50 -42.16 1.70
C PHE A 62 -13.56 -41.16 1.26
N LYS A 63 -14.14 -40.50 2.27
CA LYS A 63 -15.19 -39.51 2.07
C LYS A 63 -14.61 -38.10 2.04
N THR A 64 -14.35 -37.58 0.84
CA THR A 64 -13.81 -36.23 0.73
C THR A 64 -14.59 -35.32 1.68
N VAL A 65 -13.92 -34.32 2.26
CA VAL A 65 -14.57 -33.40 3.18
C VAL A 65 -15.87 -32.89 2.57
N ASP A 66 -15.89 -32.80 1.25
CA ASP A 66 -17.07 -32.32 0.55
C ASP A 66 -18.18 -33.39 0.53
N GLY A 67 -18.06 -34.36 -0.38
CA GLY A 67 -19.07 -35.39 -0.46
C GLY A 67 -18.64 -36.65 -1.19
N GLN A 68 -18.57 -36.56 -2.52
CA GLN A 68 -18.17 -37.69 -3.35
C GLN A 68 -17.02 -38.48 -2.70
N ASP A 69 -17.00 -39.79 -2.94
CA ASP A 69 -15.97 -40.63 -2.37
C ASP A 69 -14.90 -40.97 -3.39
N ARG A 70 -13.66 -41.07 -2.91
CA ARG A 70 -12.55 -41.36 -3.79
C ARG A 70 -11.80 -42.59 -3.26
N GLN A 71 -10.92 -43.15 -4.09
CA GLN A 71 -10.14 -44.32 -3.71
C GLN A 71 -8.69 -44.21 -4.14
N VAL A 72 -7.80 -44.75 -3.31
CA VAL A 72 -6.38 -44.72 -3.59
C VAL A 72 -5.70 -46.00 -3.11
N LYS A 73 -4.62 -46.39 -3.79
CA LYS A 73 -3.88 -47.58 -3.41
C LYS A 73 -3.00 -47.28 -2.20
N LYS A 74 -3.00 -48.18 -1.23
CA LYS A 74 -2.23 -48.00 -0.01
C LYS A 74 -0.82 -47.50 -0.24
N ASP A 75 -0.24 -47.84 -1.39
CA ASP A 75 1.13 -47.41 -1.71
C ASP A 75 1.31 -45.90 -1.83
N ASP A 76 0.31 -45.22 -2.37
CA ASP A 76 0.38 -43.79 -2.58
C ASP A 76 -0.32 -43.01 -1.49
N ALA A 77 -1.09 -43.73 -0.69
CA ALA A 77 -1.85 -43.11 0.38
C ALA A 77 -1.01 -42.28 1.35
N ASN A 78 -1.46 -41.06 1.62
CA ASN A 78 -0.81 -40.19 2.58
C ASN A 78 -1.73 -40.12 3.78
N GLN A 79 -1.58 -41.09 4.69
CA GLN A 79 -2.42 -41.15 5.88
C GLN A 79 -2.15 -40.02 6.89
N ARG A 80 -3.20 -39.54 7.56
CA ARG A 80 -3.03 -38.50 8.55
C ARG A 80 -2.62 -39.12 9.91
N ASN A 81 -1.65 -38.55 10.59
CA ASN A 81 -1.23 -39.11 11.88
C ASN A 81 -2.30 -38.87 12.92
N PRO A 82 -2.44 -39.81 13.88
CA PRO A 82 -3.41 -39.74 14.98
C PRO A 82 -3.21 -38.43 15.74
N ILE A 83 -4.28 -37.89 16.28
CA ILE A 83 -4.24 -36.63 17.01
C ILE A 83 -3.14 -36.46 18.07
N LYS A 84 -2.72 -37.54 18.73
CA LYS A 84 -1.67 -37.40 19.73
C LYS A 84 -0.36 -36.89 19.11
N PHE A 85 -0.17 -37.09 17.81
CA PHE A 85 1.04 -36.61 17.16
C PHE A 85 0.99 -35.13 16.79
N ASP A 86 -0.17 -34.50 16.94
CA ASP A 86 -0.27 -33.09 16.59
C ASP A 86 0.50 -32.24 17.58
N GLY A 87 1.51 -31.54 17.06
CA GLY A 87 2.34 -30.66 17.86
C GLY A 87 3.63 -31.27 18.37
N VAL A 88 4.01 -32.44 17.88
CA VAL A 88 5.24 -33.04 18.37
C VAL A 88 6.41 -32.10 18.16
N GLU A 89 7.36 -32.12 19.09
CA GLU A 89 8.52 -31.23 19.04
C GLU A 89 9.58 -31.65 18.02
N ASP A 90 9.38 -32.78 17.35
CA ASP A 90 10.32 -33.27 16.34
C ASP A 90 9.60 -34.12 15.30
N MET A 91 9.67 -33.71 14.03
CA MET A 91 9.03 -34.44 12.93
C MET A 91 9.37 -35.94 12.95
N SER A 92 10.58 -36.26 13.39
CA SER A 92 11.00 -37.64 13.45
C SER A 92 10.09 -38.52 14.31
N GLU A 93 9.25 -37.87 15.13
CA GLU A 93 8.34 -38.58 15.99
C GLU A 93 7.02 -38.91 15.30
N LEU A 94 6.86 -38.46 14.07
CA LEU A 94 5.66 -38.73 13.30
C LEU A 94 5.79 -40.16 12.76
N SER A 95 4.70 -40.94 12.82
CA SER A 95 4.77 -42.31 12.32
C SER A 95 4.53 -42.32 10.81
N TYR A 96 3.49 -41.62 10.36
CA TYR A 96 3.20 -41.50 8.94
C TYR A 96 4.06 -40.31 8.54
N LEU A 97 5.08 -40.54 7.73
CA LEU A 97 5.98 -39.48 7.33
C LEU A 97 5.82 -39.08 5.88
N ASN A 98 4.85 -38.23 5.61
CA ASN A 98 4.61 -37.74 4.27
C ASN A 98 4.54 -36.20 4.29
N GLU A 99 4.63 -35.58 3.10
CA GLU A 99 4.60 -34.12 2.99
C GLU A 99 3.44 -33.41 3.71
N PRO A 100 2.18 -33.74 3.36
CA PRO A 100 1.10 -33.03 4.08
C PRO A 100 1.09 -33.31 5.59
N ALA A 101 1.66 -34.43 6.00
CA ALA A 101 1.70 -34.74 7.43
C ALA A 101 2.69 -33.80 8.12
N VAL A 102 3.87 -33.69 7.52
CA VAL A 102 4.94 -32.86 8.04
C VAL A 102 4.49 -31.41 8.11
N PHE A 103 3.88 -30.94 7.03
CA PHE A 103 3.39 -29.57 6.97
C PHE A 103 2.33 -29.34 8.04
N HIS A 104 1.42 -30.31 8.20
CA HIS A 104 0.37 -30.18 9.21
C HIS A 104 0.95 -29.93 10.61
N ASN A 105 1.92 -30.75 11.04
CA ASN A 105 2.50 -30.57 12.36
C ASN A 105 3.11 -29.17 12.46
N LEU A 106 3.70 -28.70 11.39
CA LEU A 106 4.30 -27.39 11.39
C LEU A 106 3.25 -26.33 11.58
N ARG A 107 2.13 -26.50 10.89
CA ARG A 107 1.01 -25.55 10.99
C ARG A 107 0.49 -25.52 12.42
N VAL A 108 0.23 -26.70 12.97
CA VAL A 108 -0.26 -26.83 14.33
C VAL A 108 0.57 -26.06 15.33
N ARG A 109 1.88 -26.21 15.24
CA ARG A 109 2.81 -25.53 16.13
C ARG A 109 2.86 -24.02 15.84
N TYR A 110 2.81 -23.68 14.56
CA TYR A 110 2.85 -22.29 14.14
C TYR A 110 1.63 -21.47 14.60
N ASN A 111 0.43 -22.06 14.52
CA ASN A 111 -0.76 -21.35 14.94
C ASN A 111 -0.77 -21.06 16.45
N GLN A 112 0.16 -21.67 17.18
CA GLN A 112 0.31 -21.48 18.61
C GLN A 112 1.57 -20.66 18.87
N ASP A 113 2.11 -20.08 17.81
CA ASP A 113 3.32 -19.29 17.87
C ASP A 113 4.56 -20.09 18.24
N LEU A 114 4.49 -21.41 18.04
CA LEU A 114 5.65 -22.24 18.30
C LEU A 114 6.43 -22.26 16.97
N ILE A 115 7.49 -21.46 16.91
CA ILE A 115 8.24 -21.33 15.69
C ILE A 115 9.44 -22.24 15.45
N TYR A 116 9.91 -22.92 16.51
CA TYR A 116 11.06 -23.80 16.38
C TYR A 116 10.54 -25.22 16.48
N THR A 117 11.05 -26.10 15.63
CA THR A 117 10.65 -27.50 15.61
C THR A 117 11.81 -28.25 15.01
N TYR A 118 12.12 -29.43 15.55
CA TYR A 118 13.20 -30.22 15.00
C TYR A 118 12.70 -31.15 13.89
N SER A 119 13.64 -31.59 13.07
CA SER A 119 13.36 -32.55 12.02
C SER A 119 14.69 -33.27 11.87
N GLY A 120 14.86 -34.31 12.67
CA GLY A 120 16.11 -35.03 12.64
C GLY A 120 17.20 -34.11 13.15
N LEU A 121 18.30 -34.02 12.42
CA LEU A 121 19.42 -33.17 12.80
C LEU A 121 19.06 -31.71 12.70
N PHE A 122 18.05 -31.43 11.88
CA PHE A 122 17.58 -30.07 11.62
C PHE A 122 16.77 -29.36 12.68
N LEU A 123 17.04 -28.07 12.82
CA LEU A 123 16.23 -27.19 13.67
C LEU A 123 15.52 -26.30 12.62
N VAL A 124 14.22 -26.52 12.43
CA VAL A 124 13.47 -25.72 11.49
C VAL A 124 12.94 -24.53 12.26
N ALA A 125 13.09 -23.34 11.68
CA ALA A 125 12.65 -22.10 12.31
C ALA A 125 11.86 -21.26 11.31
N VAL A 126 10.56 -21.16 11.55
CA VAL A 126 9.67 -20.41 10.68
C VAL A 126 9.56 -18.97 11.16
N ASN A 127 9.77 -18.00 10.29
CA ASN A 127 9.68 -16.59 10.67
C ASN A 127 8.27 -16.26 11.17
N PRO A 128 8.16 -15.64 12.34
CA PRO A 128 6.86 -15.29 12.91
C PRO A 128 6.37 -13.91 12.45
N PHE A 129 7.30 -13.08 12.04
CA PHE A 129 6.99 -11.72 11.62
C PHE A 129 6.30 -10.90 12.69
N LYS A 130 6.81 -11.01 13.91
CA LYS A 130 6.30 -10.28 15.06
C LYS A 130 7.10 -10.76 16.25
N ARG A 131 7.25 -9.91 17.26
CA ARG A 131 8.03 -10.27 18.42
C ARG A 131 7.32 -11.23 19.39
N ILE A 132 7.99 -12.31 19.75
CA ILE A 132 7.45 -13.29 20.69
C ILE A 132 8.47 -13.29 21.83
N PRO A 133 7.98 -13.21 23.08
CA PRO A 133 8.83 -13.18 24.27
C PRO A 133 9.55 -14.45 24.69
N ILE A 134 10.42 -14.98 23.84
CA ILE A 134 11.14 -16.20 24.17
C ILE A 134 12.63 -15.97 24.07
N TYR A 135 13.07 -14.73 24.21
CA TYR A 135 14.49 -14.43 24.11
C TYR A 135 14.97 -13.62 25.32
N THR A 136 14.14 -13.60 26.37
CA THR A 136 14.47 -12.89 27.60
C THR A 136 15.60 -13.58 28.35
N GLN A 137 16.16 -12.91 29.35
CA GLN A 137 17.26 -13.51 30.13
C GLN A 137 16.76 -14.73 30.91
N GLU A 138 15.49 -14.70 31.32
CA GLU A 138 14.93 -15.82 32.05
C GLU A 138 14.99 -17.04 31.15
N MET A 139 14.54 -16.89 29.91
CA MET A 139 14.55 -17.98 28.93
C MET A 139 15.98 -18.49 28.75
N VAL A 140 16.94 -17.57 28.67
CA VAL A 140 18.35 -17.93 28.52
C VAL A 140 18.78 -18.86 29.64
N ASP A 141 18.48 -18.46 30.88
CA ASP A 141 18.84 -19.25 32.04
C ASP A 141 18.17 -20.61 32.05
N ILE A 142 17.02 -20.72 31.42
CA ILE A 142 16.34 -22.01 31.41
C ILE A 142 17.05 -23.02 30.52
N PHE A 143 17.83 -22.55 29.56
CA PHE A 143 18.49 -23.49 28.67
C PHE A 143 19.89 -23.95 29.03
N LYS A 144 20.55 -23.27 29.97
CA LYS A 144 21.90 -23.67 30.35
C LYS A 144 22.03 -25.17 30.65
N GLY A 145 23.05 -25.80 30.07
CA GLY A 145 23.28 -27.20 30.32
C GLY A 145 22.16 -28.20 30.03
N ARG A 146 20.98 -27.74 29.68
CA ARG A 146 19.87 -28.65 29.37
C ARG A 146 20.21 -29.39 28.07
N ARG A 147 19.63 -30.57 27.87
CA ARG A 147 19.91 -31.34 26.65
C ARG A 147 18.81 -31.19 25.61
N ARG A 148 19.18 -31.29 24.33
CA ARG A 148 18.24 -31.13 23.24
C ARG A 148 16.85 -31.70 23.47
N ASN A 149 16.77 -32.93 23.98
CA ASN A 149 15.47 -33.55 24.22
C ASN A 149 14.91 -33.34 25.63
N GLU A 150 15.54 -32.49 26.42
CA GLU A 150 15.08 -32.19 27.78
C GLU A 150 14.32 -30.86 27.79
N VAL A 151 14.43 -30.10 26.71
CA VAL A 151 13.73 -28.84 26.60
C VAL A 151 13.08 -28.70 25.26
N ALA A 152 12.19 -27.73 25.15
CA ALA A 152 11.47 -27.43 23.92
C ALA A 152 12.45 -26.96 22.85
N PRO A 153 12.09 -27.12 21.56
CA PRO A 153 12.99 -26.68 20.47
C PRO A 153 13.24 -25.18 20.61
N HIS A 154 14.45 -24.73 20.32
CA HIS A 154 14.77 -23.31 20.45
C HIS A 154 16.17 -23.00 19.93
N ILE A 155 16.39 -21.81 19.38
CA ILE A 155 17.73 -21.52 18.89
C ILE A 155 18.68 -21.62 20.09
N PHE A 156 18.19 -21.29 21.30
CA PHE A 156 19.03 -21.37 22.50
C PHE A 156 19.49 -22.82 22.83
N ALA A 157 18.62 -23.80 22.57
CA ALA A 157 18.95 -25.19 22.86
C ALA A 157 20.07 -25.68 21.95
N ILE A 158 19.97 -25.34 20.67
CA ILE A 158 20.99 -25.74 19.71
C ILE A 158 22.33 -25.12 20.15
N SER A 159 22.30 -23.88 20.62
CA SER A 159 23.51 -23.20 21.05
C SER A 159 24.16 -23.84 22.27
N ASP A 160 23.35 -24.19 23.26
CA ASP A 160 23.92 -24.78 24.44
C ASP A 160 24.55 -26.15 24.16
N VAL A 161 23.86 -26.97 23.36
CA VAL A 161 24.40 -28.28 23.04
C VAL A 161 25.71 -28.11 22.29
N ALA A 162 25.77 -27.11 21.43
CA ALA A 162 26.99 -26.86 20.68
C ALA A 162 28.11 -26.53 21.66
N TYR A 163 27.79 -25.69 22.64
CA TYR A 163 28.74 -25.28 23.65
C TYR A 163 29.21 -26.39 24.58
N ARG A 164 28.29 -27.20 25.06
CA ARG A 164 28.67 -28.29 25.95
C ARG A 164 29.53 -29.27 25.19
N SER A 165 29.17 -29.55 23.94
CA SER A 165 29.97 -30.47 23.13
C SER A 165 31.36 -29.91 22.94
N MET A 166 31.48 -28.60 22.77
CA MET A 166 32.81 -28.04 22.60
C MET A 166 33.61 -28.40 23.83
N LEU A 167 33.02 -28.16 25.00
CA LEU A 167 33.71 -28.45 26.24
C LEU A 167 33.90 -29.93 26.48
N ASP A 168 32.81 -30.68 26.50
CA ASP A 168 32.91 -32.10 26.78
C ASP A 168 33.60 -32.95 25.71
N ASP A 169 33.81 -32.43 24.51
CA ASP A 169 34.46 -33.23 23.48
C ASP A 169 35.80 -32.61 23.09
N ARG A 170 36.01 -31.37 23.53
CA ARG A 170 37.23 -30.64 23.23
C ARG A 170 37.43 -30.58 21.74
N GLN A 171 36.32 -30.34 21.05
CA GLN A 171 36.28 -30.27 19.59
C GLN A 171 35.51 -29.03 19.11
N ASN A 172 35.93 -28.46 17.98
CA ASN A 172 35.27 -27.27 17.42
C ASN A 172 33.85 -27.56 16.98
N GLN A 173 33.00 -26.55 17.06
CA GLN A 173 31.60 -26.70 16.65
C GLN A 173 31.26 -25.66 15.59
N SER A 174 30.19 -25.92 14.84
CA SER A 174 29.74 -24.94 13.85
C SER A 174 28.24 -24.95 13.74
N LEU A 175 27.69 -23.75 13.59
CA LEU A 175 26.26 -23.55 13.41
C LEU A 175 26.01 -23.03 12.01
N LEU A 176 25.51 -23.91 11.14
CA LEU A 176 25.19 -23.54 9.75
C LEU A 176 23.73 -23.16 9.63
N ILE A 177 23.47 -21.85 9.49
CA ILE A 177 22.12 -21.29 9.39
C ILE A 177 21.76 -20.81 7.98
N THR A 178 20.95 -21.58 7.24
CA THR A 178 20.59 -21.15 5.89
C THR A 178 19.10 -20.98 5.64
N GLY A 179 18.79 -20.55 4.41
CA GLY A 179 17.40 -20.32 4.01
C GLY A 179 17.25 -19.11 3.09
N GLU A 180 16.02 -18.91 2.61
CA GLU A 180 15.72 -17.80 1.72
C GLU A 180 15.93 -16.42 2.32
N SER A 181 15.87 -15.41 1.48
CA SER A 181 16.03 -14.04 1.91
C SER A 181 14.80 -13.61 2.71
N GLY A 182 14.98 -13.24 3.96
CA GLY A 182 13.85 -12.82 4.76
C GLY A 182 13.29 -13.95 5.60
N ALA A 183 13.97 -15.09 5.58
CA ALA A 183 13.50 -16.22 6.35
C ALA A 183 13.80 -16.10 7.85
N GLY A 184 14.80 -15.28 8.21
CA GLY A 184 15.16 -15.09 9.61
C GLY A 184 16.56 -15.54 10.01
N LYS A 185 17.44 -15.76 9.03
CA LYS A 185 18.80 -16.20 9.29
C LYS A 185 19.61 -15.28 10.20
N THR A 186 19.59 -13.99 9.87
CA THR A 186 20.33 -12.98 10.62
C THR A 186 19.79 -12.81 12.06
N GLU A 187 18.48 -12.94 12.25
CA GLU A 187 17.95 -12.80 13.60
C GLU A 187 18.38 -13.96 14.48
N ASN A 188 18.32 -15.18 13.97
CA ASN A 188 18.72 -16.33 14.77
C ASN A 188 20.22 -16.29 14.97
N THR A 189 20.95 -15.78 13.98
CA THR A 189 22.39 -15.66 14.12
C THR A 189 22.74 -14.74 15.28
N LYS A 190 21.97 -13.68 15.50
CA LYS A 190 22.25 -12.78 16.60
C LYS A 190 21.96 -13.48 17.91
N LYS A 191 20.85 -14.22 17.93
CA LYS A 191 20.49 -14.93 19.13
C LYS A 191 21.59 -15.90 19.55
N VAL A 192 22.15 -16.63 18.59
CA VAL A 192 23.22 -17.57 18.91
C VAL A 192 24.38 -16.85 19.62
N ILE A 193 24.74 -15.68 19.12
CA ILE A 193 25.82 -14.91 19.72
C ILE A 193 25.43 -14.28 21.05
N GLN A 194 24.15 -13.97 21.20
CA GLN A 194 23.63 -13.41 22.45
C GLN A 194 23.81 -14.52 23.50
N TYR A 195 23.32 -15.72 23.18
CA TYR A 195 23.40 -16.84 24.09
C TYR A 195 24.85 -17.14 24.50
N LEU A 196 25.76 -17.11 23.54
CA LEU A 196 27.16 -17.40 23.82
C LEU A 196 27.80 -16.33 24.69
N ALA A 197 27.57 -15.07 24.36
CA ALA A 197 28.13 -13.99 25.15
C ALA A 197 27.64 -14.15 26.58
N SER A 198 26.44 -14.67 26.74
CA SER A 198 25.86 -14.83 28.06
C SER A 198 26.40 -15.96 28.93
N VAL A 199 26.46 -17.18 28.42
CA VAL A 199 26.93 -18.33 29.20
C VAL A 199 28.43 -18.56 29.22
N ALA A 200 29.19 -17.83 28.42
CA ALA A 200 30.62 -18.05 28.35
C ALA A 200 31.44 -16.77 28.36
N GLY A 201 30.77 -15.65 28.60
CA GLY A 201 31.50 -14.41 28.64
C GLY A 201 32.02 -14.18 30.04
N ARG A 202 33.26 -13.71 30.15
CA ARG A 202 33.82 -13.43 31.47
C ARG A 202 33.31 -12.04 31.89
N ASN A 203 32.98 -11.91 33.15
CA ASN A 203 32.46 -10.66 33.69
C ASN A 203 33.41 -9.45 33.54
N GLN A 204 33.38 -8.53 34.51
CA GLN A 204 34.19 -7.31 34.51
C GLN A 204 35.71 -7.49 34.42
N ALA A 205 36.42 -6.90 35.39
CA ALA A 205 37.88 -6.94 35.48
C ALA A 205 38.58 -5.91 34.59
N ASN A 206 37.85 -4.85 34.23
CA ASN A 206 38.37 -3.76 33.39
C ASN A 206 39.09 -4.19 32.10
N GLY A 207 38.32 -4.64 31.10
CA GLY A 207 38.95 -5.03 29.85
C GLY A 207 38.68 -6.46 29.40
N SER A 208 38.26 -7.30 30.33
CA SER A 208 37.98 -8.69 29.99
C SER A 208 36.52 -8.84 29.55
N GLY A 209 35.66 -7.97 30.09
CA GLY A 209 34.24 -8.02 29.75
C GLY A 209 33.82 -7.01 28.69
N VAL A 210 34.78 -6.15 28.31
CA VAL A 210 34.51 -5.16 27.30
C VAL A 210 34.64 -5.91 25.97
N LEU A 211 35.36 -7.04 26.00
CA LEU A 211 35.55 -7.87 24.81
C LEU A 211 34.21 -8.38 24.32
N GLU A 212 33.39 -8.90 25.24
CA GLU A 212 32.07 -9.41 24.88
C GLU A 212 31.21 -8.30 24.25
N GLN A 213 31.45 -7.06 24.70
CA GLN A 213 30.74 -5.89 24.19
C GLN A 213 31.20 -5.58 22.76
N GLN A 214 32.49 -5.67 22.52
CA GLN A 214 33.07 -5.40 21.20
C GLN A 214 32.58 -6.41 20.17
N ILE A 215 32.56 -7.69 20.54
CA ILE A 215 32.08 -8.71 19.63
C ILE A 215 30.65 -8.40 19.20
N LEU A 216 29.77 -8.23 20.18
CA LEU A 216 28.37 -7.92 19.89
C LEU A 216 28.19 -6.64 19.09
N GLN A 217 29.04 -5.65 19.30
CA GLN A 217 28.95 -4.39 18.57
C GLN A 217 29.49 -4.43 17.14
N ALA A 218 30.22 -5.48 16.78
CA ALA A 218 30.74 -5.56 15.42
C ALA A 218 29.60 -5.62 14.40
N ASN A 219 28.59 -6.44 14.67
CA ASN A 219 27.45 -6.59 13.76
C ASN A 219 26.75 -5.26 13.41
N PRO A 220 26.45 -4.40 14.41
CA PRO A 220 25.79 -3.14 14.06
C PRO A 220 26.55 -2.41 12.95
N ILE A 221 27.88 -2.49 13.00
CA ILE A 221 28.73 -1.83 12.01
C ILE A 221 28.55 -2.46 10.65
N LEU A 222 28.84 -3.74 10.56
CA LEU A 222 28.73 -4.44 9.29
C LEU A 222 27.34 -4.38 8.69
N GLU A 223 26.33 -4.35 9.54
CA GLU A 223 24.96 -4.32 9.05
C GLU A 223 24.68 -3.03 8.31
N ALA A 224 25.18 -1.93 8.86
CA ALA A 224 24.97 -0.64 8.25
C ALA A 224 25.56 -0.59 6.86
N PHE A 225 26.70 -1.24 6.67
CA PHE A 225 27.35 -1.23 5.37
C PHE A 225 27.03 -2.40 4.43
N GLY A 226 26.54 -3.50 4.98
CA GLY A 226 26.25 -4.65 4.14
C GLY A 226 24.78 -5.00 3.99
N ASN A 227 23.92 -4.25 4.67
CA ASN A 227 22.48 -4.50 4.62
C ASN A 227 21.72 -3.39 3.93
N ALA A 228 20.59 -3.74 3.35
CA ALA A 228 19.75 -2.78 2.66
C ALA A 228 18.32 -3.30 2.56
N LYS A 229 17.38 -2.41 2.24
CA LYS A 229 16.00 -2.80 2.11
C LYS A 229 15.78 -3.31 0.69
N THR A 230 15.14 -4.47 0.55
CA THR A 230 14.84 -5.07 -0.76
C THR A 230 13.38 -5.52 -0.73
N THR A 231 12.84 -5.92 -1.88
CA THR A 231 11.45 -6.33 -1.94
C THR A 231 11.12 -7.52 -1.06
N ARG A 232 12.15 -8.28 -0.67
CA ARG A 232 11.96 -9.46 0.17
C ARG A 232 12.28 -9.26 1.66
N ASN A 233 13.14 -8.28 1.98
CA ASN A 233 13.53 -8.02 3.36
C ASN A 233 13.94 -6.56 3.58
N ASN A 234 13.32 -5.89 4.55
CA ASN A 234 13.65 -4.51 4.85
C ASN A 234 15.07 -4.38 5.41
N ASN A 235 15.66 -5.50 5.82
CA ASN A 235 17.03 -5.49 6.34
C ASN A 235 17.84 -6.63 5.76
N SER A 236 17.70 -6.83 4.46
CA SER A 236 18.39 -7.89 3.75
C SER A 236 19.92 -7.89 3.87
N SER A 237 20.51 -9.06 3.97
CA SER A 237 21.96 -9.18 4.05
C SER A 237 22.43 -9.39 2.62
N GLU A 238 23.35 -8.54 2.18
CA GLU A 238 23.83 -8.63 0.82
C GLU A 238 25.24 -9.16 0.77
N PHE A 239 25.54 -10.06 1.72
CA PHE A 239 26.85 -10.67 1.79
C PHE A 239 26.79 -11.88 2.69
N GLY A 240 27.64 -12.87 2.42
CA GLY A 240 27.69 -14.07 3.24
C GLY A 240 28.49 -13.73 4.48
N LYS A 241 28.31 -14.49 5.55
CA LYS A 241 29.02 -14.20 6.78
C LYS A 241 29.30 -15.44 7.61
N PHE A 242 30.56 -15.62 7.99
CA PHE A 242 30.91 -16.74 8.85
C PHE A 242 31.64 -16.20 10.07
N ILE A 243 30.91 -16.06 11.17
CA ILE A 243 31.49 -15.55 12.40
C ILE A 243 32.16 -16.71 13.11
N GLU A 244 33.22 -16.42 13.85
CA GLU A 244 33.90 -17.48 14.57
C GLU A 244 34.14 -16.99 15.98
N ILE A 245 33.52 -17.64 16.96
CA ILE A 245 33.70 -17.26 18.35
C ILE A 245 34.78 -18.14 18.96
N GLN A 246 35.89 -17.53 19.36
CA GLN A 246 37.05 -18.25 19.92
C GLN A 246 36.99 -18.43 21.43
N PHE A 247 37.31 -19.65 21.90
CA PHE A 247 37.32 -19.93 23.33
C PHE A 247 38.69 -20.45 23.77
N ASN A 248 38.95 -20.39 25.08
CA ASN A 248 40.20 -20.89 25.65
C ASN A 248 39.93 -22.19 26.44
N ASN A 249 40.99 -22.91 26.77
CA ASN A 249 40.92 -24.17 27.52
C ASN A 249 39.78 -24.24 28.54
N ALA A 250 39.70 -23.24 29.41
CA ALA A 250 38.66 -23.21 30.44
C ALA A 250 37.23 -23.04 29.91
N GLY A 251 37.10 -22.60 28.66
CA GLY A 251 35.79 -22.44 28.08
C GLY A 251 35.22 -21.03 28.07
N PHE A 252 36.08 -20.02 28.16
CA PHE A 252 35.60 -18.65 28.14
C PHE A 252 35.89 -18.00 26.80
N ILE A 253 35.04 -17.06 26.40
CA ILE A 253 35.22 -16.33 25.15
C ILE A 253 36.51 -15.52 25.24
N SER A 254 37.30 -15.56 24.17
CA SER A 254 38.55 -14.86 24.15
C SER A 254 38.72 -14.03 22.90
N GLY A 255 37.79 -14.16 21.97
CA GLY A 255 37.88 -13.39 20.75
C GLY A 255 36.93 -13.87 19.68
N ALA A 256 37.01 -13.26 18.51
CA ALA A 256 36.14 -13.63 17.41
C ALA A 256 36.69 -13.08 16.12
N SER A 257 36.37 -13.73 15.01
CA SER A 257 36.79 -13.27 13.70
C SER A 257 35.59 -13.37 12.74
N ILE A 258 35.54 -12.47 11.77
CA ILE A 258 34.46 -12.42 10.79
C ILE A 258 35.01 -12.64 9.38
N GLN A 259 34.27 -13.43 8.60
CA GLN A 259 34.63 -13.76 7.23
C GLN A 259 33.48 -13.28 6.34
N SER A 260 33.81 -12.50 5.31
CA SER A 260 32.80 -11.95 4.38
C SER A 260 32.73 -12.68 3.02
N TYR A 261 31.52 -12.79 2.46
CA TYR A 261 31.35 -13.46 1.17
C TYR A 261 30.38 -12.76 0.23
N LEU A 262 30.67 -12.84 -1.07
CA LEU A 262 29.87 -12.26 -2.14
C LEU A 262 29.07 -11.00 -1.79
N LEU A 263 29.75 -9.89 -1.52
CA LEU A 263 29.06 -8.64 -1.19
C LEU A 263 28.54 -8.03 -2.51
N GLU A 264 27.23 -7.87 -2.64
CA GLU A 264 26.66 -7.32 -3.86
C GLU A 264 26.90 -5.85 -4.10
N LYS A 265 28.07 -5.55 -4.62
CA LYS A 265 28.51 -4.20 -4.91
C LYS A 265 27.60 -3.46 -5.91
N SER A 266 27.04 -4.20 -6.84
CA SER A 266 26.16 -3.63 -7.85
C SER A 266 25.00 -2.78 -7.30
N ARG A 267 24.63 -3.02 -6.04
CA ARG A 267 23.54 -2.26 -5.43
C ARG A 267 23.89 -0.79 -5.23
N VAL A 268 25.18 -0.50 -5.07
CA VAL A 268 25.60 0.87 -4.84
C VAL A 268 25.28 1.84 -5.98
N VAL A 269 25.18 1.33 -7.20
CA VAL A 269 24.90 2.21 -8.32
C VAL A 269 23.51 2.02 -8.94
N PHE A 270 22.80 0.99 -8.52
CA PHE A 270 21.48 0.73 -9.07
C PHE A 270 20.55 0.02 -8.10
N GLN A 271 19.30 0.45 -8.04
CA GLN A 271 18.31 -0.16 -7.16
C GLN A 271 17.04 -0.44 -7.93
N SER A 272 16.41 -1.59 -7.69
CA SER A 272 15.16 -1.92 -8.37
C SER A 272 14.12 -1.06 -7.66
N GLU A 273 13.09 -0.62 -8.37
CA GLU A 273 12.07 0.23 -7.74
C GLU A 273 11.63 -0.32 -6.38
N THR A 274 11.45 0.58 -5.41
CA THR A 274 11.00 0.11 -4.09
C THR A 274 12.09 -0.35 -3.18
N GLU A 275 13.29 -0.52 -3.63
CA GLU A 275 14.35 -0.93 -2.73
C GLU A 275 15.09 0.30 -2.24
N ARG A 276 16.20 0.10 -1.54
CA ARG A 276 17.00 1.21 -1.04
C ARG A 276 18.47 0.83 -1.22
N ASN A 277 19.37 1.78 -1.09
CA ASN A 277 20.79 1.48 -1.22
C ASN A 277 21.19 0.92 0.17
N TYR A 278 22.47 0.85 0.45
CA TYR A 278 22.95 0.37 1.73
C TYR A 278 22.56 1.37 2.82
N HIS A 279 22.29 0.87 4.02
CA HIS A 279 21.86 1.72 5.11
C HIS A 279 22.70 2.96 5.44
N ILE A 280 24.03 2.86 5.56
CA ILE A 280 24.81 4.05 5.93
C ILE A 280 24.51 5.26 5.09
N PHE A 281 24.26 5.05 3.81
CA PHE A 281 23.96 6.18 2.97
C PHE A 281 22.86 7.03 3.59
N TYR A 282 21.73 6.39 3.86
CA TYR A 282 20.59 7.08 4.45
C TYR A 282 20.86 7.52 5.90
N GLN A 283 21.65 6.73 6.63
CA GLN A 283 21.98 7.05 8.02
C GLN A 283 22.83 8.32 8.12
N LEU A 284 23.79 8.46 7.19
CA LEU A 284 24.65 9.63 7.17
C LEU A 284 23.88 10.89 6.79
N LEU A 285 23.27 10.88 5.61
CA LEU A 285 22.50 12.03 5.16
C LEU A 285 21.42 12.46 6.15
N ALA A 286 21.10 11.60 7.11
CA ALA A 286 20.06 11.92 8.08
C ALA A 286 20.62 12.26 9.46
N GLY A 287 21.67 11.55 9.87
CA GLY A 287 22.24 11.77 11.18
C GLY A 287 23.40 12.75 11.25
N ALA A 288 23.97 13.08 10.10
CA ALA A 288 25.09 14.01 10.06
C ALA A 288 24.74 15.32 10.76
N THR A 289 25.76 16.11 11.09
CA THR A 289 25.54 17.39 11.73
C THR A 289 25.90 18.48 10.74
N ALA A 290 25.36 19.67 10.94
CA ALA A 290 25.59 20.84 10.07
C ALA A 290 27.04 21.03 9.58
N GLU A 291 28.02 20.83 10.48
CA GLU A 291 29.42 20.97 10.11
C GLU A 291 29.75 19.83 9.19
N GLU A 292 29.49 18.61 9.67
CA GLU A 292 29.74 17.40 8.90
C GLU A 292 29.05 17.49 7.54
N LYS A 293 27.84 18.03 7.52
CA LYS A 293 27.10 18.16 6.26
C LYS A 293 27.79 19.09 5.28
N LYS A 294 28.24 20.25 5.76
CA LYS A 294 28.90 21.23 4.90
C LYS A 294 30.30 20.76 4.50
N ALA A 295 31.02 20.18 5.45
CA ALA A 295 32.36 19.70 5.18
C ALA A 295 32.32 18.64 4.09
N LEU A 296 31.28 17.81 4.09
CA LEU A 296 31.15 16.74 3.12
C LEU A 296 30.29 17.10 1.93
N HIS A 297 29.74 18.31 1.93
CA HIS A 297 28.89 18.78 0.83
C HIS A 297 27.66 17.90 0.73
N LEU A 298 27.17 17.46 1.89
CA LEU A 298 26.00 16.59 1.95
C LEU A 298 24.71 17.36 1.69
N ALA A 299 23.70 16.65 1.20
CA ALA A 299 22.41 17.25 0.91
C ALA A 299 21.34 16.30 1.43
N GLY A 300 20.37 15.98 0.58
CA GLY A 300 19.32 15.07 0.96
C GLY A 300 19.27 13.93 -0.03
N PRO A 301 18.63 12.81 0.33
CA PRO A 301 18.54 11.66 -0.58
C PRO A 301 17.94 12.09 -1.91
N GLU A 302 16.99 13.01 -1.80
CA GLU A 302 16.28 13.56 -2.93
C GLU A 302 17.24 14.02 -4.04
N SER A 303 18.46 14.43 -3.67
CA SER A 303 19.42 14.94 -4.66
C SER A 303 20.63 14.09 -5.04
N PHE A 304 20.54 12.77 -4.90
CA PHE A 304 21.65 11.91 -5.28
C PHE A 304 21.17 10.75 -6.16
N ASN A 305 21.74 10.61 -7.35
CA ASN A 305 21.34 9.55 -8.27
C ASN A 305 21.32 8.20 -7.57
N TYR A 306 22.43 7.85 -6.94
CA TYR A 306 22.55 6.58 -6.24
C TYR A 306 21.56 6.40 -5.09
N LEU A 307 20.75 7.42 -4.83
CA LEU A 307 19.77 7.32 -3.76
C LEU A 307 18.36 7.74 -4.13
N ASN A 308 18.16 8.27 -5.34
CA ASN A 308 16.82 8.72 -5.72
C ASN A 308 16.28 8.21 -7.05
N GLN A 309 16.23 6.91 -7.22
CA GLN A 309 15.69 6.37 -8.45
C GLN A 309 14.74 5.22 -8.11
N SER A 310 14.64 4.90 -6.82
CA SER A 310 13.76 3.81 -6.40
C SER A 310 12.43 4.36 -5.90
N GLY A 311 12.42 5.63 -5.51
CA GLY A 311 11.21 6.23 -5.01
C GLY A 311 10.94 5.66 -3.63
N CYS A 312 12.02 5.41 -2.90
CA CYS A 312 11.95 4.86 -1.57
C CYS A 312 13.18 5.28 -0.80
N VAL A 313 12.98 5.92 0.35
CA VAL A 313 14.13 6.36 1.14
C VAL A 313 13.96 6.13 2.64
N ASP A 314 12.82 5.54 3.02
CA ASP A 314 12.49 5.24 4.41
C ASP A 314 12.10 3.78 4.58
N ILE A 315 12.18 3.28 5.82
CA ILE A 315 11.84 1.90 6.12
C ILE A 315 10.84 1.79 7.27
N LYS A 316 9.80 0.98 7.10
CA LYS A 316 8.78 0.79 8.14
C LYS A 316 9.41 0.57 9.52
N GLY A 317 9.22 1.51 10.43
CA GLY A 317 9.72 1.34 11.77
C GLY A 317 11.17 1.67 12.06
N VAL A 318 11.89 2.18 11.08
CA VAL A 318 13.29 2.53 11.24
C VAL A 318 13.55 4.02 11.18
N SER A 319 14.37 4.52 12.11
CA SER A 319 14.74 5.94 12.11
C SER A 319 16.21 6.01 11.73
N ASP A 320 16.50 6.42 10.49
CA ASP A 320 17.89 6.46 10.03
C ASP A 320 18.77 7.40 10.87
N GLU A 321 18.15 8.38 11.49
CA GLU A 321 18.81 9.36 12.36
C GLU A 321 19.35 8.56 13.56
N ASP A 322 18.44 7.77 14.14
CA ASP A 322 18.74 6.93 15.29
C ASP A 322 19.83 5.92 14.97
N GLU A 323 19.74 5.29 13.80
CA GLU A 323 20.69 4.28 13.35
C GLU A 323 22.11 4.82 13.24
N PHE A 324 22.25 6.00 12.67
CA PHE A 324 23.56 6.61 12.53
C PHE A 324 24.26 6.66 13.89
N LYS A 325 23.55 7.18 14.89
CA LYS A 325 24.07 7.29 16.25
C LYS A 325 24.46 5.92 16.77
N ILE A 326 23.57 4.95 16.59
CA ILE A 326 23.81 3.58 17.00
C ILE A 326 25.06 3.05 16.32
N THR A 327 25.23 3.38 15.03
CA THR A 327 26.38 2.92 14.28
C THR A 327 27.66 3.61 14.76
N ARG A 328 27.60 4.91 15.00
CA ARG A 328 28.73 5.68 15.51
C ARG A 328 29.20 5.08 16.86
N GLN A 329 28.24 4.75 17.72
CA GLN A 329 28.51 4.19 19.04
C GLN A 329 29.27 2.86 18.92
N ALA A 330 28.81 2.01 18.00
CA ALA A 330 29.42 0.71 17.77
C ALA A 330 30.88 0.90 17.37
N MET A 331 31.11 1.75 16.38
CA MET A 331 32.47 2.01 15.92
C MET A 331 33.31 2.48 17.08
N ASP A 332 32.71 3.24 18.00
CA ASP A 332 33.46 3.72 19.15
C ASP A 332 33.91 2.57 20.05
N ILE A 333 32.97 1.69 20.40
CA ILE A 333 33.31 0.58 21.26
C ILE A 333 34.32 -0.36 20.61
N VAL A 334 34.18 -0.59 19.30
CA VAL A 334 35.11 -1.48 18.61
C VAL A 334 36.50 -0.87 18.48
N GLY A 335 36.61 0.44 18.73
CA GLY A 335 37.92 1.06 18.65
C GLY A 335 38.28 1.93 17.45
N PHE A 336 37.30 2.36 16.67
CA PHE A 336 37.60 3.20 15.51
C PHE A 336 37.89 4.61 16.02
N SER A 337 38.96 5.21 15.52
CA SER A 337 39.32 6.56 15.95
C SER A 337 38.43 7.57 15.21
N GLN A 338 38.30 8.78 15.77
CA GLN A 338 37.47 9.81 15.15
C GLN A 338 38.01 10.15 13.77
N GLU A 339 39.32 10.05 13.61
CA GLU A 339 39.95 10.34 12.33
C GLU A 339 39.44 9.35 11.30
N GLU A 340 39.55 8.07 11.64
CA GLU A 340 39.10 7.00 10.78
C GLU A 340 37.62 7.08 10.43
N GLN A 341 36.77 7.41 11.40
CA GLN A 341 35.34 7.51 11.12
C GLN A 341 35.08 8.58 10.10
N MET A 342 35.66 9.75 10.31
CA MET A 342 35.45 10.84 9.38
C MET A 342 35.94 10.44 7.99
N SER A 343 37.01 9.64 7.96
CA SER A 343 37.56 9.17 6.69
C SER A 343 36.58 8.18 6.07
N ILE A 344 35.91 7.40 6.91
CA ILE A 344 34.95 6.43 6.42
C ILE A 344 33.75 7.17 5.82
N PHE A 345 33.20 8.12 6.56
CA PHE A 345 32.04 8.85 6.06
C PHE A 345 32.42 9.71 4.85
N LYS A 346 33.71 9.97 4.69
CA LYS A 346 34.15 10.77 3.55
C LYS A 346 33.99 9.94 2.29
N ILE A 347 34.35 8.66 2.37
CA ILE A 347 34.23 7.75 1.23
C ILE A 347 32.77 7.55 0.86
N ILE A 348 31.89 7.45 1.86
CA ILE A 348 30.47 7.29 1.55
C ILE A 348 30.01 8.58 0.85
N ALA A 349 30.49 9.72 1.34
CA ALA A 349 30.14 10.99 0.72
C ALA A 349 30.66 11.05 -0.72
N GLY A 350 31.92 10.64 -0.91
CA GLY A 350 32.52 10.67 -2.23
C GLY A 350 31.73 9.87 -3.25
N ILE A 351 31.42 8.63 -2.88
CA ILE A 351 30.66 7.76 -3.76
C ILE A 351 29.38 8.48 -4.18
N LEU A 352 28.71 9.09 -3.23
CA LEU A 352 27.48 9.81 -3.55
C LEU A 352 27.77 10.82 -4.64
N HIS A 353 28.76 11.68 -4.42
CA HIS A 353 29.12 12.70 -5.42
C HIS A 353 29.54 12.12 -6.78
N LEU A 354 30.41 11.11 -6.78
CA LEU A 354 30.86 10.47 -8.02
C LEU A 354 29.70 9.99 -8.89
N GLY A 355 28.54 9.79 -8.28
CA GLY A 355 27.38 9.33 -9.01
C GLY A 355 26.61 10.49 -9.59
N ASN A 356 26.98 11.68 -9.15
CA ASN A 356 26.37 12.91 -9.62
C ASN A 356 27.15 13.55 -10.77
N ILE A 357 28.18 12.85 -11.24
CA ILE A 357 28.99 13.36 -12.35
C ILE A 357 28.29 13.04 -13.68
N LYS A 358 27.80 14.07 -14.37
CA LYS A 358 27.11 13.88 -15.65
C LYS A 358 28.07 13.97 -16.84
N PHE A 359 28.16 12.89 -17.61
CA PHE A 359 29.04 12.88 -18.78
C PHE A 359 28.25 13.12 -20.06
N GLU A 360 28.24 14.34 -20.55
CA GLU A 360 27.52 14.64 -21.77
C GLU A 360 28.41 14.44 -22.99
N LYS A 361 27.79 14.30 -24.15
CA LYS A 361 28.52 14.12 -25.41
C LYS A 361 28.89 15.50 -25.93
N GLY A 362 30.06 15.59 -26.55
CA GLY A 362 30.49 16.88 -27.07
C GLY A 362 31.17 16.78 -28.42
N ALA A 363 31.71 17.90 -28.88
CA ALA A 363 32.39 17.95 -30.16
C ALA A 363 33.39 16.80 -30.18
N GLY A 364 33.43 16.08 -31.29
CA GLY A 364 34.33 14.96 -31.42
C GLY A 364 33.70 13.67 -30.97
N GLU A 365 32.39 13.75 -30.68
CA GLU A 365 31.62 12.58 -30.24
C GLU A 365 32.32 11.83 -29.10
N GLY A 366 33.28 12.51 -28.46
CA GLY A 366 34.00 11.91 -27.34
C GLY A 366 33.18 12.03 -26.07
N ALA A 367 33.78 12.56 -25.01
CA ALA A 367 33.09 12.72 -23.75
C ALA A 367 33.59 13.96 -23.05
N VAL A 368 32.66 14.81 -22.63
CA VAL A 368 32.99 16.06 -21.95
C VAL A 368 32.41 16.10 -20.54
N LEU A 369 32.72 17.16 -19.81
CA LEU A 369 32.25 17.33 -18.44
C LEU A 369 32.07 18.83 -18.18
N LYS A 370 31.11 19.42 -18.89
CA LYS A 370 30.81 20.84 -18.79
C LYS A 370 30.37 21.36 -17.43
N ASP A 371 30.77 20.65 -16.37
CA ASP A 371 30.42 21.05 -15.01
C ASP A 371 31.36 20.32 -14.07
N LYS A 372 31.75 20.96 -12.97
CA LYS A 372 32.68 20.32 -12.04
C LYS A 372 32.21 20.13 -10.59
N THR A 373 31.08 20.73 -10.23
CA THR A 373 30.58 20.61 -8.85
C THR A 373 30.84 19.22 -8.26
N ALA A 374 30.15 18.22 -8.81
CA ALA A 374 30.30 16.85 -8.34
C ALA A 374 31.77 16.45 -8.28
N LEU A 375 32.45 16.49 -9.43
CA LEU A 375 33.86 16.14 -9.53
C LEU A 375 34.65 16.76 -8.38
N ASN A 376 34.49 18.07 -8.18
CA ASN A 376 35.22 18.74 -7.12
C ASN A 376 34.88 18.20 -5.74
N ALA A 377 33.58 18.04 -5.49
CA ALA A 377 33.11 17.56 -4.20
C ALA A 377 33.71 16.19 -3.90
N ALA A 378 33.65 15.31 -4.90
CA ALA A 378 34.21 13.99 -4.71
C ALA A 378 35.68 14.15 -4.33
N SER A 379 36.44 14.74 -5.25
CA SER A 379 37.87 14.97 -5.05
C SER A 379 38.22 15.53 -3.68
N THR A 380 37.48 16.55 -3.25
CA THR A 380 37.73 17.20 -1.97
C THR A 380 37.71 16.26 -0.77
N VAL A 381 36.66 15.44 -0.69
CA VAL A 381 36.49 14.50 0.41
C VAL A 381 37.42 13.29 0.26
N PHE A 382 37.57 12.81 -0.97
CA PHE A 382 38.45 11.68 -1.24
C PHE A 382 39.89 12.06 -0.89
N GLY A 383 40.32 13.25 -1.33
CA GLY A 383 41.67 13.69 -1.06
C GLY A 383 42.55 13.53 -2.28
N VAL A 384 42.01 13.83 -3.46
CA VAL A 384 42.77 13.72 -4.70
C VAL A 384 42.45 14.88 -5.64
N ASN A 385 43.47 15.38 -6.34
CA ASN A 385 43.29 16.49 -7.26
C ASN A 385 42.31 16.17 -8.39
N PRO A 386 41.27 17.00 -8.53
CA PRO A 386 40.21 16.88 -9.54
C PRO A 386 40.70 16.78 -10.99
N SER A 387 41.87 17.33 -11.24
CA SER A 387 42.44 17.32 -12.58
C SER A 387 42.81 15.91 -13.03
N VAL A 388 43.54 15.18 -12.19
CA VAL A 388 43.93 13.81 -12.52
C VAL A 388 42.70 12.92 -12.65
N LEU A 389 41.81 13.02 -11.67
CA LEU A 389 40.59 12.22 -11.65
C LEU A 389 39.79 12.46 -12.91
N GLU A 390 39.63 13.73 -13.27
CA GLU A 390 38.89 14.07 -14.46
C GLU A 390 39.49 13.35 -15.65
N LYS A 391 40.82 13.33 -15.71
CA LYS A 391 41.58 12.67 -16.77
C LYS A 391 41.30 11.17 -16.77
N ALA A 392 41.64 10.55 -15.64
CA ALA A 392 41.48 9.12 -15.45
C ALA A 392 40.09 8.61 -15.78
N LEU A 393 39.10 9.49 -15.77
CA LEU A 393 37.74 9.08 -16.07
C LEU A 393 37.39 8.99 -17.55
N MET A 394 37.59 10.10 -18.26
CA MET A 394 37.25 10.17 -19.68
C MET A 394 38.38 9.86 -20.67
N GLU A 395 39.62 9.94 -20.21
CA GLU A 395 40.76 9.67 -21.10
C GLU A 395 41.82 8.77 -20.47
N PRO A 396 41.42 7.59 -20.00
CA PRO A 396 42.39 6.68 -19.39
C PRO A 396 43.54 6.31 -20.33
N ARG A 397 44.74 6.21 -19.78
CA ARG A 397 45.93 5.87 -20.57
C ARG A 397 46.14 4.37 -20.74
N ILE A 398 45.74 3.85 -21.90
CA ILE A 398 45.87 2.43 -22.22
C ILE A 398 47.28 2.12 -22.73
N LEU A 399 47.71 0.86 -22.56
CA LEU A 399 49.04 0.44 -23.00
C LEU A 399 49.02 -0.37 -24.30
N ALA A 400 49.47 0.25 -25.38
CA ALA A 400 49.53 -0.42 -26.68
C ALA A 400 50.93 -0.98 -26.92
N GLY A 401 51.19 -2.14 -26.31
CA GLY A 401 52.48 -2.78 -26.44
C GLY A 401 53.32 -2.65 -25.18
N ARG A 402 54.32 -1.76 -25.24
CA ARG A 402 55.23 -1.52 -24.13
C ARG A 402 55.32 -0.01 -23.88
N ASP A 403 54.42 0.71 -24.54
CA ASP A 403 54.31 2.17 -24.46
C ASP A 403 52.84 2.53 -24.29
N LEU A 404 52.53 3.33 -23.27
CA LEU A 404 51.14 3.71 -23.02
C LEU A 404 50.73 5.02 -23.67
N VAL A 405 49.55 5.02 -24.27
CA VAL A 405 48.99 6.20 -24.93
C VAL A 405 47.53 6.44 -24.55
N ALA A 406 47.22 7.68 -24.16
CA ALA A 406 45.87 8.06 -23.76
C ALA A 406 44.78 7.70 -24.77
N GLN A 407 43.62 7.33 -24.23
CA GLN A 407 42.46 6.98 -25.03
C GLN A 407 41.39 7.99 -24.66
N HIS A 408 40.24 7.89 -25.29
CA HIS A 408 39.15 8.78 -24.96
C HIS A 408 37.83 8.03 -25.01
N LEU A 409 37.39 7.57 -23.85
CA LEU A 409 36.15 6.82 -23.72
C LEU A 409 35.04 7.81 -24.05
N ASN A 410 33.91 7.31 -24.53
CA ASN A 410 32.80 8.17 -24.86
C ASN A 410 31.99 8.43 -23.60
N VAL A 411 30.66 8.45 -23.74
CA VAL A 411 29.79 8.72 -22.60
C VAL A 411 29.45 7.49 -21.77
N GLU A 412 28.75 6.54 -22.38
CA GLU A 412 28.35 5.35 -21.64
C GLU A 412 29.54 4.50 -21.16
N LYS A 413 30.66 4.55 -21.87
CA LYS A 413 31.85 3.78 -21.47
C LYS A 413 32.59 4.50 -20.34
N SER A 414 32.40 5.82 -20.29
CA SER A 414 33.01 6.65 -19.27
C SER A 414 32.17 6.57 -18.02
N SER A 415 30.87 6.38 -18.22
CA SER A 415 29.92 6.27 -17.12
C SER A 415 30.26 4.99 -16.34
N SER A 416 30.34 3.87 -17.06
CA SER A 416 30.69 2.58 -16.49
C SER A 416 32.00 2.65 -15.72
N SER A 417 33.01 3.28 -16.30
CA SER A 417 34.30 3.44 -15.66
C SER A 417 34.05 4.03 -14.26
N ARG A 418 33.23 5.06 -14.21
CA ARG A 418 32.89 5.70 -12.95
C ARG A 418 32.15 4.71 -12.03
N ASP A 419 31.12 4.05 -12.57
CA ASP A 419 30.36 3.07 -11.82
C ASP A 419 31.27 2.04 -11.19
N ALA A 420 32.36 1.72 -11.89
CA ALA A 420 33.31 0.72 -11.42
C ALA A 420 34.23 1.27 -10.33
N LEU A 421 34.49 2.57 -10.34
CA LEU A 421 35.34 3.14 -9.30
C LEU A 421 34.52 3.10 -8.01
N VAL A 422 33.23 3.37 -8.13
CA VAL A 422 32.34 3.34 -6.97
C VAL A 422 32.26 1.93 -6.39
N LYS A 423 31.87 0.98 -7.24
CA LYS A 423 31.74 -0.41 -6.81
C LYS A 423 33.05 -0.89 -6.22
N ALA A 424 34.16 -0.47 -6.82
CA ALA A 424 35.49 -0.85 -6.35
C ALA A 424 35.75 -0.19 -5.00
N LEU A 425 35.51 1.11 -4.95
CA LEU A 425 35.70 1.87 -3.73
C LEU A 425 34.87 1.27 -2.58
N TYR A 426 33.61 0.92 -2.85
CA TYR A 426 32.77 0.36 -1.80
C TYR A 426 33.19 -1.04 -1.34
N GLY A 427 33.41 -1.93 -2.30
CA GLY A 427 33.84 -3.26 -1.94
C GLY A 427 35.10 -3.24 -1.09
N ARG A 428 36.08 -2.42 -1.47
CA ARG A 428 37.33 -2.36 -0.71
C ARG A 428 37.14 -1.73 0.68
N LEU A 429 36.26 -0.75 0.79
CA LEU A 429 36.03 -0.16 2.10
C LEU A 429 35.41 -1.18 3.06
N PHE A 430 34.49 -2.00 2.54
CA PHE A 430 33.81 -2.99 3.37
C PHE A 430 34.84 -3.98 3.87
N LEU A 431 35.74 -4.38 2.98
CA LEU A 431 36.77 -5.35 3.31
C LEU A 431 37.71 -4.75 4.36
N TRP A 432 37.98 -3.45 4.26
CA TRP A 432 38.85 -2.77 5.21
C TRP A 432 38.24 -2.86 6.62
N LEU A 433 36.93 -2.64 6.70
CA LEU A 433 36.21 -2.68 7.97
C LEU A 433 36.32 -4.07 8.60
N VAL A 434 35.98 -5.10 7.85
CA VAL A 434 36.06 -6.46 8.36
C VAL A 434 37.46 -6.71 8.86
N LYS A 435 38.44 -6.36 8.02
CA LYS A 435 39.84 -6.51 8.38
C LYS A 435 40.13 -5.74 9.67
N LYS A 436 39.65 -4.51 9.74
CA LYS A 436 39.88 -3.70 10.94
C LYS A 436 39.25 -4.34 12.16
N ILE A 437 38.01 -4.79 12.03
CA ILE A 437 37.32 -5.42 13.15
C ILE A 437 38.09 -6.65 13.64
N ASN A 438 38.44 -7.54 12.71
CA ASN A 438 39.18 -8.74 13.05
C ASN A 438 40.47 -8.46 13.80
N ASN A 439 41.15 -7.39 13.42
CA ASN A 439 42.40 -7.04 14.05
C ASN A 439 42.24 -6.81 15.56
N VAL A 440 41.07 -6.32 15.95
CA VAL A 440 40.77 -6.04 17.34
C VAL A 440 40.22 -7.24 18.10
N LEU A 441 39.42 -8.06 17.43
CA LEU A 441 38.79 -9.22 18.07
C LEU A 441 39.46 -10.56 17.91
N CYS A 442 40.21 -10.76 16.84
CA CYS A 442 40.80 -12.06 16.62
C CYS A 442 42.05 -12.37 17.42
N SER A 443 42.11 -13.58 17.96
CA SER A 443 43.27 -14.02 18.72
C SER A 443 43.96 -15.09 17.87
N GLU A 444 45.27 -14.93 17.68
CA GLU A 444 46.06 -15.85 16.87
C GLU A 444 46.05 -17.28 17.38
N ARG A 445 46.05 -17.47 18.69
CA ARG A 445 46.03 -18.81 19.29
C ARG A 445 44.78 -18.98 20.14
N LYS A 446 43.96 -20.17 20.11
CA LYS A 446 42.61 -20.19 20.61
C LYS A 446 42.38 -21.61 20.93
N ALA A 447 41.91 -22.03 21.88
CA ALA A 447 41.73 -23.42 22.24
C ALA A 447 40.74 -24.06 21.27
N TYR A 448 39.55 -23.48 21.18
CA TYR A 448 38.51 -23.99 20.31
C TYR A 448 37.72 -22.81 19.75
N PHE A 449 36.81 -23.11 18.84
CA PHE A 449 35.95 -22.08 18.27
C PHE A 449 34.62 -22.67 17.83
N ILE A 450 33.59 -21.84 17.84
CA ILE A 450 32.25 -22.24 17.39
C ILE A 450 31.91 -21.24 16.30
N GLY A 451 31.87 -21.71 15.06
CA GLY A 451 31.54 -20.82 13.96
C GLY A 451 30.07 -20.80 13.60
N VAL A 452 29.60 -19.66 13.13
CA VAL A 452 28.21 -19.50 12.72
C VAL A 452 28.16 -18.99 11.30
N LEU A 453 27.72 -19.84 10.38
CA LEU A 453 27.63 -19.50 8.98
C LEU A 453 26.25 -18.95 8.68
N ASP A 454 26.18 -17.67 8.32
CA ASP A 454 24.92 -17.02 8.00
C ASP A 454 24.88 -16.62 6.52
N ILE A 455 24.40 -17.53 5.68
CA ILE A 455 24.28 -17.23 4.25
C ILE A 455 23.04 -17.87 3.60
N SER A 456 22.63 -17.30 2.48
CA SER A 456 21.46 -17.81 1.78
C SER A 456 21.58 -19.22 1.24
N GLY A 457 20.42 -19.84 1.02
CA GLY A 457 20.38 -21.19 0.47
C GLY A 457 20.33 -21.01 -1.03
N PHE A 458 19.99 -22.07 -1.76
CA PHE A 458 19.91 -22.02 -3.21
C PHE A 458 19.08 -20.84 -3.72
N GLU A 459 19.53 -20.17 -4.77
CA GLU A 459 18.80 -19.05 -5.34
C GLU A 459 18.31 -19.41 -6.74
N ILE A 460 17.05 -19.16 -7.00
CA ILE A 460 16.47 -19.46 -8.30
C ILE A 460 15.47 -18.38 -8.69
N PHE A 461 15.96 -17.30 -9.28
CA PHE A 461 15.14 -16.19 -9.72
C PHE A 461 14.77 -16.39 -11.18
N LYS A 462 14.06 -15.43 -11.77
CA LYS A 462 13.65 -15.57 -13.16
C LYS A 462 14.82 -15.30 -14.07
N VAL A 463 15.84 -14.66 -13.53
CA VAL A 463 17.06 -14.36 -14.28
C VAL A 463 18.21 -14.55 -13.31
N ASN A 464 19.00 -15.59 -13.53
CA ASN A 464 20.13 -15.88 -12.67
C ASN A 464 21.46 -15.60 -13.35
N SER A 465 22.27 -14.75 -12.74
CA SER A 465 23.57 -14.41 -13.31
C SER A 465 24.70 -15.09 -12.56
N PHE A 466 25.93 -14.66 -12.84
CA PHE A 466 27.14 -15.21 -12.22
C PHE A 466 27.09 -15.22 -10.68
N GLU A 467 26.50 -14.20 -10.07
CA GLU A 467 26.40 -14.16 -8.61
C GLU A 467 25.63 -15.37 -8.10
N GLN A 468 24.62 -15.77 -8.87
CA GLN A 468 23.77 -16.90 -8.55
C GLN A 468 24.50 -18.22 -8.65
N LEU A 469 25.38 -18.34 -9.63
CA LEU A 469 26.08 -19.61 -9.76
C LEU A 469 26.96 -19.82 -8.53
N CYS A 470 27.57 -18.75 -8.03
CA CYS A 470 28.43 -18.83 -6.85
C CYS A 470 27.73 -19.30 -5.58
N ILE A 471 26.53 -18.76 -5.32
CA ILE A 471 25.79 -19.15 -4.13
C ILE A 471 25.25 -20.58 -4.25
N ASN A 472 24.70 -20.93 -5.42
CA ASN A 472 24.17 -22.29 -5.59
C ASN A 472 25.31 -23.31 -5.56
N TYR A 473 26.50 -22.88 -5.94
CA TYR A 473 27.66 -23.75 -5.92
C TYR A 473 28.01 -23.97 -4.45
N THR A 474 28.03 -22.89 -3.68
CA THR A 474 28.32 -22.96 -2.25
C THR A 474 27.36 -23.90 -1.50
N ASN A 475 26.08 -23.85 -1.85
CA ASN A 475 25.09 -24.68 -1.20
C ASN A 475 25.18 -26.13 -1.66
N GLU A 476 25.78 -26.36 -2.81
CA GLU A 476 25.94 -27.72 -3.28
C GLU A 476 26.92 -28.37 -2.31
N LYS A 477 27.93 -27.61 -1.90
CA LYS A 477 28.92 -28.12 -0.98
C LYS A 477 28.40 -28.32 0.44
N LEU A 478 27.59 -27.39 0.92
CA LEU A 478 27.01 -27.49 2.25
C LEU A 478 26.04 -28.67 2.28
N GLN A 479 25.21 -28.77 1.25
CA GLN A 479 24.25 -29.85 1.18
C GLN A 479 25.00 -31.19 1.21
N GLN A 480 26.08 -31.28 0.47
CA GLN A 480 26.86 -32.51 0.46
C GLN A 480 27.44 -32.76 1.84
N PHE A 481 27.90 -31.68 2.46
CA PHE A 481 28.48 -31.71 3.80
C PHE A 481 27.44 -32.19 4.81
N PHE A 482 26.19 -31.81 4.59
CA PHE A 482 25.13 -32.24 5.48
C PHE A 482 24.74 -33.68 5.23
N ASN A 483 24.76 -34.12 3.97
CA ASN A 483 24.39 -35.50 3.66
C ASN A 483 25.38 -36.44 4.33
N HIS A 484 26.65 -36.10 4.25
CA HIS A 484 27.68 -36.91 4.88
C HIS A 484 27.51 -37.00 6.39
N HIS A 485 27.20 -35.87 7.03
CA HIS A 485 27.01 -35.87 8.48
C HIS A 485 25.77 -36.65 8.90
N MET A 486 24.69 -36.50 8.16
CA MET A 486 23.46 -37.21 8.47
C MET A 486 23.68 -38.70 8.50
N PHE A 487 24.05 -39.27 7.36
CA PHE A 487 24.28 -40.71 7.30
C PHE A 487 25.28 -41.15 8.34
N LYS A 488 26.18 -40.26 8.73
CA LYS A 488 27.15 -40.61 9.76
C LYS A 488 26.38 -40.74 11.08
N VAL A 489 25.82 -39.64 11.57
CA VAL A 489 25.09 -39.64 12.83
C VAL A 489 23.93 -40.62 12.90
N GLU A 490 23.29 -40.90 11.77
CA GLU A 490 22.16 -41.82 11.78
C GLU A 490 22.60 -43.27 11.91
N GLN A 491 23.76 -43.58 11.37
CA GLN A 491 24.31 -44.95 11.43
C GLN A 491 24.80 -45.26 12.85
N GLU A 492 25.37 -44.26 13.52
CA GLU A 492 25.87 -44.43 14.88
C GLU A 492 24.71 -44.70 15.84
N GLU A 493 23.52 -44.29 15.44
CA GLU A 493 22.35 -44.51 16.27
C GLU A 493 21.99 -45.98 16.23
N TYR A 494 21.97 -46.52 15.02
CA TYR A 494 21.65 -47.93 14.80
C TYR A 494 22.66 -48.88 15.43
N LEU A 495 23.85 -48.37 15.74
CA LEU A 495 24.88 -49.22 16.33
C LEU A 495 24.72 -49.15 17.85
N LYS A 496 24.56 -47.94 18.38
CA LYS A 496 24.37 -47.78 19.82
C LYS A 496 23.31 -48.75 20.29
N GLU A 497 22.17 -48.78 19.61
CA GLU A 497 21.07 -49.64 19.99
C GLU A 497 21.24 -51.07 19.47
N LYS A 498 22.30 -51.29 18.69
CA LYS A 498 22.58 -52.62 18.16
C LYS A 498 21.54 -53.09 17.14
N ILE A 499 20.78 -52.16 16.56
CA ILE A 499 19.79 -52.56 15.58
C ILE A 499 20.45 -52.95 14.26
N ASN A 500 20.24 -54.18 13.86
CA ASN A 500 20.81 -54.66 12.62
C ASN A 500 20.03 -54.12 11.46
N TRP A 501 20.46 -52.97 10.94
CA TRP A 501 19.84 -52.36 9.77
C TRP A 501 20.84 -51.44 9.09
N THR A 502 20.81 -51.44 7.77
CA THR A 502 21.72 -50.60 7.00
C THR A 502 20.98 -49.96 5.82
N PHE A 503 21.34 -48.72 5.54
CA PHE A 503 20.74 -47.98 4.44
C PHE A 503 21.16 -48.63 3.14
N ILE A 504 20.46 -48.29 2.08
CA ILE A 504 20.76 -48.82 0.77
C ILE A 504 20.26 -47.82 -0.26
N ASP A 505 19.69 -46.72 0.23
CA ASP A 505 19.16 -45.67 -0.67
C ASP A 505 20.12 -44.49 -0.86
N PHE A 506 20.21 -43.55 0.11
CA PHE A 506 21.23 -42.44 0.09
C PHE A 506 21.06 -41.08 -0.65
N GLY A 507 20.30 -40.95 -1.72
CA GLY A 507 20.07 -39.57 -2.23
C GLY A 507 20.99 -39.00 -3.30
N LEU A 508 21.54 -39.81 -4.19
CA LEU A 508 22.44 -39.36 -5.25
C LEU A 508 23.20 -38.08 -4.90
N ASP A 509 24.50 -38.23 -4.64
CA ASP A 509 25.36 -37.13 -4.24
C ASP A 509 25.38 -35.90 -5.14
N SER A 510 26.02 -34.86 -4.64
CA SER A 510 26.13 -33.61 -5.34
C SER A 510 27.50 -33.49 -6.00
N GLN A 511 28.29 -34.55 -5.92
CA GLN A 511 29.62 -34.53 -6.51
C GLN A 511 29.62 -34.24 -8.01
N ALA A 512 28.74 -34.92 -8.75
CA ALA A 512 28.65 -34.74 -10.19
C ALA A 512 28.36 -33.29 -10.56
N THR A 513 27.47 -32.66 -9.81
CA THR A 513 27.11 -31.27 -10.11
C THR A 513 28.19 -30.33 -9.67
N ILE A 514 28.86 -30.70 -8.58
CA ILE A 514 29.95 -29.91 -8.04
C ILE A 514 31.04 -29.81 -9.09
N ASP A 515 31.38 -30.94 -9.69
CA ASP A 515 32.41 -31.02 -10.73
C ASP A 515 32.05 -30.25 -12.00
N LEU A 516 30.82 -30.46 -12.48
CA LEU A 516 30.35 -29.79 -13.68
C LEU A 516 30.62 -28.30 -13.53
N ILE A 517 30.90 -27.87 -12.31
CA ILE A 517 31.14 -26.46 -12.02
C ILE A 517 32.60 -26.09 -11.71
N ASP A 518 33.21 -26.82 -10.78
CA ASP A 518 34.58 -26.50 -10.40
C ASP A 518 35.60 -27.60 -10.71
N GLY A 519 35.25 -28.47 -11.66
CA GLY A 519 36.14 -29.54 -12.04
C GLY A 519 37.43 -29.06 -12.69
N ARG A 520 38.49 -29.84 -12.48
CA ARG A 520 39.83 -29.59 -13.03
C ARG A 520 40.01 -30.30 -14.38
N GLN A 521 40.15 -31.64 -14.33
CA GLN A 521 40.33 -32.47 -15.52
C GLN A 521 39.23 -33.54 -15.55
N PRO A 522 38.26 -33.43 -16.46
CA PRO A 522 38.12 -32.36 -17.45
C PRO A 522 37.71 -31.04 -16.81
N PRO A 523 37.85 -29.93 -17.55
CA PRO A 523 37.51 -28.58 -17.11
C PRO A 523 36.02 -28.29 -16.94
N GLY A 524 35.69 -27.63 -15.84
CA GLY A 524 34.31 -27.29 -15.57
C GLY A 524 33.93 -25.91 -16.07
N ILE A 525 32.69 -25.53 -15.79
CA ILE A 525 32.16 -24.23 -16.18
C ILE A 525 33.05 -23.10 -15.70
N LEU A 526 33.57 -23.21 -14.48
CA LEU A 526 34.42 -22.17 -13.93
C LEU A 526 35.82 -22.17 -14.51
N ALA A 527 36.29 -23.34 -14.95
CA ALA A 527 37.61 -23.43 -15.52
C ALA A 527 37.56 -22.73 -16.87
N LEU A 528 36.57 -23.12 -17.67
CA LEU A 528 36.37 -22.57 -18.99
C LEU A 528 36.25 -21.06 -18.92
N LEU A 529 35.32 -20.56 -18.12
CA LEU A 529 35.13 -19.12 -17.98
C LEU A 529 36.48 -18.47 -17.70
N ASP A 530 37.33 -19.15 -16.94
CA ASP A 530 38.65 -18.61 -16.63
C ASP A 530 39.51 -18.64 -17.88
N GLU A 531 39.38 -19.72 -18.65
CA GLU A 531 40.13 -19.87 -19.88
C GLU A 531 39.63 -18.81 -20.86
N GLN A 532 38.32 -18.84 -21.12
CA GLN A 532 37.67 -17.92 -22.05
C GLN A 532 37.74 -16.44 -21.70
N SER A 533 38.22 -16.10 -20.51
CA SER A 533 38.28 -14.70 -20.13
C SER A 533 39.71 -14.18 -20.13
N VAL A 534 40.63 -15.01 -20.60
CA VAL A 534 42.03 -14.61 -20.66
C VAL A 534 42.50 -14.58 -22.12
N PHE A 535 41.85 -15.35 -22.98
CA PHE A 535 42.20 -15.38 -24.39
C PHE A 535 41.70 -14.09 -25.03
N PRO A 536 42.62 -13.23 -25.50
CA PRO A 536 42.36 -11.93 -26.14
C PRO A 536 40.92 -11.64 -26.56
N ASN A 537 40.68 -11.51 -27.87
CA ASN A 537 39.33 -11.20 -28.33
C ASN A 537 38.34 -12.32 -28.04
N ALA A 538 37.47 -12.10 -27.05
CA ALA A 538 36.47 -13.08 -26.66
C ALA A 538 35.37 -12.40 -25.86
N THR A 539 34.12 -12.76 -26.16
CA THR A 539 32.98 -12.18 -25.46
C THR A 539 32.02 -13.23 -24.88
N ASP A 540 30.97 -12.74 -24.24
CA ASP A 540 29.97 -13.59 -23.63
C ASP A 540 29.54 -14.72 -24.57
N ASN A 541 29.34 -14.39 -25.84
CA ASN A 541 28.92 -15.39 -26.83
C ASN A 541 29.96 -16.45 -27.17
N THR A 542 31.24 -16.12 -27.00
CA THR A 542 32.28 -17.10 -27.28
C THR A 542 32.45 -17.97 -26.05
N LEU A 543 31.83 -17.56 -24.94
CA LEU A 543 31.91 -18.31 -23.69
C LEU A 543 30.86 -19.41 -23.59
N ILE A 544 29.61 -19.07 -23.83
CA ILE A 544 28.54 -20.06 -23.73
C ILE A 544 28.72 -21.13 -24.79
N THR A 545 29.24 -20.71 -25.93
CA THR A 545 29.47 -21.62 -27.02
C THR A 545 30.40 -22.73 -26.55
N LYS A 546 31.53 -22.35 -25.96
CA LYS A 546 32.49 -23.32 -25.47
C LYS A 546 31.85 -24.26 -24.46
N LEU A 547 30.88 -23.75 -23.70
CA LEU A 547 30.19 -24.55 -22.70
C LEU A 547 29.30 -25.60 -23.35
N HIS A 548 28.48 -25.17 -24.31
CA HIS A 548 27.60 -26.10 -25.01
C HIS A 548 28.39 -27.26 -25.63
N SER A 549 29.51 -26.93 -26.27
CA SER A 549 30.33 -27.93 -26.94
C SER A 549 31.03 -28.84 -25.97
N HIS A 550 31.23 -28.37 -24.73
CA HIS A 550 31.91 -29.18 -23.74
C HIS A 550 30.97 -30.06 -22.94
N PHE A 551 29.71 -29.62 -22.80
CA PHE A 551 28.76 -30.35 -21.97
C PHE A 551 27.47 -30.85 -22.58
N SER A 552 26.86 -30.10 -23.48
CA SER A 552 25.59 -30.52 -24.09
C SER A 552 25.58 -31.99 -24.50
N LYS A 553 24.62 -32.74 -23.98
CA LYS A 553 24.47 -34.17 -24.28
C LYS A 553 25.74 -34.95 -23.95
N LYS A 554 26.62 -34.35 -23.16
CA LYS A 554 27.88 -34.97 -22.77
C LYS A 554 27.97 -35.13 -21.26
N ASN A 555 27.18 -34.33 -20.55
CA ASN A 555 27.12 -34.35 -19.10
C ASN A 555 25.65 -34.34 -18.74
N ALA A 556 25.24 -35.28 -17.89
CA ALA A 556 23.83 -35.39 -17.50
C ALA A 556 23.31 -34.19 -16.72
N LYS A 557 24.19 -33.52 -15.98
CA LYS A 557 23.79 -32.37 -15.18
C LYS A 557 23.75 -31.06 -15.95
N TYR A 558 24.03 -31.11 -17.25
CA TYR A 558 24.04 -29.91 -18.07
C TYR A 558 22.85 -29.90 -19.03
N GLU A 559 22.51 -28.72 -19.53
CA GLU A 559 21.41 -28.57 -20.46
C GLU A 559 21.57 -27.38 -21.40
N GLU A 560 21.40 -27.63 -22.70
CA GLU A 560 21.46 -26.58 -23.70
C GLU A 560 20.01 -26.31 -24.06
N PRO A 561 19.47 -25.19 -23.60
CA PRO A 561 18.07 -24.83 -23.86
C PRO A 561 17.67 -24.91 -25.34
N ARG A 562 16.50 -25.50 -25.57
CA ARG A 562 15.98 -25.66 -26.92
C ARG A 562 15.37 -24.37 -27.44
N PHE A 563 15.43 -23.29 -26.67
CA PHE A 563 14.85 -22.04 -27.14
C PHE A 563 15.56 -20.77 -26.72
N SER A 564 16.88 -20.87 -26.56
CA SER A 564 17.69 -19.71 -26.20
C SER A 564 19.16 -20.02 -26.37
N LYS A 565 19.94 -19.02 -26.75
CA LYS A 565 21.37 -19.22 -26.93
C LYS A 565 22.18 -18.28 -26.06
N THR A 566 21.56 -17.80 -24.99
CA THR A 566 22.25 -16.92 -24.04
C THR A 566 22.22 -17.57 -22.66
N GLU A 567 21.36 -18.57 -22.51
CA GLU A 567 21.22 -19.27 -21.24
C GLU A 567 21.67 -20.73 -21.34
N PHE A 568 21.90 -21.33 -20.18
CA PHE A 568 22.30 -22.72 -20.08
C PHE A 568 21.89 -23.09 -18.65
N GLY A 569 21.67 -24.38 -18.39
CA GLY A 569 21.26 -24.77 -17.06
C GLY A 569 21.94 -25.98 -16.45
N VAL A 570 22.16 -25.91 -15.14
CA VAL A 570 22.75 -27.02 -14.42
C VAL A 570 21.68 -27.51 -13.47
N THR A 571 21.74 -28.79 -13.13
CA THR A 571 20.76 -29.36 -12.24
C THR A 571 21.32 -29.46 -10.84
N HIS A 572 20.94 -28.50 -10.01
CA HIS A 572 21.38 -28.43 -8.62
C HIS A 572 20.47 -29.28 -7.74
N TYR A 573 20.87 -29.44 -6.47
CA TYR A 573 20.10 -30.21 -5.51
C TYR A 573 18.65 -29.73 -5.46
N ALA A 574 18.45 -28.41 -5.46
CA ALA A 574 17.14 -27.79 -5.37
C ALA A 574 16.35 -27.67 -6.66
N GLY A 575 16.83 -28.30 -7.73
CA GLY A 575 16.13 -28.20 -9.01
C GLY A 575 17.02 -27.58 -10.06
N GLN A 576 16.56 -27.51 -11.30
CA GLN A 576 17.34 -26.93 -12.39
C GLN A 576 17.33 -25.41 -12.39
N VAL A 577 18.49 -24.80 -12.63
CA VAL A 577 18.58 -23.35 -12.68
C VAL A 577 19.07 -22.93 -14.07
N MET A 578 18.42 -21.92 -14.65
CA MET A 578 18.82 -21.42 -15.97
C MET A 578 19.65 -20.16 -15.80
N TYR A 579 20.94 -20.27 -16.13
CA TYR A 579 21.86 -19.15 -16.01
C TYR A 579 22.00 -18.38 -17.31
N GLU A 580 21.99 -17.05 -17.21
CA GLU A 580 22.14 -16.14 -18.34
C GLU A 580 23.60 -15.70 -18.44
N ILE A 581 24.24 -16.11 -19.53
CA ILE A 581 25.64 -15.84 -19.79
C ILE A 581 26.01 -14.37 -19.89
N GLN A 582 25.01 -13.52 -20.00
CA GLN A 582 25.21 -12.08 -20.10
C GLN A 582 26.22 -11.52 -19.08
N ASP A 583 27.20 -10.75 -19.56
CA ASP A 583 28.20 -10.11 -18.70
C ASP A 583 29.13 -10.94 -17.84
N TRP A 584 29.14 -12.25 -18.00
CA TRP A 584 30.00 -13.04 -17.15
C TRP A 584 31.49 -12.74 -17.28
N LEU A 585 32.00 -12.62 -18.50
CA LEU A 585 33.42 -12.34 -18.69
C LEU A 585 33.94 -11.16 -17.88
N GLU A 586 33.20 -10.06 -17.92
CA GLU A 586 33.61 -8.86 -17.20
C GLU A 586 33.45 -9.01 -15.68
N LYS A 587 32.37 -9.67 -15.28
CA LYS A 587 32.12 -9.90 -13.87
C LYS A 587 33.26 -10.69 -13.24
N ASN A 588 33.74 -11.70 -13.98
CA ASN A 588 34.85 -12.55 -13.51
C ASN A 588 36.18 -11.82 -13.58
N LYS A 589 36.20 -10.75 -14.37
CA LYS A 589 37.39 -9.95 -14.54
C LYS A 589 37.38 -8.77 -13.56
N ASP A 590 36.19 -8.24 -13.25
CA ASP A 590 36.08 -7.10 -12.32
C ASP A 590 37.21 -6.12 -12.65
N PRO A 591 37.06 -5.35 -13.73
CA PRO A 591 38.05 -4.37 -14.20
C PRO A 591 37.99 -2.92 -13.74
N LEU A 592 39.16 -2.38 -13.42
CA LEU A 592 39.33 -1.00 -13.02
C LEU A 592 40.54 -0.36 -13.70
N GLN A 593 40.32 0.79 -14.35
CA GLN A 593 41.37 1.53 -15.04
C GLN A 593 42.62 1.76 -14.16
N GLN A 594 43.78 1.39 -14.68
CA GLN A 594 45.03 1.56 -13.95
C GLN A 594 45.22 3.02 -13.57
N ASP A 595 44.73 3.93 -14.42
CA ASP A 595 44.85 5.37 -14.15
C ASP A 595 44.08 5.77 -12.90
N LEU A 596 42.93 5.12 -12.69
CA LEU A 596 42.10 5.39 -11.52
C LEU A 596 42.78 4.90 -10.25
N GLU A 597 43.52 3.78 -10.35
CA GLU A 597 44.23 3.23 -9.20
C GLU A 597 45.33 4.23 -8.88
N LEU A 598 46.09 4.60 -9.91
CA LEU A 598 47.20 5.55 -9.77
C LEU A 598 46.73 6.85 -9.12
N CYS A 599 45.56 7.32 -9.55
CA CYS A 599 44.99 8.53 -9.00
C CYS A 599 44.82 8.37 -7.50
N PHE A 600 43.78 7.65 -7.08
CA PHE A 600 43.52 7.45 -5.66
C PHE A 600 44.71 6.91 -4.88
N LYS A 601 45.66 6.33 -5.59
CA LYS A 601 46.83 5.78 -4.93
C LYS A 601 47.58 6.90 -4.21
N ASP A 602 47.35 8.14 -4.63
CA ASP A 602 48.00 9.30 -4.04
C ASP A 602 47.12 10.19 -3.15
N SER A 603 45.94 9.68 -2.80
CA SER A 603 45.01 10.42 -1.94
C SER A 603 45.68 10.84 -0.63
N SER A 604 45.28 11.99 -0.11
CA SER A 604 45.86 12.50 1.13
C SER A 604 45.17 11.89 2.33
N ASP A 605 44.32 10.90 2.11
CA ASP A 605 43.60 10.28 3.21
C ASP A 605 44.18 8.94 3.69
N ASN A 606 44.27 8.78 5.00
CA ASN A 606 44.79 7.56 5.63
C ASN A 606 44.10 6.34 5.08
N VAL A 607 42.81 6.23 5.35
CA VAL A 607 42.02 5.09 4.90
C VAL A 607 41.97 4.93 3.37
N VAL A 608 41.78 6.03 2.64
CA VAL A 608 41.71 5.90 1.19
C VAL A 608 42.98 5.33 0.59
N THR A 609 44.11 5.92 0.97
CA THR A 609 45.40 5.47 0.47
C THR A 609 45.61 4.00 0.82
N LYS A 610 45.18 3.62 2.02
CA LYS A 610 45.33 2.24 2.46
C LYS A 610 44.44 1.30 1.63
N LEU A 611 43.42 1.87 0.98
CA LEU A 611 42.54 1.06 0.15
C LEU A 611 43.17 0.74 -1.19
N PHE A 612 44.10 1.59 -1.63
CA PHE A 612 44.75 1.39 -2.92
C PHE A 612 46.24 1.04 -2.86
N ASN A 613 46.78 0.91 -1.67
CA ASN A 613 48.20 0.58 -1.53
C ASN A 613 48.43 -0.80 -0.93
N ASP A 614 47.59 -1.20 0.02
CA ASP A 614 47.70 -2.50 0.65
C ASP A 614 47.22 -3.55 -0.34
N PRO A 615 48.14 -4.39 -0.87
CA PRO A 615 47.70 -5.42 -1.83
C PRO A 615 46.72 -6.45 -1.26
N ASN A 616 46.75 -6.64 0.06
CA ASN A 616 45.86 -7.58 0.72
C ASN A 616 44.43 -7.07 0.63
N ILE A 617 44.27 -5.88 0.08
CA ILE A 617 42.96 -5.26 -0.07
C ILE A 617 42.71 -4.75 -1.48
N ALA A 618 43.74 -4.17 -2.11
CA ALA A 618 43.60 -3.60 -3.44
C ALA A 618 43.67 -4.57 -4.61
N SER A 619 44.20 -5.77 -4.37
CA SER A 619 44.31 -6.76 -5.45
C SER A 619 44.03 -8.17 -4.96
N ARG A 620 43.76 -9.07 -5.89
CA ARG A 620 43.52 -10.46 -5.51
C ARG A 620 44.87 -11.15 -5.24
N ALA A 621 44.89 -12.46 -5.39
CA ALA A 621 46.10 -13.26 -5.16
C ALA A 621 47.29 -12.80 -5.99
N LYS A 622 47.84 -13.72 -6.79
CA LYS A 622 48.98 -13.43 -7.65
C LYS A 622 49.39 -14.62 -8.53
N LYS A 623 49.21 -14.47 -9.83
CA LYS A 623 49.55 -15.53 -10.78
C LYS A 623 51.01 -15.36 -11.19
N GLY A 624 51.42 -14.11 -11.37
CA GLY A 624 52.77 -13.79 -11.79
C GLY A 624 52.69 -13.09 -13.13
N ALA A 625 51.46 -12.80 -13.55
CA ALA A 625 51.18 -12.13 -14.82
C ALA A 625 49.76 -11.56 -14.84
N ASN A 626 48.77 -12.44 -14.73
CA ASN A 626 47.37 -12.04 -14.72
C ASN A 626 46.68 -12.57 -13.46
N PHE A 627 46.68 -11.72 -12.43
CA PHE A 627 46.09 -12.02 -11.13
C PHE A 627 44.93 -13.00 -11.24
N ILE A 628 44.69 -13.72 -10.14
CA ILE A 628 43.62 -14.69 -10.11
C ILE A 628 42.32 -13.99 -10.47
N THR A 629 41.40 -14.74 -11.07
CA THR A 629 40.11 -14.18 -11.48
C THR A 629 39.15 -14.06 -10.29
N VAL A 630 37.92 -13.68 -10.57
CA VAL A 630 36.94 -13.57 -9.50
C VAL A 630 36.47 -14.96 -9.10
N ALA A 631 36.07 -15.74 -10.10
CA ALA A 631 35.58 -17.10 -9.87
C ALA A 631 36.66 -17.94 -9.20
N ALA A 632 37.91 -17.69 -9.57
CA ALA A 632 39.03 -18.42 -9.00
C ALA A 632 39.21 -18.03 -7.55
N GLN A 633 39.01 -16.75 -7.26
CA GLN A 633 39.16 -16.26 -5.90
C GLN A 633 38.11 -16.84 -4.97
N TYR A 634 36.86 -16.90 -5.44
CA TYR A 634 35.78 -17.43 -4.62
C TYR A 634 35.94 -18.92 -4.33
N LYS A 635 36.31 -19.67 -5.38
CA LYS A 635 36.53 -21.11 -5.28
C LYS A 635 37.56 -21.40 -4.19
N GLU A 636 38.54 -20.51 -4.07
CA GLU A 636 39.59 -20.65 -3.07
C GLU A 636 39.03 -20.38 -1.67
N GLN A 637 38.23 -19.33 -1.54
CA GLN A 637 37.63 -18.98 -0.24
C GLN A 637 36.70 -20.08 0.27
N LEU A 638 35.82 -20.56 -0.62
CA LEU A 638 34.89 -21.60 -0.27
C LEU A 638 35.69 -22.84 0.15
N ALA A 639 36.76 -23.11 -0.60
CA ALA A 639 37.61 -24.24 -0.30
C ALA A 639 38.14 -24.11 1.12
N SER A 640 38.44 -22.88 1.50
CA SER A 640 38.94 -22.60 2.83
C SER A 640 37.82 -22.80 3.86
N LEU A 641 36.65 -22.21 3.59
CA LEU A 641 35.51 -22.35 4.49
C LEU A 641 35.17 -23.80 4.69
N MET A 642 35.15 -24.57 3.60
CA MET A 642 34.83 -25.97 3.73
C MET A 642 35.83 -26.72 4.59
N ALA A 643 37.12 -26.44 4.43
CA ALA A 643 38.14 -27.12 5.22
C ALA A 643 37.99 -26.79 6.70
N THR A 644 37.54 -25.57 7.00
CA THR A 644 37.34 -25.23 8.40
C THR A 644 36.13 -26.00 8.95
N LEU A 645 35.02 -25.97 8.24
CA LEU A 645 33.83 -26.68 8.68
C LEU A 645 34.10 -28.17 8.91
N GLU A 646 34.97 -28.76 8.08
CA GLU A 646 35.27 -30.18 8.20
C GLU A 646 36.08 -30.53 9.47
N THR A 647 36.51 -29.52 10.21
CA THR A 647 37.24 -29.76 11.44
C THR A 647 36.31 -29.39 12.60
N THR A 648 35.01 -29.43 12.34
CA THR A 648 34.01 -29.10 13.36
C THR A 648 32.87 -30.11 13.40
N ASN A 649 32.08 -30.05 14.46
CA ASN A 649 30.91 -30.90 14.64
C ASN A 649 29.79 -29.93 14.25
N PRO A 650 29.12 -30.18 13.11
CA PRO A 650 28.05 -29.33 12.61
C PRO A 650 26.69 -29.39 13.28
N HIS A 651 25.95 -28.28 13.12
CA HIS A 651 24.59 -28.10 13.61
C HIS A 651 23.83 -27.33 12.52
N PHE A 652 22.76 -27.92 11.99
CA PHE A 652 22.01 -27.28 10.93
C PHE A 652 20.67 -26.65 11.32
N VAL A 653 20.55 -25.35 11.06
CA VAL A 653 19.33 -24.60 11.32
C VAL A 653 18.79 -24.17 9.97
N ARG A 654 17.56 -24.56 9.67
CA ARG A 654 16.93 -24.21 8.39
C ARG A 654 15.82 -23.20 8.62
N CYS A 655 15.96 -21.98 8.08
CA CYS A 655 14.94 -20.96 8.27
C CYS A 655 13.93 -20.95 7.14
N ILE A 656 12.65 -20.87 7.50
CA ILE A 656 11.59 -20.86 6.50
C ILE A 656 10.75 -19.58 6.58
N ILE A 657 10.41 -19.01 5.43
CA ILE A 657 9.61 -17.81 5.41
C ILE A 657 8.18 -18.36 5.21
N PRO A 658 7.22 -17.93 6.04
CA PRO A 658 5.82 -18.38 5.97
C PRO A 658 4.99 -17.89 4.80
N ASN A 659 5.49 -16.85 4.13
CA ASN A 659 4.78 -16.30 3.00
C ASN A 659 5.63 -15.20 2.34
N ASN A 660 5.17 -14.65 1.24
CA ASN A 660 5.93 -13.62 0.54
C ASN A 660 5.41 -12.23 0.76
N LYS A 661 4.70 -12.02 1.86
CA LYS A 661 4.15 -10.70 2.12
C LYS A 661 4.53 -10.19 3.51
N GLN A 662 5.60 -10.76 4.08
CA GLN A 662 6.06 -10.37 5.40
C GLN A 662 4.91 -10.26 6.40
N LEU A 663 3.99 -11.22 6.37
CA LEU A 663 2.86 -11.18 7.28
C LEU A 663 2.89 -12.17 8.42
N PRO A 664 2.43 -11.74 9.61
CA PRO A 664 2.43 -12.70 10.72
C PRO A 664 1.13 -13.49 10.58
N ALA A 665 1.06 -14.62 11.29
CA ALA A 665 -0.14 -15.46 11.27
C ALA A 665 -0.59 -15.86 9.87
N LYS A 666 0.34 -16.08 8.94
CA LYS A 666 -0.09 -16.46 7.61
C LYS A 666 0.78 -17.51 6.92
N LEU A 667 0.76 -18.74 7.43
CA LEU A 667 1.54 -19.83 6.85
C LEU A 667 0.91 -20.36 5.56
N GLU A 668 1.54 -20.12 4.40
CA GLU A 668 1.01 -20.57 3.11
C GLU A 668 1.70 -21.83 2.61
N ASP A 669 0.93 -22.89 2.44
CA ASP A 669 1.45 -24.18 2.00
C ASP A 669 2.29 -24.21 0.73
N LYS A 670 1.85 -23.56 -0.33
CA LYS A 670 2.67 -23.56 -1.56
C LYS A 670 4.06 -23.04 -1.18
N VAL A 671 4.10 -21.88 -0.54
CA VAL A 671 5.35 -21.28 -0.12
C VAL A 671 6.20 -22.16 0.82
N VAL A 672 5.59 -22.72 1.86
CA VAL A 672 6.35 -23.53 2.78
C VAL A 672 6.85 -24.82 2.12
N LEU A 673 5.91 -25.60 1.59
CA LEU A 673 6.28 -26.85 0.96
C LEU A 673 7.41 -26.73 -0.05
N ASP A 674 7.41 -25.68 -0.87
CA ASP A 674 8.50 -25.53 -1.84
C ASP A 674 9.84 -25.43 -1.12
N GLN A 675 9.88 -24.63 -0.06
CA GLN A 675 11.10 -24.47 0.70
C GLN A 675 11.55 -25.81 1.28
N LEU A 676 10.59 -26.60 1.74
CA LEU A 676 10.92 -27.89 2.32
C LEU A 676 11.36 -28.91 1.28
N ARG A 677 11.12 -28.64 0.01
CA ARG A 677 11.52 -29.56 -1.04
C ARG A 677 12.92 -29.20 -1.54
N CYS A 678 13.48 -28.08 -1.09
CA CYS A 678 14.80 -27.67 -1.55
C CYS A 678 15.85 -27.56 -0.46
N ASN A 679 15.42 -27.36 0.78
CA ASN A 679 16.34 -27.21 1.90
C ASN A 679 16.78 -28.54 2.51
N GLY A 680 16.32 -29.66 1.95
CA GLY A 680 16.73 -30.95 2.47
C GLY A 680 15.84 -31.56 3.54
N VAL A 681 14.98 -30.76 4.17
CA VAL A 681 14.10 -31.28 5.19
C VAL A 681 13.27 -32.45 4.70
N LEU A 682 12.57 -32.29 3.57
CA LEU A 682 11.74 -33.37 3.04
C LEU A 682 12.54 -34.54 2.47
N GLU A 683 13.67 -34.26 1.80
CA GLU A 683 14.53 -35.33 1.24
C GLU A 683 15.00 -36.17 2.44
N GLY A 684 15.32 -35.46 3.53
CA GLY A 684 15.78 -36.10 4.74
C GLY A 684 14.76 -37.08 5.27
N ILE A 685 13.49 -36.68 5.29
CA ILE A 685 12.45 -37.55 5.79
C ILE A 685 12.20 -38.73 4.86
N ARG A 686 12.27 -38.51 3.56
CA ARG A 686 12.07 -39.58 2.59
C ARG A 686 13.12 -40.69 2.74
N ILE A 687 14.29 -40.32 3.26
CA ILE A 687 15.40 -41.24 3.48
C ILE A 687 15.31 -42.01 4.79
N THR A 688 15.11 -41.30 5.90
CA THR A 688 15.01 -41.98 7.18
C THR A 688 13.71 -42.76 7.30
N ARG A 689 12.67 -42.32 6.59
CA ARG A 689 11.39 -43.01 6.60
C ARG A 689 11.61 -44.49 6.27
N LYS A 690 12.63 -44.73 5.45
CA LYS A 690 13.01 -46.05 4.95
C LYS A 690 13.46 -47.10 5.95
N GLY A 691 13.96 -46.68 7.11
CA GLY A 691 14.42 -47.63 8.11
C GLY A 691 13.46 -47.75 9.26
N PHE A 692 13.91 -47.34 10.45
CA PHE A 692 13.07 -47.39 11.64
C PHE A 692 13.19 -46.03 12.29
N PRO A 693 12.42 -45.04 11.79
CA PRO A 693 12.36 -43.64 12.25
C PRO A 693 11.85 -43.38 13.67
N ASN A 694 10.93 -44.19 14.16
CA ASN A 694 10.40 -44.00 15.51
C ASN A 694 11.19 -44.84 16.52
N ARG A 695 11.69 -44.18 17.57
CA ARG A 695 12.47 -44.85 18.62
C ARG A 695 11.90 -44.49 19.97
N ILE A 696 11.35 -45.45 20.70
CA ILE A 696 10.77 -45.11 21.99
C ILE A 696 11.38 -45.93 23.12
N ILE A 697 11.71 -45.26 24.22
CA ILE A 697 12.30 -45.91 25.39
C ILE A 697 11.30 -46.79 26.11
N TYR A 698 11.44 -48.10 25.97
CA TYR A 698 10.52 -49.06 26.58
C TYR A 698 9.58 -48.54 27.69
N ALA A 699 10.12 -48.00 28.78
CA ALA A 699 9.25 -47.52 29.85
C ALA A 699 8.18 -46.57 29.33
N ASP A 700 8.58 -45.58 28.56
CA ASP A 700 7.62 -44.62 28.00
C ASP A 700 6.58 -45.32 27.14
N PHE A 701 6.98 -46.35 26.42
CA PHE A 701 6.05 -47.10 25.58
C PHE A 701 4.97 -47.76 26.44
N VAL A 702 5.41 -48.43 27.50
CA VAL A 702 4.50 -49.13 28.40
C VAL A 702 3.59 -48.18 29.14
N LYS A 703 4.15 -47.07 29.59
CA LYS A 703 3.35 -46.11 30.32
C LYS A 703 2.12 -45.69 29.52
N ARG A 704 2.22 -45.72 28.19
CA ARG A 704 1.10 -45.31 27.36
C ARG A 704 0.23 -46.44 26.79
N TYR A 705 0.82 -47.57 26.45
CA TYR A 705 0.03 -48.64 25.86
C TYR A 705 -0.21 -49.91 26.66
N TYR A 706 0.18 -49.93 27.93
CA TYR A 706 0.00 -51.10 28.78
C TYR A 706 -1.39 -51.71 28.73
N LEU A 707 -2.43 -50.89 28.78
CA LEU A 707 -3.80 -51.40 28.75
C LEU A 707 -4.22 -52.19 27.53
N LEU A 708 -3.37 -52.28 26.52
CA LEU A 708 -3.71 -53.03 25.31
C LEU A 708 -3.38 -54.51 25.49
N ALA A 709 -2.66 -54.84 26.57
CA ALA A 709 -2.30 -56.22 26.87
C ALA A 709 -2.96 -56.66 28.18
N PRO A 710 -3.39 -57.92 28.24
CA PRO A 710 -4.05 -58.56 29.38
C PRO A 710 -3.70 -58.10 30.80
N ASN A 711 -2.50 -58.35 31.31
CA ASN A 711 -2.28 -57.92 32.70
C ASN A 711 -1.03 -57.12 32.98
N VAL A 712 -0.64 -56.19 32.12
CA VAL A 712 0.57 -55.44 32.43
C VAL A 712 0.23 -54.11 33.06
N PRO A 713 1.02 -53.70 34.06
CA PRO A 713 0.84 -52.43 34.80
C PRO A 713 1.54 -51.33 34.02
N ARG A 714 1.06 -50.10 34.15
CA ARG A 714 1.65 -48.98 33.43
C ARG A 714 3.08 -48.77 33.88
N ASP A 715 3.36 -49.15 35.12
CA ASP A 715 4.71 -48.97 35.65
C ASP A 715 5.44 -50.30 35.77
N ALA A 716 5.12 -51.21 34.87
CA ALA A 716 5.74 -52.53 34.84
C ALA A 716 7.25 -52.44 35.06
N GLU A 717 7.74 -53.22 36.01
CA GLU A 717 9.15 -53.25 36.37
C GLU A 717 10.12 -53.73 35.28
N ASP A 718 9.65 -54.51 34.30
CA ASP A 718 10.53 -54.96 33.22
C ASP A 718 9.92 -54.47 31.90
N SER A 719 10.16 -53.20 31.64
CA SER A 719 9.65 -52.51 30.46
C SER A 719 9.82 -53.26 29.14
N GLN A 720 11.02 -53.74 28.88
CA GLN A 720 11.29 -54.44 27.66
C GLN A 720 10.39 -55.65 27.49
N LYS A 721 10.14 -56.37 28.58
CA LYS A 721 9.29 -57.55 28.50
C LYS A 721 7.82 -57.15 28.40
N ALA A 722 7.47 -56.03 29.02
CA ALA A 722 6.08 -55.55 28.97
C ALA A 722 5.76 -55.08 27.55
N THR A 723 6.78 -54.53 26.89
CA THR A 723 6.63 -54.05 25.53
C THR A 723 6.38 -55.24 24.62
N ASP A 724 7.11 -56.33 24.85
CA ASP A 724 6.91 -57.48 24.00
C ASP A 724 5.48 -57.99 24.16
N ALA A 725 4.98 -57.96 25.39
CA ALA A 725 3.61 -58.42 25.65
C ALA A 725 2.62 -57.72 24.74
N VAL A 726 2.64 -56.38 24.73
CA VAL A 726 1.74 -55.60 23.92
C VAL A 726 1.89 -55.94 22.44
N LEU A 727 3.13 -55.87 21.97
CA LEU A 727 3.38 -56.16 20.57
C LEU A 727 2.78 -57.51 20.19
N LYS A 728 2.95 -58.52 21.03
CA LYS A 728 2.42 -59.85 20.78
C LYS A 728 0.89 -59.83 20.76
N HIS A 729 0.30 -59.29 21.82
CA HIS A 729 -1.15 -59.25 21.91
C HIS A 729 -1.78 -58.54 20.74
N LEU A 730 -1.23 -57.41 20.33
CA LEU A 730 -1.78 -56.68 19.19
C LEU A 730 -1.45 -57.46 17.92
N ASN A 731 -0.75 -58.57 18.12
CA ASN A 731 -0.33 -59.43 17.03
C ASN A 731 0.36 -58.64 15.93
N ILE A 732 1.11 -57.61 16.33
CA ILE A 732 1.81 -56.79 15.35
C ILE A 732 2.78 -57.64 14.53
N ASP A 733 3.07 -57.19 13.31
CA ASP A 733 3.99 -57.90 12.43
C ASP A 733 5.43 -57.72 12.94
N PRO A 734 6.04 -58.80 13.45
CA PRO A 734 7.41 -58.73 13.98
C PRO A 734 8.46 -58.04 13.10
N GLU A 735 8.21 -57.95 11.81
CA GLU A 735 9.13 -57.28 10.89
C GLU A 735 9.07 -55.77 11.01
N GLN A 736 7.95 -55.28 11.54
CA GLN A 736 7.73 -53.85 11.73
C GLN A 736 8.52 -53.21 12.87
N TYR A 737 9.17 -54.02 13.71
CA TYR A 737 9.93 -53.44 14.80
C TYR A 737 11.23 -54.19 15.12
N ARG A 738 12.02 -53.61 16.02
CA ARG A 738 13.27 -54.19 16.48
C ARG A 738 13.48 -53.76 17.93
N PHE A 739 13.93 -54.69 18.77
CA PHE A 739 14.17 -54.36 20.18
C PHE A 739 15.55 -53.78 20.39
N GLY A 740 15.64 -52.46 20.40
CA GLY A 740 16.92 -51.83 20.61
C GLY A 740 17.36 -52.05 22.03
N ILE A 741 18.57 -51.62 22.36
CA ILE A 741 19.09 -51.79 23.69
C ILE A 741 18.27 -51.01 24.69
N THR A 742 17.92 -49.77 24.38
CA THR A 742 17.13 -48.97 25.32
C THR A 742 15.79 -48.52 24.76
N LYS A 743 15.63 -48.65 23.45
CA LYS A 743 14.41 -48.20 22.80
C LYS A 743 13.84 -49.26 21.85
N ILE A 744 12.56 -49.13 21.53
CA ILE A 744 11.92 -50.05 20.63
C ILE A 744 11.81 -49.29 19.32
N PHE A 745 12.29 -49.92 18.25
CA PHE A 745 12.27 -49.30 16.94
C PHE A 745 11.05 -49.70 16.13
N PHE A 746 10.49 -48.74 15.41
CA PHE A 746 9.32 -49.00 14.59
C PHE A 746 9.52 -48.50 13.18
N ARG A 747 8.98 -49.21 12.21
CA ARG A 747 9.06 -48.78 10.85
C ARG A 747 7.95 -47.74 10.69
N ALA A 748 7.92 -47.06 9.56
CA ALA A 748 6.90 -46.04 9.32
C ALA A 748 5.51 -46.62 9.46
N GLY A 749 4.59 -45.85 10.03
CA GLY A 749 3.23 -46.30 10.18
C GLY A 749 2.90 -47.24 11.34
N GLN A 750 3.87 -48.03 11.78
CA GLN A 750 3.63 -48.97 12.87
C GLN A 750 3.18 -48.36 14.19
N LEU A 751 3.84 -47.29 14.61
CA LEU A 751 3.49 -46.62 15.85
C LEU A 751 2.08 -46.10 15.72
N ALA A 752 1.78 -45.47 14.60
CA ALA A 752 0.46 -44.93 14.35
C ALA A 752 -0.60 -46.01 14.51
N ARG A 753 -0.36 -47.15 13.88
CA ARG A 753 -1.28 -48.28 13.97
C ARG A 753 -1.52 -48.67 15.45
N ILE A 754 -0.45 -48.67 16.24
CA ILE A 754 -0.59 -49.01 17.66
C ILE A 754 -1.38 -47.91 18.39
N GLU A 755 -1.13 -46.66 18.02
CA GLU A 755 -1.83 -45.54 18.63
C GLU A 755 -3.31 -45.56 18.25
N GLU A 756 -3.60 -46.07 17.06
CA GLU A 756 -4.98 -46.14 16.58
C GLU A 756 -5.68 -47.20 17.42
N ALA A 757 -4.96 -48.27 17.73
CA ALA A 757 -5.53 -49.33 18.55
C ALA A 757 -6.01 -48.77 19.88
N ARG A 758 -5.20 -47.92 20.49
CA ARG A 758 -5.54 -47.31 21.76
C ARG A 758 -6.75 -46.39 21.64
N GLU A 759 -6.84 -45.67 20.52
CA GLU A 759 -7.96 -44.78 20.30
C GLU A 759 -9.22 -45.63 20.12
N GLN A 760 -9.11 -46.70 19.35
CA GLN A 760 -10.24 -47.56 19.11
C GLN A 760 -10.74 -48.14 20.43
N ARG A 761 -9.80 -48.45 21.32
CA ARG A 761 -10.11 -49.01 22.62
C ARG A 761 -10.92 -48.07 23.50
N LEU A 762 -10.34 -46.92 23.78
CA LEU A 762 -11.01 -45.94 24.61
C LEU A 762 -12.28 -45.49 23.95
N GLY A 763 -12.32 -45.50 22.63
CA GLY A 763 -13.53 -45.10 21.92
C GLY A 763 -14.58 -46.16 22.16
N SER A 764 -14.12 -47.40 22.14
CA SER A 764 -14.97 -48.56 22.37
C SER A 764 -15.69 -48.40 23.70
N GLU A 765 -14.94 -48.02 24.74
CA GLU A 765 -15.53 -47.85 26.06
C GLU A 765 -16.39 -46.62 26.18
N GLN A 766 -16.06 -45.57 25.44
CA GLN A 766 -16.85 -44.34 25.50
C GLN A 766 -18.24 -44.65 24.89
N THR A 767 -18.25 -45.38 23.79
CA THR A 767 -19.49 -45.76 23.13
C THR A 767 -20.31 -46.64 24.07
N LYS A 768 -19.65 -47.63 24.65
CA LYS A 768 -20.29 -48.55 25.59
C LYS A 768 -20.99 -47.73 26.69
N SER A 769 -20.30 -46.72 27.16
CA SER A 769 -20.75 -45.84 28.22
C SER A 769 -21.98 -45.01 27.84
N ASP A 770 -21.86 -44.25 26.76
CA ASP A 770 -22.93 -43.40 26.25
C ASP A 770 -24.20 -44.23 25.98
N TYR A 771 -24.01 -45.44 25.46
CA TYR A 771 -25.14 -46.30 25.16
C TYR A 771 -25.92 -46.61 26.44
N LEU A 772 -25.22 -47.00 27.50
CA LEU A 772 -25.87 -47.32 28.77
C LEU A 772 -26.66 -46.14 29.28
N LYS A 773 -26.10 -44.95 29.16
CA LYS A 773 -26.76 -43.76 29.63
C LYS A 773 -28.00 -43.51 28.79
N ARG A 774 -27.88 -43.63 27.47
CA ARG A 774 -29.02 -43.40 26.61
C ARG A 774 -30.07 -44.51 26.68
N ALA A 775 -29.60 -45.75 26.85
CA ALA A 775 -30.51 -46.88 26.95
C ALA A 775 -31.37 -46.75 28.19
N ASN A 776 -30.74 -46.35 29.30
CA ASN A 776 -31.47 -46.19 30.54
C ASN A 776 -32.44 -45.03 30.50
N GLU A 777 -31.96 -43.87 30.07
CA GLU A 777 -32.80 -42.68 29.96
C GLU A 777 -34.04 -42.96 29.10
N LEU A 778 -33.94 -43.96 28.22
CA LEU A 778 -35.06 -44.31 27.37
C LEU A 778 -35.99 -45.28 28.08
N VAL A 779 -35.44 -46.36 28.60
CA VAL A 779 -36.25 -47.34 29.31
C VAL A 779 -37.02 -46.60 30.40
N GLN A 780 -36.31 -45.78 31.16
CA GLN A 780 -36.91 -45.00 32.21
C GLN A 780 -38.09 -44.22 31.68
N TRP A 781 -37.90 -43.50 30.57
CA TRP A 781 -38.99 -42.72 30.00
C TRP A 781 -40.22 -43.58 29.68
N ILE A 782 -39.98 -44.78 29.14
CA ILE A 782 -41.08 -45.66 28.82
C ILE A 782 -41.81 -46.08 30.08
N ASN A 783 -41.05 -46.55 31.08
CA ASN A 783 -41.67 -46.98 32.33
C ASN A 783 -42.55 -45.91 32.93
N ASP A 784 -42.12 -44.66 32.81
CA ASP A 784 -42.88 -43.57 33.38
C ASP A 784 -44.14 -43.26 32.60
N LYS A 785 -44.04 -43.29 31.27
CA LYS A 785 -45.20 -43.02 30.45
C LYS A 785 -46.23 -44.11 30.60
N GLN A 786 -45.80 -45.36 30.59
CA GLN A 786 -46.74 -46.47 30.73
C GLN A 786 -47.51 -46.32 32.03
N ALA A 787 -46.78 -46.04 33.11
CA ALA A 787 -47.40 -45.85 34.43
C ALA A 787 -48.54 -44.86 34.29
N SER A 788 -48.23 -43.71 33.71
CA SER A 788 -49.21 -42.66 33.50
C SER A 788 -50.41 -43.13 32.68
N LEU A 789 -50.14 -43.92 31.63
CA LEU A 789 -51.20 -44.42 30.76
C LEU A 789 -52.04 -45.54 31.38
N GLU A 790 -51.49 -46.20 32.39
CA GLU A 790 -52.17 -47.30 33.08
C GLU A 790 -53.21 -46.79 34.10
N SER A 791 -53.03 -45.53 34.50
CA SER A 791 -53.94 -44.85 35.44
C SER A 791 -55.30 -44.68 34.77
N ARG A 792 -56.34 -44.48 35.57
CA ARG A 792 -57.68 -44.32 35.04
C ARG A 792 -58.47 -43.17 35.64
N ASP A 793 -57.78 -42.18 36.21
CA ASP A 793 -58.48 -41.06 36.82
C ASP A 793 -59.40 -40.35 35.81
N PHE A 794 -58.82 -39.75 34.78
CA PHE A 794 -59.59 -39.02 33.77
C PHE A 794 -60.51 -37.98 34.38
N GLY A 795 -60.59 -37.97 35.71
CA GLY A 795 -61.48 -37.00 36.32
C GLY A 795 -62.98 -37.32 36.20
N ASP A 796 -63.77 -36.39 35.62
CA ASP A 796 -65.25 -36.59 35.75
C ASP A 796 -66.31 -35.79 35.03
N SER A 797 -66.06 -35.14 33.93
CA SER A 797 -67.12 -34.44 33.25
C SER A 797 -66.90 -34.87 31.82
N ILE A 798 -67.55 -34.19 30.87
CA ILE A 798 -67.39 -34.51 29.46
C ILE A 798 -66.15 -33.79 28.89
N GLU A 799 -65.88 -32.58 29.39
CA GLU A 799 -64.73 -31.83 28.93
C GLU A 799 -63.44 -32.35 29.56
N SER A 800 -63.56 -33.01 30.71
CA SER A 800 -62.38 -33.55 31.37
C SER A 800 -61.80 -34.73 30.61
N VAL A 801 -62.63 -35.73 30.31
CA VAL A 801 -62.13 -36.88 29.59
C VAL A 801 -61.60 -36.49 28.21
N GLN A 802 -62.27 -35.57 27.54
CA GLN A 802 -61.83 -35.16 26.21
C GLN A 802 -60.49 -34.43 26.24
N SER A 803 -60.15 -33.80 27.37
CA SER A 803 -58.89 -33.08 27.45
C SER A 803 -57.77 -34.11 27.55
N PHE A 804 -58.12 -35.30 28.03
CA PHE A 804 -57.15 -36.38 28.14
C PHE A 804 -57.01 -37.03 26.77
N MET A 805 -58.12 -37.10 26.04
CA MET A 805 -58.11 -37.70 24.70
C MET A 805 -57.32 -36.76 23.80
N ASN A 806 -57.38 -35.47 24.13
CA ASN A 806 -56.70 -34.43 23.37
C ASN A 806 -55.20 -34.46 23.65
N ALA A 807 -54.84 -34.91 24.85
CA ALA A 807 -53.45 -35.00 25.25
C ALA A 807 -52.83 -36.22 24.61
N HIS A 808 -53.57 -37.31 24.56
CA HIS A 808 -53.06 -38.55 23.97
C HIS A 808 -52.79 -38.36 22.48
N LYS A 809 -53.53 -37.48 21.85
CA LYS A 809 -53.32 -37.23 20.43
C LYS A 809 -52.04 -36.42 20.30
N GLU A 810 -51.81 -35.58 21.29
CA GLU A 810 -50.64 -34.74 21.34
C GLU A 810 -49.40 -35.64 21.48
N TYR A 811 -49.42 -36.52 22.48
CA TYR A 811 -48.34 -37.46 22.72
C TYR A 811 -48.47 -38.61 21.71
N LYS A 812 -48.06 -38.37 20.48
CA LYS A 812 -48.14 -39.38 19.44
C LYS A 812 -47.73 -38.64 18.20
N LYS A 813 -47.94 -37.33 18.25
CA LYS A 813 -47.56 -36.45 17.17
C LYS A 813 -46.25 -35.77 17.58
N THR A 814 -46.18 -35.34 18.84
CA THR A 814 -45.01 -34.64 19.35
C THR A 814 -43.96 -35.42 20.14
N GLU A 815 -44.37 -36.15 21.17
CA GLU A 815 -43.41 -36.87 22.00
C GLU A 815 -43.03 -38.29 21.59
N LYS A 816 -44.01 -39.09 21.20
CA LYS A 816 -43.76 -40.46 20.81
C LYS A 816 -42.65 -40.61 19.74
N PRO A 817 -42.81 -39.99 18.55
CA PRO A 817 -41.80 -40.08 17.48
C PRO A 817 -40.33 -40.01 17.92
N PRO A 818 -39.90 -38.90 18.54
CA PRO A 818 -38.50 -38.82 18.97
C PRO A 818 -38.04 -40.01 19.83
N LYS A 819 -38.93 -40.52 20.68
CA LYS A 819 -38.58 -41.65 21.52
C LYS A 819 -38.50 -42.94 20.71
N GLY A 820 -39.16 -42.95 19.56
CA GLY A 820 -39.14 -44.12 18.70
C GLY A 820 -37.83 -44.19 17.93
N GLN A 821 -37.40 -43.03 17.43
CA GLN A 821 -36.15 -42.95 16.70
C GLN A 821 -35.04 -43.53 17.56
N GLU A 822 -35.03 -43.12 18.81
CA GLU A 822 -34.03 -43.55 19.78
C GLU A 822 -33.96 -45.06 19.88
N VAL A 823 -35.10 -45.74 19.90
CA VAL A 823 -35.11 -47.20 19.97
C VAL A 823 -34.32 -47.83 18.84
N SER A 824 -34.57 -47.37 17.61
CA SER A 824 -33.89 -47.91 16.45
C SER A 824 -32.47 -47.36 16.32
N GLU A 825 -32.22 -46.19 16.90
CA GLU A 825 -30.87 -45.67 16.87
C GLU A 825 -29.96 -46.41 17.85
N LEU A 826 -30.50 -46.76 19.02
CA LEU A 826 -29.69 -47.47 19.99
C LEU A 826 -29.38 -48.86 19.47
N GLU A 827 -30.31 -49.43 18.72
CA GLU A 827 -30.08 -50.76 18.16
C GLU A 827 -28.92 -50.69 17.17
N ALA A 828 -28.88 -49.61 16.40
CA ALA A 828 -27.82 -49.42 15.42
C ALA A 828 -26.49 -49.37 16.18
N ILE A 829 -26.44 -48.54 17.21
CA ILE A 829 -25.26 -48.37 18.05
C ILE A 829 -24.84 -49.69 18.69
N TYR A 830 -25.79 -50.38 19.29
CA TYR A 830 -25.48 -51.68 19.92
C TYR A 830 -24.72 -52.57 18.95
N ASN A 831 -25.34 -52.89 17.81
CA ASN A 831 -24.68 -53.76 16.86
C ASN A 831 -23.33 -53.29 16.35
N SER A 832 -23.19 -51.98 16.13
CA SER A 832 -21.91 -51.48 15.68
C SER A 832 -20.87 -51.80 16.74
N LEU A 833 -21.16 -51.42 17.98
CA LEU A 833 -20.24 -51.68 19.07
C LEU A 833 -19.88 -53.17 19.20
N GLN A 834 -20.88 -54.02 19.09
CA GLN A 834 -20.68 -55.45 19.24
C GLN A 834 -19.71 -55.93 18.16
N THR A 835 -19.83 -55.36 16.96
CA THR A 835 -18.96 -55.70 15.85
C THR A 835 -17.56 -55.12 16.05
N LYS A 836 -17.49 -53.84 16.44
CA LYS A 836 -16.22 -53.18 16.68
C LYS A 836 -15.44 -54.00 17.71
N LEU A 837 -16.11 -54.40 18.78
CA LEU A 837 -15.48 -55.18 19.81
C LEU A 837 -14.98 -56.50 19.23
N ARG A 838 -15.60 -56.99 18.16
CA ARG A 838 -15.17 -58.25 17.55
C ARG A 838 -13.72 -58.12 17.11
N LEU A 839 -13.40 -57.06 16.36
CA LEU A 839 -12.02 -56.84 15.98
C LEU A 839 -11.49 -56.28 17.30
N ILE A 840 -10.51 -55.38 17.26
CA ILE A 840 -10.06 -54.79 18.52
C ILE A 840 -9.73 -55.88 19.55
N LYS A 841 -9.99 -57.14 19.17
CA LYS A 841 -9.73 -58.30 20.03
C LYS A 841 -10.21 -58.11 21.47
N ARG A 842 -11.49 -57.80 21.64
CA ARG A 842 -12.05 -57.61 22.97
C ARG A 842 -13.33 -58.41 23.24
N GLU A 843 -13.65 -58.59 24.52
CA GLU A 843 -14.83 -59.35 24.93
C GLU A 843 -16.12 -58.73 24.38
N PRO A 844 -17.12 -59.57 24.07
CA PRO A 844 -18.39 -59.07 23.55
C PRO A 844 -19.06 -58.25 24.62
N PHE A 845 -19.92 -57.31 24.21
CA PHE A 845 -20.62 -56.46 25.16
C PHE A 845 -21.82 -57.19 25.75
N VAL A 846 -21.91 -57.13 27.07
CA VAL A 846 -22.99 -57.79 27.81
C VAL A 846 -23.71 -56.75 28.65
N ALA A 847 -24.74 -56.15 28.06
CA ALA A 847 -25.53 -55.11 28.69
C ALA A 847 -26.29 -55.53 29.94
N PRO A 848 -26.77 -54.54 30.70
CA PRO A 848 -27.53 -54.82 31.92
C PRO A 848 -28.85 -55.57 31.68
N ALA A 849 -29.66 -55.62 32.72
CA ALA A 849 -30.95 -56.31 32.72
C ALA A 849 -31.80 -56.07 31.48
N GLY A 850 -32.35 -54.86 31.33
CA GLY A 850 -33.17 -54.61 30.16
C GLY A 850 -32.68 -53.54 29.19
N LEU A 851 -31.44 -53.67 28.73
CA LEU A 851 -30.89 -52.68 27.79
C LEU A 851 -30.36 -53.36 26.55
N THR A 852 -30.87 -54.54 26.26
CA THR A 852 -30.47 -55.26 25.08
C THR A 852 -31.45 -54.79 24.03
N PRO A 853 -31.05 -54.73 22.76
CA PRO A 853 -32.00 -54.26 21.75
C PRO A 853 -33.28 -55.10 21.65
N ASN A 854 -33.21 -56.36 22.08
CA ASN A 854 -34.37 -57.24 22.07
C ASN A 854 -35.34 -56.87 23.20
N GLU A 855 -34.81 -56.69 24.40
CA GLU A 855 -35.64 -56.33 25.54
C GLU A 855 -36.24 -54.93 25.40
N ILE A 856 -35.49 -54.01 24.81
CA ILE A 856 -36.00 -52.65 24.64
C ILE A 856 -37.16 -52.68 23.66
N ASP A 857 -37.10 -53.62 22.72
CA ASP A 857 -38.12 -53.81 21.70
C ASP A 857 -39.42 -54.30 22.39
N SER A 858 -39.29 -55.30 23.26
CA SER A 858 -40.45 -55.83 23.97
C SER A 858 -41.02 -54.78 24.90
N THR A 859 -40.14 -54.07 25.62
CA THR A 859 -40.56 -53.03 26.53
C THR A 859 -41.35 -51.99 25.77
N TRP A 860 -40.96 -51.74 24.53
CA TRP A 860 -41.64 -50.77 23.69
C TRP A 860 -42.98 -51.32 23.22
N SER A 861 -43.03 -52.60 22.92
CA SER A 861 -44.29 -53.20 22.48
C SER A 861 -45.34 -53.10 23.59
N ALA A 862 -44.87 -53.17 24.84
CA ALA A 862 -45.74 -53.10 26.00
C ALA A 862 -46.33 -51.70 26.14
N LEU A 863 -45.50 -50.68 25.90
CA LEU A 863 -45.98 -49.31 25.99
C LEU A 863 -47.02 -49.07 24.89
N GLU A 864 -46.82 -49.73 23.76
CA GLU A 864 -47.73 -49.57 22.64
C GLU A 864 -49.05 -50.24 23.01
N LYS A 865 -48.96 -51.34 23.75
CA LYS A 865 -50.17 -52.04 24.14
C LYS A 865 -50.92 -51.25 25.22
N ALA A 866 -50.19 -50.52 26.05
CA ALA A 866 -50.80 -49.72 27.11
C ALA A 866 -51.39 -48.46 26.52
N GLU A 867 -50.82 -47.99 25.43
CA GLU A 867 -51.29 -46.79 24.75
C GLU A 867 -52.69 -47.05 24.21
N GLN A 868 -52.90 -48.26 23.73
CA GLN A 868 -54.20 -48.60 23.19
C GLN A 868 -55.23 -48.81 24.28
N GLU A 869 -54.87 -49.56 25.31
CA GLU A 869 -55.81 -49.80 26.40
C GLU A 869 -56.21 -48.49 27.06
N HIS A 870 -55.31 -47.52 27.04
CA HIS A 870 -55.57 -46.21 27.62
C HIS A 870 -56.59 -45.54 26.70
N ALA A 871 -56.40 -45.72 25.39
CA ALA A 871 -57.31 -45.14 24.40
C ALA A 871 -58.70 -45.71 24.54
N GLU A 872 -58.78 -47.03 24.68
CA GLU A 872 -60.07 -47.69 24.82
C GLU A 872 -60.74 -47.25 26.12
N ALA A 873 -59.92 -47.06 27.14
CA ALA A 873 -60.42 -46.66 28.46
C ALA A 873 -61.10 -45.30 28.38
N LEU A 874 -60.52 -44.41 27.60
CA LEU A 874 -61.06 -43.09 27.45
C LEU A 874 -62.40 -43.06 26.73
N ARG A 875 -62.48 -43.71 25.56
CA ARG A 875 -63.72 -43.71 24.79
C ARG A 875 -64.85 -44.26 25.63
N ILE A 876 -64.57 -45.32 26.36
CA ILE A 876 -65.58 -45.93 27.21
C ILE A 876 -65.99 -45.04 28.39
N GLU A 877 -65.07 -44.22 28.90
CA GLU A 877 -65.40 -43.33 30.00
C GLU A 877 -66.18 -42.12 29.52
N LEU A 878 -66.03 -41.79 28.24
CA LEU A 878 -66.76 -40.66 27.70
C LEU A 878 -68.22 -41.12 27.55
N LYS A 879 -68.41 -42.37 27.14
CA LYS A 879 -69.74 -42.95 27.00
C LYS A 879 -70.46 -42.78 28.33
N ARG A 880 -69.86 -43.32 29.38
CA ARG A 880 -70.42 -43.24 30.72
C ARG A 880 -70.67 -41.78 31.09
N GLN A 881 -69.60 -40.99 31.11
CA GLN A 881 -69.72 -39.59 31.47
C GLN A 881 -70.88 -38.90 30.79
N LYS A 882 -71.12 -39.23 29.52
CA LYS A 882 -72.21 -38.64 28.74
C LYS A 882 -73.56 -39.11 29.24
N LYS A 883 -73.69 -40.41 29.48
CA LYS A 883 -74.94 -40.97 29.97
C LYS A 883 -75.28 -40.24 31.27
N ILE A 884 -74.29 -40.17 32.16
CA ILE A 884 -74.46 -39.51 33.45
C ILE A 884 -74.99 -38.08 33.28
N ALA A 885 -74.58 -37.41 32.21
CA ALA A 885 -75.01 -36.04 31.95
C ALA A 885 -76.47 -35.95 31.48
N VAL A 886 -76.95 -36.99 30.81
CA VAL A 886 -78.34 -36.99 30.34
C VAL A 886 -79.26 -37.28 31.53
N LEU A 887 -78.81 -38.15 32.41
CA LEU A 887 -79.57 -38.53 33.60
C LEU A 887 -79.57 -37.39 34.61
N LEU A 888 -78.48 -36.63 34.65
CA LEU A 888 -78.37 -35.52 35.56
C LEU A 888 -79.29 -34.40 35.09
N GLN A 889 -79.42 -34.27 33.77
CA GLN A 889 -80.25 -33.23 33.19
C GLN A 889 -81.72 -33.52 33.51
N LYS A 890 -82.10 -34.78 33.34
CA LYS A 890 -83.46 -35.23 33.61
C LYS A 890 -83.82 -34.96 35.07
N TYR A 891 -82.97 -35.41 35.98
CA TYR A 891 -83.17 -35.22 37.42
C TYR A 891 -83.42 -33.76 37.70
N ASN A 892 -82.44 -32.94 37.37
CA ASN A 892 -82.53 -31.49 37.56
C ASN A 892 -83.84 -30.93 37.03
N ARG A 893 -84.23 -31.36 35.84
CA ARG A 893 -85.45 -30.88 35.23
C ARG A 893 -86.66 -31.21 36.10
N ILE A 894 -86.87 -32.50 36.39
CA ILE A 894 -87.98 -32.92 37.22
C ILE A 894 -88.10 -32.08 38.49
N LEU A 895 -86.99 -31.89 39.18
CA LEU A 895 -87.03 -31.08 40.41
C LEU A 895 -87.32 -29.62 40.08
N LYS A 896 -86.71 -29.11 39.02
CA LYS A 896 -86.94 -27.72 38.65
C LYS A 896 -88.41 -27.57 38.29
N LYS A 897 -89.08 -28.69 38.03
CA LYS A 897 -90.50 -28.68 37.70
C LYS A 897 -91.26 -28.55 39.01
N LEU A 898 -91.33 -29.64 39.76
CA LEU A 898 -92.01 -29.66 41.04
C LEU A 898 -91.73 -28.38 41.82
N GLU A 899 -90.48 -27.91 41.81
CA GLU A 899 -90.15 -26.70 42.53
C GLU A 899 -91.04 -25.55 42.08
N ASN A 900 -91.23 -25.43 40.77
CA ASN A 900 -92.05 -24.35 40.23
C ASN A 900 -93.54 -24.52 40.52
N TRP A 901 -94.00 -25.77 40.55
CA TRP A 901 -95.40 -26.07 40.85
C TRP A 901 -95.65 -25.76 42.33
N ALA A 902 -94.62 -25.95 43.14
CA ALA A 902 -94.70 -25.70 44.57
C ALA A 902 -94.72 -24.19 44.85
N THR A 903 -94.96 -23.41 43.80
CA THR A 903 -95.01 -21.96 43.92
C THR A 903 -96.20 -21.44 43.12
N THR A 904 -96.51 -22.13 42.02
CA THR A 904 -97.64 -21.77 41.18
C THR A 904 -98.93 -22.08 41.94
N LYS A 905 -98.97 -23.27 42.53
CA LYS A 905 -100.12 -23.70 43.30
C LYS A 905 -100.10 -23.08 44.70
N SER A 906 -99.00 -22.41 45.04
CA SER A 906 -98.90 -21.75 46.33
C SER A 906 -99.61 -20.41 46.22
N VAL A 907 -99.94 -20.04 44.98
CA VAL A 907 -100.64 -18.80 44.70
C VAL A 907 -102.11 -19.15 44.52
N TYR A 908 -102.39 -20.45 44.43
CA TYR A 908 -103.76 -20.93 44.29
C TYR A 908 -104.35 -21.02 45.69
N LEU A 909 -103.68 -21.77 46.57
CA LEU A 909 -104.13 -21.91 47.95
C LEU A 909 -104.05 -20.55 48.63
N GLY A 910 -102.93 -19.86 48.40
CA GLY A 910 -102.73 -18.55 48.98
C GLY A 910 -103.17 -17.47 48.01
N SER A 911 -104.42 -17.21 47.93
CA SER A 911 -105.08 -16.37 46.98
C SER A 911 -106.37 -16.93 47.34
N ASN A 912 -107.25 -16.09 47.67
CA ASN A 912 -108.55 -16.50 48.08
C ASN A 912 -109.56 -16.01 47.03
N GLU A 913 -110.82 -15.91 47.39
CA GLU A 913 -111.79 -15.37 46.44
C GLU A 913 -112.32 -13.99 46.87
N THR A 914 -113.44 -13.59 46.28
CA THR A 914 -114.09 -12.32 46.58
C THR A 914 -115.61 -12.46 46.52
N GLY A 915 -116.23 -12.64 47.69
CA GLY A 915 -117.67 -12.81 47.75
C GLY A 915 -118.06 -13.89 48.74
N ASP A 916 -118.91 -13.54 49.71
CA ASP A 916 -119.37 -14.48 50.73
C ASP A 916 -120.71 -15.14 50.43
N SER A 917 -120.75 -16.46 50.55
CA SER A 917 -121.95 -17.26 50.31
C SER A 917 -121.58 -18.73 50.12
N ILE A 918 -122.39 -19.45 49.35
CA ILE A 918 -122.14 -20.87 49.08
C ILE A 918 -122.03 -21.07 47.56
N THR A 919 -121.74 -19.97 46.85
CA THR A 919 -121.59 -19.98 45.39
C THR A 919 -120.17 -19.53 44.99
N ALA A 920 -119.71 -18.43 45.58
CA ALA A 920 -118.38 -17.89 45.29
C ALA A 920 -117.38 -18.31 46.36
N VAL A 921 -117.85 -19.12 47.31
CA VAL A 921 -117.00 -19.61 48.41
C VAL A 921 -116.88 -21.14 48.41
N GLN A 922 -117.93 -21.82 48.86
CA GLN A 922 -117.93 -23.28 48.93
C GLN A 922 -118.15 -23.93 47.57
N ALA A 923 -119.02 -23.34 46.75
CA ALA A 923 -119.30 -23.89 45.42
C ALA A 923 -118.12 -23.70 44.49
N LYS A 924 -116.92 -23.63 45.08
CA LYS A 924 -115.70 -23.46 44.32
C LYS A 924 -114.64 -24.46 44.79
N LEU A 925 -114.76 -24.92 46.03
CA LEU A 925 -113.81 -25.90 46.56
C LEU A 925 -114.01 -27.26 45.89
N LYS A 926 -114.55 -27.25 44.68
CA LYS A 926 -114.75 -28.46 43.91
C LYS A 926 -113.47 -28.61 43.10
N ASN A 927 -112.67 -27.56 43.12
CA ASN A 927 -111.39 -27.52 42.42
C ASN A 927 -110.32 -28.16 43.30
N LEU A 928 -110.43 -27.93 44.60
CA LEU A 928 -109.48 -28.48 45.56
C LEU A 928 -109.43 -30.00 45.42
N GLU A 929 -110.55 -30.58 45.01
CA GLU A 929 -110.66 -32.03 44.82
C GLU A 929 -110.11 -32.44 43.45
N ALA A 930 -109.79 -31.44 42.64
CA ALA A 930 -109.22 -31.67 41.32
C ALA A 930 -107.73 -31.43 41.49
N PHE A 931 -107.40 -30.72 42.58
CA PHE A 931 -106.03 -30.38 42.92
C PHE A 931 -105.30 -31.54 43.60
N ASP A 932 -105.69 -31.85 44.83
CA ASP A 932 -105.07 -32.95 45.56
C ASP A 932 -105.27 -34.29 44.87
N GLY A 933 -105.84 -34.25 43.66
CA GLY A 933 -106.05 -35.44 42.89
C GLY A 933 -104.93 -35.52 41.86
N GLU A 934 -104.34 -34.36 41.59
CA GLU A 934 -103.23 -34.25 40.65
C GLU A 934 -101.93 -34.26 41.45
N CYS A 935 -101.95 -33.59 42.60
CA CYS A 935 -100.79 -33.52 43.49
C CYS A 935 -100.72 -34.75 44.38
N GLN A 936 -101.12 -35.89 43.81
CA GLN A 936 -101.10 -37.17 44.50
C GLN A 936 -100.58 -38.14 43.44
N SER A 937 -100.57 -37.66 42.20
CA SER A 937 -100.09 -38.42 41.06
C SER A 937 -98.80 -37.77 40.61
N LEU A 938 -98.76 -36.44 40.69
CA LEU A 938 -97.59 -35.65 40.31
C LEU A 938 -96.49 -35.95 41.32
N GLU A 939 -96.84 -36.74 42.32
CA GLU A 939 -95.91 -37.15 43.36
C GLU A 939 -95.61 -38.60 43.02
N GLY A 940 -96.66 -39.40 42.91
CA GLY A 940 -96.49 -40.80 42.60
C GLY A 940 -95.79 -41.07 41.29
N GLN A 941 -95.79 -40.10 40.38
CA GLN A 941 -95.15 -40.29 39.08
C GLN A 941 -93.75 -39.68 39.07
N SER A 942 -93.59 -38.54 39.74
CA SER A 942 -92.31 -37.83 39.85
C SER A 942 -91.30 -38.59 40.70
N ASN A 943 -91.69 -38.88 41.93
CA ASN A 943 -90.83 -39.59 42.86
C ASN A 943 -90.46 -40.95 42.28
N SER A 944 -91.31 -41.46 41.41
CA SER A 944 -91.06 -42.75 40.77
C SER A 944 -89.95 -42.62 39.73
N ASP A 945 -89.90 -41.47 39.06
CA ASP A 945 -88.88 -41.20 38.05
C ASP A 945 -87.57 -40.84 38.72
N LEU A 946 -87.66 -40.01 39.75
CA LEU A 946 -86.48 -39.58 40.48
C LEU A 946 -85.75 -40.81 40.99
N LEU A 947 -86.50 -41.80 41.47
CA LEU A 947 -85.89 -43.02 41.97
C LEU A 947 -85.30 -43.83 40.81
N SER A 948 -86.06 -43.96 39.73
CA SER A 948 -85.61 -44.72 38.57
C SER A 948 -84.33 -44.13 38.00
N ILE A 949 -84.21 -42.81 38.08
CA ILE A 949 -83.02 -42.10 37.60
C ILE A 949 -81.88 -42.42 38.57
N LEU A 950 -82.17 -42.35 39.87
CA LEU A 950 -81.18 -42.60 40.91
C LEU A 950 -80.60 -44.01 40.81
N ALA A 951 -81.46 -45.00 40.63
CA ALA A 951 -81.01 -46.38 40.54
C ALA A 951 -80.03 -46.51 39.37
N GLN A 952 -80.37 -45.85 38.27
CA GLN A 952 -79.52 -45.89 37.09
C GLN A 952 -78.14 -45.32 37.40
N LEU A 953 -78.12 -44.07 37.88
CA LEU A 953 -76.88 -43.40 38.24
C LEU A 953 -76.11 -44.30 39.20
N THR A 954 -76.84 -45.00 40.06
CA THR A 954 -76.21 -45.89 41.01
C THR A 954 -75.57 -47.03 40.23
N GLU A 955 -76.27 -47.50 39.20
CA GLU A 955 -75.80 -48.59 38.35
C GLU A 955 -74.59 -48.15 37.49
N LEU A 956 -74.35 -46.84 37.43
CA LEU A 956 -73.21 -46.32 36.69
C LEU A 956 -72.18 -45.89 37.73
N ASN A 957 -72.20 -46.57 38.87
CA ASN A 957 -71.29 -46.28 39.97
C ASN A 957 -70.97 -44.79 40.02
N TYR A 958 -71.99 -43.96 39.84
CA TYR A 958 -71.84 -42.49 39.86
C TYR A 958 -71.71 -41.98 41.29
N ASN A 959 -70.49 -41.70 41.70
CA ASN A 959 -70.28 -41.22 43.06
C ASN A 959 -70.70 -39.77 43.16
N GLY A 960 -71.99 -39.59 43.42
CA GLY A 960 -72.60 -38.28 43.55
C GLY A 960 -74.07 -38.49 43.88
N VAL A 961 -74.46 -39.76 43.97
CA VAL A 961 -75.82 -40.14 44.29
C VAL A 961 -76.31 -39.59 45.63
N PRO A 962 -75.49 -39.68 46.69
CA PRO A 962 -75.86 -39.19 48.02
C PRO A 962 -76.47 -37.79 48.06
N GLU A 963 -75.71 -36.81 47.58
CA GLU A 963 -76.17 -35.43 47.56
C GLU A 963 -77.43 -35.29 46.72
N LEU A 964 -77.59 -36.17 45.74
CA LEU A 964 -78.80 -36.12 44.91
C LEU A 964 -79.95 -36.56 45.78
N THR A 965 -79.91 -37.80 46.22
CA THR A 965 -80.95 -38.34 47.05
C THR A 965 -81.32 -37.36 48.18
N GLU A 966 -80.34 -36.58 48.66
CA GLU A 966 -80.63 -35.62 49.72
C GLU A 966 -81.41 -34.42 49.24
N ARG A 967 -80.95 -33.78 48.18
CA ARG A 967 -81.64 -32.61 47.66
C ARG A 967 -83.11 -32.97 47.41
N LYS A 968 -83.33 -34.21 46.97
CA LYS A 968 -84.66 -34.72 46.71
C LYS A 968 -85.44 -34.82 48.02
N ASP A 969 -84.91 -35.64 48.93
CA ASP A 969 -85.54 -35.85 50.23
C ASP A 969 -85.79 -34.52 50.96
N THR A 970 -84.84 -33.60 50.88
CA THR A 970 -84.99 -32.29 51.51
C THR A 970 -86.21 -31.58 50.91
N PHE A 971 -86.39 -31.73 49.59
CA PHE A 971 -87.51 -31.10 48.92
C PHE A 971 -88.85 -31.58 49.48
N PHE A 972 -89.13 -32.87 49.29
CA PHE A 972 -90.38 -33.46 49.76
C PHE A 972 -90.71 -33.12 51.21
N ALA A 973 -89.74 -33.32 52.10
CA ALA A 973 -89.93 -33.03 53.52
C ALA A 973 -89.91 -31.53 53.78
N GLN A 974 -89.94 -30.75 52.72
CA GLN A 974 -89.93 -29.30 52.84
C GLN A 974 -90.98 -28.66 51.94
N GLN A 975 -90.55 -27.89 50.94
CA GLN A 975 -91.46 -27.23 50.02
C GLN A 975 -92.73 -28.00 49.68
N TRP A 976 -92.58 -29.27 49.32
CA TRP A 976 -93.74 -30.09 48.95
C TRP A 976 -94.78 -30.26 50.05
N THR A 977 -94.34 -30.54 51.27
CA THR A 977 -95.26 -30.69 52.38
C THR A 977 -95.82 -29.34 52.79
N GLY A 978 -94.95 -28.34 52.87
CA GLY A 978 -95.37 -27.01 53.24
C GLY A 978 -96.62 -26.54 52.49
N VAL A 979 -96.68 -26.89 51.20
CA VAL A 979 -97.82 -26.51 50.36
C VAL A 979 -98.86 -27.63 50.35
N LYS A 980 -98.45 -28.84 50.73
CA LYS A 980 -99.37 -29.97 50.77
C LYS A 980 -100.25 -29.81 52.02
N SER A 981 -99.65 -29.24 53.06
CA SER A 981 -100.33 -28.99 54.33
C SER A 981 -101.12 -27.69 54.18
N SER A 982 -100.59 -26.77 53.39
CA SER A 982 -101.24 -25.48 53.14
C SER A 982 -102.65 -25.73 52.63
N ALA A 983 -102.82 -26.83 51.89
CA ALA A 983 -104.11 -27.20 51.34
C ALA A 983 -105.11 -27.48 52.45
N GLU A 984 -104.65 -27.39 53.70
CA GLU A 984 -105.50 -27.62 54.86
C GLU A 984 -106.19 -26.31 55.24
N THR A 985 -105.38 -25.27 55.39
CA THR A 985 -105.88 -23.95 55.73
C THR A 985 -106.64 -23.37 54.53
N TYR A 986 -107.13 -24.26 53.68
CA TYR A 986 -107.89 -23.88 52.48
C TYR A 986 -109.09 -24.79 52.37
N LYS A 987 -108.96 -26.01 52.89
CA LYS A 987 -110.06 -26.97 52.85
C LYS A 987 -110.75 -26.94 54.21
N ASN A 988 -110.02 -26.47 55.22
CA ASN A 988 -110.55 -26.36 56.57
C ASN A 988 -111.02 -24.93 56.85
N THR A 989 -110.32 -23.96 56.27
CA THR A 989 -110.68 -22.55 56.46
C THR A 989 -111.77 -22.16 55.47
N LEU A 990 -111.91 -22.94 54.40
CA LEU A 990 -112.93 -22.68 53.39
C LEU A 990 -114.17 -23.55 53.64
N LEU A 991 -114.23 -24.12 54.83
CA LEU A 991 -115.37 -24.95 55.26
C LEU A 991 -115.67 -24.47 56.68
N ALA A 992 -114.81 -23.56 57.15
CA ALA A 992 -114.93 -22.94 58.47
C ALA A 992 -115.68 -21.63 58.29
N GLU A 993 -115.51 -20.99 57.14
CA GLU A 993 -116.23 -19.75 56.85
C GLU A 993 -117.58 -20.18 56.33
N LEU A 994 -117.73 -21.50 56.16
CA LEU A 994 -118.98 -22.12 55.72
C LEU A 994 -119.71 -22.59 56.97
N GLU A 995 -119.20 -22.16 58.13
CA GLU A 995 -119.80 -22.44 59.43
C GLU A 995 -120.66 -21.22 59.69
N ARG A 996 -120.21 -20.08 59.15
CA ARG A 996 -120.92 -18.82 59.25
C ARG A 996 -121.67 -18.62 57.93
N LEU A 997 -122.01 -19.75 57.31
CA LEU A 997 -122.75 -19.82 56.05
C LEU A 997 -123.62 -21.07 56.14
N GLN A 998 -123.80 -21.53 57.37
CA GLN A 998 -124.60 -22.70 57.70
C GLN A 998 -125.22 -22.48 59.09
N LYS A 999 -124.43 -21.87 59.98
CA LYS A 999 -124.88 -21.56 61.34
C LYS A 999 -125.53 -20.18 61.36
N ILE A 1000 -124.99 -19.26 60.56
CA ILE A 1000 -125.53 -17.90 60.45
C ILE A 1000 -126.38 -17.88 59.17
N GLU A 1001 -126.49 -19.05 58.55
CA GLU A 1001 -127.26 -19.25 57.33
C GLU A 1001 -128.67 -19.71 57.71
N ASP A 1002 -128.74 -20.46 58.81
CA ASP A 1002 -130.02 -20.98 59.32
C ASP A 1002 -130.76 -20.01 60.24
N LEU A 1003 -130.10 -18.93 60.63
CA LEU A 1003 -130.75 -17.93 61.48
C LEU A 1003 -131.80 -17.28 60.58
N HIS A 1004 -131.63 -17.50 59.27
CA HIS A 1004 -132.53 -16.99 58.24
C HIS A 1004 -133.31 -18.18 57.64
N HIS A 1005 -133.26 -19.29 58.36
CA HIS A 1005 -133.96 -20.53 57.99
C HIS A 1005 -134.93 -20.82 59.14
N HIS A 1006 -134.76 -20.09 60.24
CA HIS A 1006 -135.60 -20.24 61.42
C HIS A 1006 -136.76 -19.24 61.35
N HIS A 1007 -136.93 -18.64 60.17
CA HIS A 1007 -138.00 -17.68 59.92
C HIS A 1007 -139.22 -18.46 59.42
N HIS A 1008 -138.95 -19.63 58.86
CA HIS A 1008 -139.99 -20.52 58.33
C HIS A 1008 -140.59 -21.34 59.49
N HIS A 1009 -140.09 -21.08 60.70
CA HIS A 1009 -140.54 -21.78 61.89
C HIS A 1009 -141.00 -20.75 62.93
N HIS A 1010 -140.40 -19.57 62.88
CA HIS A 1010 -140.72 -18.46 63.79
C HIS A 1010 -142.02 -17.78 63.34
N ASN B 2 21.23 42.91 2.04
CA ASN B 2 19.79 42.55 2.28
C ASN B 2 19.35 41.45 1.32
N PRO B 3 19.10 40.24 1.85
CA PRO B 3 18.68 39.09 1.04
C PRO B 3 17.56 39.39 0.05
N ILE B 4 16.64 40.28 0.42
CA ILE B 4 15.52 40.63 -0.45
C ILE B 4 15.93 41.12 -1.83
N HIS B 5 16.89 42.03 -1.88
CA HIS B 5 17.36 42.58 -3.15
C HIS B 5 18.73 41.99 -3.49
N ASP B 6 18.75 40.75 -3.95
CA ASP B 6 19.99 40.07 -4.31
C ASP B 6 19.63 38.74 -4.95
N ARG B 7 19.33 38.80 -6.23
CA ARG B 7 18.92 37.63 -7.01
C ARG B 7 19.81 36.38 -6.93
N THR B 8 20.59 36.25 -5.86
CA THR B 8 21.48 35.10 -5.68
C THR B 8 21.38 34.51 -4.28
N SER B 9 20.64 35.17 -3.39
CA SER B 9 20.45 34.73 -2.01
C SER B 9 19.41 33.62 -1.88
N ASP B 10 19.47 32.88 -0.77
CA ASP B 10 18.53 31.80 -0.52
C ASP B 10 17.09 32.29 -0.59
N TYR B 11 16.81 33.44 0.02
CA TYR B 11 15.47 34.00 -0.03
C TYR B 11 14.96 34.02 -1.48
N HIS B 12 15.75 34.57 -2.39
CA HIS B 12 15.35 34.64 -3.79
C HIS B 12 15.33 33.32 -4.53
N LYS B 13 16.01 32.32 -3.99
CA LYS B 13 16.04 31.03 -4.65
C LYS B 13 14.91 30.11 -4.21
N TYR B 14 14.49 30.26 -2.94
CA TYR B 14 13.45 29.41 -2.38
C TYR B 14 12.07 30.03 -2.14
N LEU B 15 11.95 31.35 -2.23
CA LEU B 15 10.66 31.99 -1.98
C LEU B 15 10.22 32.94 -3.08
N LYS B 16 11.01 33.06 -4.14
CA LYS B 16 10.66 33.95 -5.24
C LYS B 16 10.61 33.23 -6.57
N VAL B 17 9.67 33.64 -7.41
CA VAL B 17 9.51 33.06 -8.73
C VAL B 17 10.78 33.40 -9.50
N LYS B 18 11.19 32.51 -10.41
CA LYS B 18 12.40 32.74 -11.20
C LYS B 18 12.20 33.86 -12.22
N GLN B 19 12.59 35.07 -11.82
CA GLN B 19 12.43 36.27 -12.64
C GLN B 19 13.43 36.42 -13.79
N GLY B 20 13.80 37.68 -14.03
CA GLY B 20 14.75 38.05 -15.07
C GLY B 20 15.50 39.26 -14.55
N ASP B 21 15.95 40.14 -15.45
CA ASP B 21 16.67 41.34 -15.03
C ASP B 21 16.46 42.54 -15.97
N SER B 22 15.62 42.34 -16.98
CA SER B 22 15.31 43.39 -17.96
C SER B 22 13.83 43.73 -17.99
N ASP B 23 13.42 44.71 -17.19
CA ASP B 23 12.02 45.14 -17.14
C ASP B 23 11.70 45.92 -18.43
N LEU B 24 12.74 46.13 -19.22
CA LEU B 24 12.67 46.84 -20.49
C LEU B 24 11.69 46.10 -21.42
N PHE B 25 12.22 45.31 -22.34
CA PHE B 25 11.39 44.56 -23.28
C PHE B 25 12.04 43.25 -23.74
N LYS B 26 11.69 42.15 -23.06
CA LYS B 26 12.23 40.81 -23.40
C LYS B 26 11.66 39.71 -22.49
N LEU B 27 10.44 39.28 -22.78
CA LEU B 27 9.80 38.22 -22.00
C LEU B 27 8.43 37.76 -22.53
N THR B 28 7.84 38.53 -23.45
CA THR B 28 6.53 38.21 -24.03
C THR B 28 6.57 38.05 -25.56
N VAL B 29 7.08 36.91 -26.03
CA VAL B 29 7.17 36.65 -27.46
C VAL B 29 5.85 36.19 -28.09
N SER B 30 4.89 35.76 -27.27
CA SER B 30 3.59 35.32 -27.78
C SER B 30 2.44 36.23 -27.36
N ASP B 31 1.50 36.43 -28.27
CA ASP B 31 0.35 37.29 -28.02
C ASP B 31 -0.97 36.58 -28.30
N LYS B 32 -1.04 35.28 -28.02
CA LYS B 32 -2.27 34.53 -28.26
C LYS B 32 -3.08 34.43 -26.97
N ARG B 33 -4.39 34.66 -27.09
CA ARG B 33 -5.28 34.60 -25.94
C ARG B 33 -5.87 33.20 -25.80
N TYR B 34 -5.60 32.53 -24.69
CA TYR B 34 -6.12 31.20 -24.46
C TYR B 34 -7.31 31.20 -23.54
N ILE B 35 -7.91 30.03 -23.35
CA ILE B 35 -9.06 29.89 -22.49
C ILE B 35 -9.03 28.55 -21.78
N TRP B 36 -9.61 28.47 -20.58
CA TRP B 36 -9.65 27.24 -19.80
C TRP B 36 -10.96 26.46 -20.04
N TYR B 37 -10.84 25.25 -20.56
CA TYR B 37 -12.02 24.42 -20.83
C TYR B 37 -11.91 23.01 -20.26
N ASN B 38 -13.01 22.26 -20.32
CA ASN B 38 -13.06 20.89 -19.85
C ASN B 38 -12.93 19.98 -21.05
N PRO B 39 -11.74 19.36 -21.25
CA PRO B 39 -11.55 18.47 -22.40
C PRO B 39 -12.69 17.47 -22.51
N ASP B 40 -13.05 16.88 -21.38
CA ASP B 40 -14.15 15.93 -21.33
C ASP B 40 -15.15 16.52 -20.35
N PRO B 41 -16.32 16.93 -20.85
CA PRO B 41 -17.38 17.53 -20.01
C PRO B 41 -17.66 16.70 -18.76
N ASP B 42 -17.12 15.48 -18.74
CA ASP B 42 -17.28 14.56 -17.61
C ASP B 42 -16.77 15.17 -16.30
N GLU B 43 -15.47 15.41 -16.26
CA GLU B 43 -14.83 15.98 -15.07
C GLU B 43 -14.94 17.50 -15.04
N ARG B 44 -15.60 18.00 -13.99
CA ARG B 44 -15.82 19.42 -13.80
C ARG B 44 -14.55 20.18 -13.37
N ASP B 45 -13.67 19.50 -12.65
CA ASP B 45 -12.44 20.12 -12.15
C ASP B 45 -11.17 19.78 -12.95
N SER B 46 -11.32 19.36 -14.20
CA SER B 46 -10.16 19.07 -15.03
C SER B 46 -10.16 20.05 -16.19
N TYR B 47 -9.01 20.67 -16.48
CA TYR B 47 -8.97 21.64 -17.55
C TYR B 47 -7.87 21.51 -18.57
N GLU B 48 -8.09 22.19 -19.69
CA GLU B 48 -7.18 22.26 -20.82
C GLU B 48 -7.34 23.66 -21.39
N CYS B 49 -6.25 24.26 -21.84
CA CYS B 49 -6.32 25.61 -22.40
C CYS B 49 -6.26 25.58 -23.91
N GLY B 50 -6.99 26.49 -24.56
CA GLY B 50 -6.98 26.54 -26.01
C GLY B 50 -6.95 27.94 -26.55
N GLU B 51 -6.65 28.05 -27.84
CA GLU B 51 -6.58 29.34 -28.53
C GLU B 51 -7.94 29.93 -28.86
N ILE B 52 -8.01 31.25 -28.90
CA ILE B 52 -9.26 31.93 -29.24
C ILE B 52 -9.29 32.20 -30.75
N VAL B 53 -10.26 31.56 -31.42
CA VAL B 53 -10.44 31.71 -32.86
C VAL B 53 -10.85 33.14 -33.21
N SER B 54 -12.09 33.47 -32.90
CA SER B 54 -12.61 34.81 -33.14
C SER B 54 -13.90 34.98 -32.35
N GLU B 55 -13.84 35.87 -31.38
CA GLU B 55 -14.98 36.17 -30.54
C GLU B 55 -16.11 36.78 -31.35
N THR B 56 -17.25 36.99 -30.69
CA THR B 56 -18.41 37.59 -31.30
C THR B 56 -18.89 38.61 -30.27
N SER B 57 -19.79 39.50 -30.65
CA SER B 57 -20.30 40.50 -29.71
C SER B 57 -21.24 39.82 -28.71
N ASP B 58 -21.01 38.52 -28.49
CA ASP B 58 -21.82 37.72 -27.59
C ASP B 58 -21.08 36.54 -26.95
N SER B 59 -20.14 35.95 -27.67
CA SER B 59 -19.39 34.81 -27.13
C SER B 59 -18.01 34.61 -27.79
N PHE B 60 -17.33 33.53 -27.40
CA PHE B 60 -16.00 33.19 -27.94
C PHE B 60 -16.02 31.92 -28.78
N THR B 61 -14.85 31.63 -29.37
CA THR B 61 -14.65 30.45 -30.19
C THR B 61 -13.19 30.05 -29.98
N PHE B 62 -12.95 28.78 -29.64
CA PHE B 62 -11.59 28.32 -29.39
C PHE B 62 -11.31 26.92 -29.93
N LYS B 63 -10.05 26.68 -30.26
CA LYS B 63 -9.59 25.40 -30.79
C LYS B 63 -9.04 24.57 -29.63
N THR B 64 -9.48 23.33 -29.50
CA THR B 64 -8.99 22.48 -28.41
C THR B 64 -7.52 22.15 -28.63
N VAL B 65 -7.17 20.89 -28.38
CA VAL B 65 -5.80 20.44 -28.57
C VAL B 65 -5.80 19.41 -29.70
N ASP B 66 -6.76 19.58 -30.61
CA ASP B 66 -6.91 18.69 -31.77
C ASP B 66 -7.43 19.47 -32.98
N GLY B 67 -8.72 19.80 -32.95
CA GLY B 67 -9.35 20.53 -34.04
C GLY B 67 -10.84 20.55 -33.75
N GLN B 68 -11.17 20.43 -32.47
CA GLN B 68 -12.55 20.41 -32.00
C GLN B 68 -12.93 21.83 -31.59
N ASP B 69 -12.87 22.74 -32.55
CA ASP B 69 -13.19 24.14 -32.31
C ASP B 69 -14.57 24.31 -31.68
N ARG B 70 -14.60 24.50 -30.36
CA ARG B 70 -15.86 24.66 -29.63
C ARG B 70 -16.16 26.13 -29.38
N GLN B 71 -17.44 26.45 -29.21
CA GLN B 71 -17.85 27.82 -28.95
C GLN B 71 -18.45 27.92 -27.56
N VAL B 72 -18.14 29.00 -26.86
CA VAL B 72 -18.63 29.21 -25.50
C VAL B 72 -19.14 30.63 -25.25
N LYS B 73 -20.20 30.73 -24.46
CA LYS B 73 -20.80 32.01 -24.13
C LYS B 73 -19.79 32.92 -23.44
N LYS B 74 -19.45 34.02 -24.08
CA LYS B 74 -18.50 34.96 -23.51
C LYS B 74 -18.85 35.30 -22.06
N ASP B 75 -20.12 35.15 -21.72
CA ASP B 75 -20.57 35.45 -20.36
C ASP B 75 -20.50 34.21 -19.47
N ASP B 76 -19.80 33.19 -19.94
CA ASP B 76 -19.65 31.94 -19.19
C ASP B 76 -18.19 31.45 -19.20
N ALA B 77 -17.45 31.89 -20.23
CA ALA B 77 -16.06 31.49 -20.43
C ALA B 77 -15.10 31.73 -19.26
N ASN B 78 -13.97 31.01 -19.31
CA ASN B 78 -12.92 31.09 -18.32
C ASN B 78 -11.62 31.38 -19.07
N GLN B 79 -11.33 32.66 -19.25
CA GLN B 79 -10.12 33.07 -19.96
C GLN B 79 -8.85 32.84 -19.15
N ARG B 80 -7.77 32.51 -19.85
CA ARG B 80 -6.50 32.29 -19.18
C ARG B 80 -5.76 33.62 -19.08
N ASN B 81 -5.33 34.01 -17.89
CA ASN B 81 -4.60 35.27 -17.74
C ASN B 81 -3.33 35.32 -18.60
N PRO B 82 -2.86 36.53 -18.93
CA PRO B 82 -1.65 36.63 -19.75
C PRO B 82 -0.41 36.26 -18.92
N ILE B 83 0.59 35.68 -19.57
CA ILE B 83 1.83 35.26 -18.92
C ILE B 83 2.34 36.12 -17.76
N LYS B 84 2.18 37.44 -17.85
CA LYS B 84 2.66 38.32 -16.78
C LYS B 84 2.02 38.01 -15.41
N PHE B 85 0.85 37.39 -15.41
CA PHE B 85 0.20 37.06 -14.15
C PHE B 85 0.66 35.75 -13.57
N ASP B 86 1.29 34.91 -14.38
CA ASP B 86 1.75 33.62 -13.86
C ASP B 86 2.73 33.72 -12.70
N GLY B 87 2.32 33.19 -11.55
CA GLY B 87 3.18 33.20 -10.38
C GLY B 87 2.96 34.33 -9.41
N VAL B 88 1.89 35.09 -9.59
CA VAL B 88 1.66 36.22 -8.67
C VAL B 88 1.51 35.76 -7.24
N GLU B 89 2.13 36.50 -6.34
CA GLU B 89 2.13 36.19 -4.92
C GLU B 89 0.78 36.33 -4.23
N ASP B 90 -0.18 36.95 -4.92
CA ASP B 90 -1.51 37.13 -4.36
C ASP B 90 -2.55 36.90 -5.45
N MET B 91 -3.44 35.95 -5.20
CA MET B 91 -4.52 35.61 -6.13
C MET B 91 -5.36 36.83 -6.56
N SER B 92 -5.58 37.77 -5.65
CA SER B 92 -6.38 38.92 -6.00
C SER B 92 -5.73 39.84 -7.00
N GLU B 93 -4.54 39.49 -7.47
CA GLU B 93 -3.88 40.31 -8.47
C GLU B 93 -4.21 39.78 -9.85
N LEU B 94 -4.86 38.62 -9.90
CA LEU B 94 -5.26 38.03 -11.15
C LEU B 94 -6.37 38.91 -11.69
N SER B 95 -6.43 39.08 -13.00
CA SER B 95 -7.46 39.88 -13.64
C SER B 95 -8.66 38.93 -13.81
N TYR B 96 -8.47 37.89 -14.62
CA TYR B 96 -9.52 36.91 -14.84
C TYR B 96 -9.53 36.04 -13.58
N LEU B 97 -10.68 36.01 -12.89
CA LEU B 97 -10.81 35.26 -11.66
C LEU B 97 -11.68 34.01 -11.82
N ASN B 98 -11.10 32.97 -12.41
CA ASN B 98 -11.74 31.68 -12.64
C ASN B 98 -11.20 30.65 -11.66
N GLU B 99 -11.76 29.44 -11.71
CA GLU B 99 -11.28 28.38 -10.86
C GLU B 99 -10.01 27.81 -11.50
N PRO B 100 -10.09 27.45 -12.79
CA PRO B 100 -8.89 26.92 -13.44
C PRO B 100 -7.78 27.99 -13.47
N ALA B 101 -8.18 29.24 -13.36
CA ALA B 101 -7.24 30.33 -13.38
C ALA B 101 -6.53 30.39 -12.02
N VAL B 102 -7.32 30.30 -10.95
CA VAL B 102 -6.79 30.32 -9.60
C VAL B 102 -5.90 29.10 -9.39
N PHE B 103 -6.32 27.96 -9.94
CA PHE B 103 -5.55 26.75 -9.80
C PHE B 103 -4.23 26.90 -10.53
N HIS B 104 -4.29 27.34 -11.79
CA HIS B 104 -3.07 27.51 -12.59
C HIS B 104 -2.01 28.32 -11.84
N ASN B 105 -2.42 29.44 -11.25
CA ASN B 105 -1.47 30.27 -10.52
C ASN B 105 -0.87 29.45 -9.39
N LEU B 106 -1.72 28.82 -8.60
CA LEU B 106 -1.24 28.00 -7.51
C LEU B 106 -0.22 26.96 -8.00
N ARG B 107 -0.48 26.39 -9.17
CA ARG B 107 0.39 25.38 -9.74
C ARG B 107 1.72 25.93 -10.26
N VAL B 108 1.70 27.10 -10.87
CA VAL B 108 2.94 27.66 -11.38
C VAL B 108 3.91 27.85 -10.23
N ARG B 109 3.36 28.24 -9.08
CA ARG B 109 4.16 28.47 -7.88
C ARG B 109 4.59 27.19 -7.16
N TYR B 110 3.71 26.20 -7.09
CA TYR B 110 4.00 24.94 -6.43
C TYR B 110 5.04 24.13 -7.19
N ASN B 111 5.11 24.34 -8.51
CA ASN B 111 6.05 23.62 -9.34
C ASN B 111 7.48 24.15 -9.23
N GLN B 112 7.62 25.26 -8.52
CA GLN B 112 8.92 25.86 -8.27
C GLN B 112 9.15 25.73 -6.77
N ASP B 113 8.36 24.88 -6.13
CA ASP B 113 8.44 24.67 -4.69
C ASP B 113 7.96 25.88 -3.89
N LEU B 114 7.10 26.70 -4.47
CA LEU B 114 6.56 27.85 -3.74
C LEU B 114 5.20 27.44 -3.17
N ILE B 115 5.22 26.90 -1.96
CA ILE B 115 4.03 26.41 -1.30
C ILE B 115 3.11 27.43 -0.62
N TYR B 116 3.54 28.68 -0.54
CA TYR B 116 2.72 29.70 0.08
C TYR B 116 2.24 30.73 -0.93
N THR B 117 0.98 31.10 -0.84
CA THR B 117 0.41 32.09 -1.74
C THR B 117 -0.74 32.75 -1.00
N TYR B 118 -0.95 34.04 -1.25
CA TYR B 118 -2.05 34.77 -0.64
C TYR B 118 -3.26 34.75 -1.55
N SER B 119 -4.41 35.05 -0.96
CA SER B 119 -5.67 35.12 -1.69
C SER B 119 -6.57 35.96 -0.81
N GLY B 120 -6.56 37.27 -1.04
CA GLY B 120 -7.37 38.14 -0.23
C GLY B 120 -6.73 38.09 1.14
N LEU B 121 -7.53 37.91 2.18
CA LEU B 121 -7.01 37.84 3.53
C LEU B 121 -6.39 36.49 3.85
N PHE B 122 -6.61 35.53 2.98
CA PHE B 122 -6.10 34.18 3.20
C PHE B 122 -4.64 33.96 2.85
N LEU B 123 -3.99 33.11 3.65
CA LEU B 123 -2.63 32.68 3.35
C LEU B 123 -2.88 31.21 3.01
N VAL B 124 -2.66 30.84 1.76
CA VAL B 124 -2.87 29.46 1.32
C VAL B 124 -1.55 28.71 1.42
N ALA B 125 -1.57 27.52 2.02
CA ALA B 125 -0.36 26.73 2.19
C ALA B 125 -0.52 25.28 1.70
N VAL B 126 0.10 24.97 0.57
CA VAL B 126 0.01 23.63 0.02
C VAL B 126 1.12 22.70 0.51
N ASN B 127 0.74 21.55 1.03
CA ASN B 127 1.72 20.59 1.53
C ASN B 127 2.68 20.21 0.41
N PRO B 128 3.99 20.31 0.66
CA PRO B 128 4.97 19.95 -0.37
C PRO B 128 5.41 18.50 -0.28
N PHE B 129 5.06 17.82 0.81
CA PHE B 129 5.42 16.41 1.00
C PHE B 129 6.88 16.16 0.67
N LYS B 130 7.72 17.05 1.18
CA LYS B 130 9.15 16.98 1.00
C LYS B 130 9.68 18.19 1.71
N ARG B 131 10.94 18.15 2.10
CA ARG B 131 11.50 19.28 2.82
C ARG B 131 12.04 20.40 1.93
N ILE B 132 11.71 21.63 2.30
CA ILE B 132 12.15 22.81 1.58
C ILE B 132 12.81 23.70 2.62
N PRO B 133 14.07 24.12 2.37
CA PRO B 133 14.87 24.97 3.25
C PRO B 133 14.36 26.37 3.54
N ILE B 134 13.12 26.50 3.98
CA ILE B 134 12.57 27.82 4.27
C ILE B 134 12.20 28.11 5.72
N TYR B 135 12.70 27.30 6.64
CA TYR B 135 12.38 27.51 8.05
C TYR B 135 13.61 27.68 8.96
N THR B 136 14.74 28.03 8.38
CA THR B 136 15.98 28.21 9.13
C THR B 136 15.99 29.53 9.87
N GLN B 137 16.89 29.68 10.81
CA GLN B 137 16.98 30.91 11.57
C GLN B 137 17.31 32.09 10.64
N GLU B 138 18.03 31.85 9.55
CA GLU B 138 18.32 32.96 8.64
C GLU B 138 17.03 33.42 8.00
N MET B 139 16.21 32.47 7.57
CA MET B 139 14.93 32.82 6.97
C MET B 139 14.11 33.60 7.99
N VAL B 140 14.10 33.12 9.23
CA VAL B 140 13.37 33.78 10.29
C VAL B 140 13.72 35.25 10.37
N ASP B 141 15.02 35.52 10.47
CA ASP B 141 15.53 36.88 10.57
C ASP B 141 15.05 37.80 9.46
N ILE B 142 14.81 37.23 8.28
CA ILE B 142 14.36 38.01 7.14
C ILE B 142 12.99 38.67 7.35
N PHE B 143 12.17 38.11 8.24
CA PHE B 143 10.85 38.67 8.40
C PHE B 143 10.58 39.73 9.46
N LYS B 144 11.56 40.04 10.31
CA LYS B 144 11.38 41.04 11.37
C LYS B 144 10.83 42.37 10.86
N GLY B 145 9.73 42.82 11.46
CA GLY B 145 9.14 44.09 11.07
C GLY B 145 8.75 44.31 9.63
N ARG B 146 8.85 43.27 8.79
CA ARG B 146 8.47 43.41 7.38
C ARG B 146 6.96 43.35 7.19
N ARG B 147 6.43 44.10 6.24
CA ARG B 147 4.99 44.09 6.00
C ARG B 147 4.61 43.00 5.01
N ARG B 148 3.40 42.47 5.15
CA ARG B 148 2.91 41.42 4.27
C ARG B 148 3.26 41.62 2.79
N ASN B 149 3.27 42.87 2.36
CA ASN B 149 3.58 43.17 0.97
C ASN B 149 5.06 43.47 0.68
N GLU B 150 5.87 43.60 1.72
CA GLU B 150 7.30 43.88 1.57
C GLU B 150 8.12 42.62 1.30
N VAL B 151 7.69 41.48 1.81
CA VAL B 151 8.39 40.21 1.61
C VAL B 151 7.47 39.20 0.95
N ALA B 152 8.04 38.08 0.54
CA ALA B 152 7.28 37.01 -0.11
C ALA B 152 6.26 36.36 0.84
N PRO B 153 5.28 35.65 0.29
CA PRO B 153 4.27 34.99 1.13
C PRO B 153 4.99 33.94 1.95
N HIS B 154 4.61 33.82 3.23
CA HIS B 154 5.22 32.86 4.13
C HIS B 154 4.47 32.78 5.47
N ILE B 155 4.48 31.63 6.11
CA ILE B 155 3.81 31.50 7.41
C ILE B 155 4.53 32.41 8.41
N PHE B 156 5.77 32.80 8.12
CA PHE B 156 6.51 33.67 9.02
C PHE B 156 6.03 35.11 8.92
N ALA B 157 5.65 35.54 7.72
CA ALA B 157 5.14 36.89 7.52
C ALA B 157 3.88 37.14 8.35
N ILE B 158 2.93 36.22 8.25
CA ILE B 158 1.67 36.33 8.98
C ILE B 158 1.99 36.38 10.47
N SER B 159 2.92 35.54 10.91
CA SER B 159 3.27 35.51 12.31
C SER B 159 3.78 36.86 12.79
N ASP B 160 4.76 37.42 12.07
CA ASP B 160 5.33 38.70 12.46
C ASP B 160 4.31 39.81 12.36
N VAL B 161 3.56 39.87 11.28
CA VAL B 161 2.56 40.92 11.19
C VAL B 161 1.65 40.91 12.41
N ALA B 162 1.19 39.73 12.80
CA ALA B 162 0.33 39.60 13.96
C ALA B 162 1.07 40.01 15.24
N TYR B 163 2.36 39.68 15.34
CA TYR B 163 3.10 40.04 16.53
C TYR B 163 3.31 41.56 16.64
N ARG B 164 3.47 42.25 15.50
CA ARG B 164 3.67 43.70 15.54
C ARG B 164 2.34 44.33 15.93
N SER B 165 1.29 43.94 15.23
CA SER B 165 -0.05 44.44 15.52
C SER B 165 -0.33 44.33 17.01
N MET B 166 0.06 43.22 17.62
CA MET B 166 -0.19 43.07 19.04
C MET B 166 0.43 44.25 19.79
N LEU B 167 1.76 44.30 19.83
CA LEU B 167 2.49 45.34 20.52
C LEU B 167 2.14 46.75 20.11
N ASP B 168 1.78 46.91 18.83
CA ASP B 168 1.44 48.23 18.30
C ASP B 168 0.05 48.66 18.68
N ASP B 169 -0.93 47.80 18.47
CA ASP B 169 -2.33 48.12 18.75
C ASP B 169 -2.81 47.79 20.14
N ARG B 170 -1.98 47.10 20.91
CA ARG B 170 -2.37 46.72 22.25
C ARG B 170 -3.59 45.79 22.15
N GLN B 171 -3.64 45.02 21.07
CA GLN B 171 -4.76 44.11 20.82
C GLN B 171 -4.40 42.64 20.59
N ASN B 172 -5.16 41.75 21.20
CA ASN B 172 -4.94 40.31 21.07
C ASN B 172 -5.10 39.84 19.62
N GLN B 173 -4.28 38.86 19.24
CA GLN B 173 -4.34 38.32 17.88
C GLN B 173 -4.68 36.83 17.88
N SER B 174 -5.02 36.34 16.69
CA SER B 174 -5.31 34.92 16.53
C SER B 174 -5.03 34.47 15.11
N LEU B 175 -4.46 33.28 14.98
CA LEU B 175 -4.20 32.67 13.68
C LEU B 175 -5.04 31.41 13.66
N LEU B 176 -5.88 31.30 12.65
CA LEU B 176 -6.77 30.17 12.49
C LEU B 176 -6.26 29.32 11.32
N ILE B 177 -5.82 28.10 11.62
CA ILE B 177 -5.32 27.22 10.59
C ILE B 177 -6.26 26.02 10.37
N THR B 178 -6.98 26.00 9.25
CA THR B 178 -7.88 24.87 8.95
C THR B 178 -7.51 24.21 7.63
N GLY B 179 -8.00 22.99 7.41
CA GLY B 179 -7.72 22.25 6.18
C GLY B 179 -8.01 20.78 6.36
N GLU B 180 -8.00 20.01 5.27
CA GLU B 180 -8.25 18.56 5.36
C GLU B 180 -7.18 17.87 6.20
N SER B 181 -7.41 16.60 6.48
CA SER B 181 -6.44 15.82 7.24
C SER B 181 -5.17 15.66 6.40
N GLY B 182 -4.02 15.97 7.00
CA GLY B 182 -2.75 15.85 6.33
C GLY B 182 -2.40 16.99 5.38
N ALA B 183 -3.14 18.07 5.49
CA ALA B 183 -2.92 19.25 4.66
C ALA B 183 -1.67 20.01 5.12
N GLY B 184 -1.32 19.86 6.39
CA GLY B 184 -0.14 20.52 6.93
C GLY B 184 -0.43 21.48 8.07
N LYS B 185 -1.64 21.40 8.64
CA LYS B 185 -2.05 22.28 9.73
C LYS B 185 -1.15 22.24 10.95
N THR B 186 -0.73 21.06 11.34
CA THR B 186 0.12 20.92 12.51
C THR B 186 1.54 21.39 12.28
N GLU B 187 2.06 21.14 11.08
CA GLU B 187 3.41 21.60 10.80
C GLU B 187 3.49 23.12 10.84
N ASN B 188 2.54 23.79 10.18
CA ASN B 188 2.52 25.26 10.18
C ASN B 188 2.30 25.81 11.58
N THR B 189 1.47 25.14 12.37
CA THR B 189 1.26 25.60 13.74
C THR B 189 2.62 25.55 14.45
N LYS B 190 3.44 24.53 14.17
CA LYS B 190 4.73 24.45 14.84
C LYS B 190 5.60 25.60 14.40
N LYS B 191 5.50 26.00 13.14
CA LYS B 191 6.30 27.11 12.65
C LYS B 191 5.89 28.42 13.32
N VAL B 192 4.58 28.70 13.34
CA VAL B 192 4.10 29.92 13.98
C VAL B 192 4.75 30.03 15.37
N ILE B 193 4.77 28.93 16.10
CA ILE B 193 5.34 28.94 17.44
C ILE B 193 6.87 29.06 17.46
N GLN B 194 7.51 28.37 16.53
CA GLN B 194 8.96 28.41 16.40
C GLN B 194 9.33 29.88 16.29
N TYR B 195 8.66 30.55 15.36
CA TYR B 195 8.87 31.96 15.07
C TYR B 195 8.56 32.86 16.26
N LEU B 196 7.42 32.66 16.90
CA LEU B 196 7.07 33.49 18.05
C LEU B 196 8.12 33.37 19.17
N ALA B 197 8.75 32.21 19.28
CA ALA B 197 9.79 32.02 20.29
C ALA B 197 11.04 32.82 19.94
N SER B 198 11.32 32.94 18.64
CA SER B 198 12.50 33.68 18.21
C SER B 198 12.37 35.18 18.46
N VAL B 199 11.25 35.78 18.02
CA VAL B 199 11.06 37.21 18.20
C VAL B 199 10.49 37.67 19.55
N ALA B 200 10.02 36.76 20.40
CA ALA B 200 9.46 37.21 21.67
C ALA B 200 9.92 36.45 22.90
N GLY B 201 10.74 35.44 22.70
CA GLY B 201 11.23 34.68 23.84
C GLY B 201 12.26 35.48 24.58
N ARG B 202 12.21 35.45 25.91
CA ARG B 202 13.19 36.16 26.70
C ARG B 202 14.53 35.61 26.28
N ASN B 203 15.14 36.27 25.29
CA ASN B 203 16.45 35.89 24.76
C ASN B 203 16.89 34.55 25.37
N GLN B 204 17.68 34.63 26.44
CA GLN B 204 18.16 33.43 27.14
C GLN B 204 18.96 33.86 28.37
N ALA B 205 18.25 34.30 29.40
CA ALA B 205 18.87 34.74 30.64
C ALA B 205 19.08 33.55 31.57
N ASN B 206 19.10 33.82 32.87
CA ASN B 206 19.29 32.80 33.90
C ASN B 206 18.44 31.57 33.59
N GLY B 207 17.25 31.53 34.17
CA GLY B 207 16.34 30.42 33.92
C GLY B 207 15.20 30.90 33.06
N SER B 208 15.43 32.02 32.38
CA SER B 208 14.45 32.63 31.50
C SER B 208 14.17 31.75 30.29
N GLY B 209 15.24 31.14 29.75
CA GLY B 209 15.09 30.27 28.59
C GLY B 209 14.60 28.89 28.99
N VAL B 210 13.73 28.85 29.99
CA VAL B 210 13.16 27.62 30.51
C VAL B 210 11.68 27.54 30.15
N LEU B 211 10.97 28.64 30.35
CA LEU B 211 9.56 28.68 30.02
C LEU B 211 9.39 28.24 28.57
N GLU B 212 10.04 28.94 27.65
CA GLU B 212 9.95 28.63 26.21
C GLU B 212 10.41 27.22 25.88
N GLN B 213 11.37 26.72 26.64
CA GLN B 213 11.89 25.38 26.43
C GLN B 213 10.75 24.38 26.71
N GLN B 214 9.91 24.75 27.68
CA GLN B 214 8.76 23.94 28.09
C GLN B 214 7.58 24.09 27.14
N ILE B 215 7.25 25.32 26.77
CA ILE B 215 6.15 25.58 25.86
C ILE B 215 6.36 24.75 24.60
N LEU B 216 7.62 24.62 24.19
CA LEU B 216 7.92 23.83 23.00
C LEU B 216 7.81 22.34 23.27
N GLN B 217 8.29 21.91 24.43
CA GLN B 217 8.27 20.50 24.78
C GLN B 217 6.88 19.89 25.00
N ALA B 218 5.88 20.75 25.19
CA ALA B 218 4.53 20.28 25.41
C ALA B 218 3.97 19.57 24.18
N ASN B 219 4.46 19.92 23.00
CA ASN B 219 3.96 19.30 21.79
C ASN B 219 4.23 17.80 21.74
N PRO B 220 5.50 17.40 21.89
CA PRO B 220 5.80 15.97 21.84
C PRO B 220 4.86 15.16 22.75
N ILE B 221 4.42 15.79 23.84
CA ILE B 221 3.54 15.11 24.78
C ILE B 221 2.16 14.88 24.22
N LEU B 222 1.47 15.96 23.88
CA LEU B 222 0.13 15.81 23.35
C LEU B 222 0.12 14.98 22.06
N GLU B 223 1.08 15.20 21.17
CA GLU B 223 1.10 14.43 19.92
C GLU B 223 1.28 12.95 20.19
N ALA B 224 1.95 12.62 21.28
CA ALA B 224 2.17 11.22 21.60
C ALA B 224 0.87 10.55 22.02
N PHE B 225 0.01 11.31 22.68
CA PHE B 225 -1.25 10.79 23.17
C PHE B 225 -2.44 11.15 22.32
N GLY B 226 -2.28 12.14 21.44
CA GLY B 226 -3.40 12.56 20.62
C GLY B 226 -3.29 12.39 19.13
N ASN B 227 -2.15 11.86 18.68
CA ASN B 227 -1.92 11.66 17.26
C ASN B 227 -1.82 10.17 16.93
N ALA B 228 -2.09 9.82 15.68
CA ALA B 228 -2.02 8.44 15.22
C ALA B 228 -1.92 8.37 13.70
N LYS B 229 -1.50 7.21 13.20
CA LYS B 229 -1.35 6.96 11.77
C LYS B 229 -2.67 6.54 11.15
N THR B 230 -3.14 7.30 10.17
CA THR B 230 -4.38 7.02 9.47
C THR B 230 -4.06 6.91 7.97
N THR B 231 -5.06 6.55 7.17
CA THR B 231 -4.88 6.41 5.72
C THR B 231 -4.52 7.73 5.09
N ARG B 232 -4.78 8.82 5.81
CA ARG B 232 -4.50 10.14 5.26
C ARG B 232 -3.23 10.83 5.76
N ASN B 233 -2.89 10.60 7.02
CA ASN B 233 -1.72 11.22 7.60
C ASN B 233 -1.07 10.22 8.56
N ASN B 234 0.24 10.04 8.45
CA ASN B 234 0.95 9.13 9.33
C ASN B 234 1.00 9.70 10.74
N ASN B 235 0.70 10.99 10.87
CA ASN B 235 0.72 11.67 12.16
C ASN B 235 -0.51 12.56 12.35
N SER B 236 -1.69 11.96 12.14
CA SER B 236 -2.95 12.67 12.25
C SER B 236 -3.32 13.07 13.66
N SER B 237 -3.66 14.34 13.83
CA SER B 237 -4.07 14.84 15.12
C SER B 237 -5.53 14.42 15.24
N GLU B 238 -5.81 13.56 16.22
CA GLU B 238 -7.17 13.08 16.43
C GLU B 238 -7.85 13.97 17.47
N PHE B 239 -7.54 15.27 17.39
CA PHE B 239 -8.13 16.24 18.29
C PHE B 239 -7.78 17.65 17.84
N GLY B 240 -8.69 18.58 18.10
CA GLY B 240 -8.46 19.96 17.72
C GLY B 240 -7.79 20.66 18.88
N LYS B 241 -7.09 21.75 18.60
CA LYS B 241 -6.42 22.47 19.67
C LYS B 241 -6.35 23.95 19.44
N PHE B 242 -6.29 24.69 20.55
CA PHE B 242 -6.19 26.13 20.54
C PHE B 242 -5.06 26.47 21.49
N ILE B 243 -3.96 26.92 20.92
CA ILE B 243 -2.78 27.30 21.69
C ILE B 243 -2.89 28.78 22.00
N GLU B 244 -2.45 29.17 23.18
CA GLU B 244 -2.48 30.57 23.55
C GLU B 244 -1.09 30.98 24.02
N ILE B 245 -0.38 31.77 23.22
CA ILE B 245 0.94 32.22 23.64
C ILE B 245 0.73 33.55 24.34
N GLN B 246 1.07 33.58 25.63
CA GLN B 246 0.90 34.78 26.48
C GLN B 246 2.15 35.64 26.59
N PHE B 247 2.01 36.94 26.31
CA PHE B 247 3.15 37.86 26.41
C PHE B 247 2.86 38.98 27.40
N ASN B 248 3.92 39.53 28.00
CA ASN B 248 3.75 40.62 28.94
C ASN B 248 3.79 41.95 28.19
N ASN B 249 3.54 43.02 28.95
CA ASN B 249 3.56 44.40 28.50
C ASN B 249 4.55 44.66 27.36
N ALA B 250 5.80 44.24 27.57
CA ALA B 250 6.90 44.43 26.64
C ALA B 250 6.96 43.49 25.41
N GLY B 251 6.08 42.50 25.35
CA GLY B 251 6.12 41.59 24.22
C GLY B 251 6.89 40.32 24.54
N PHE B 252 7.35 40.20 25.77
CA PHE B 252 8.07 39.01 26.17
C PHE B 252 7.09 37.86 26.39
N ILE B 253 7.44 36.67 25.93
CA ILE B 253 6.57 35.52 26.17
C ILE B 253 6.58 35.38 27.69
N SER B 254 5.43 35.06 28.27
CA SER B 254 5.33 34.93 29.71
C SER B 254 4.53 33.70 30.09
N GLY B 255 3.92 33.05 29.11
CA GLY B 255 3.15 31.86 29.38
C GLY B 255 2.51 31.26 28.15
N ALA B 256 1.78 30.17 28.35
CA ALA B 256 1.08 29.48 27.27
C ALA B 256 -0.03 28.61 27.88
N SER B 257 -1.14 28.49 27.16
CA SER B 257 -2.26 27.66 27.61
C SER B 257 -2.64 26.80 26.41
N ILE B 258 -3.33 25.70 26.67
CA ILE B 258 -3.75 24.79 25.61
C ILE B 258 -5.20 24.34 25.84
N GLN B 259 -5.88 23.98 24.75
CA GLN B 259 -7.24 23.49 24.84
C GLN B 259 -7.53 22.47 23.75
N SER B 260 -8.09 21.34 24.18
CA SER B 260 -8.43 20.23 23.29
C SER B 260 -9.90 20.18 22.91
N TYR B 261 -10.16 19.68 21.70
CA TYR B 261 -11.52 19.59 21.20
C TYR B 261 -11.78 18.26 20.49
N LEU B 262 -12.88 17.59 20.86
CA LEU B 262 -13.29 16.34 20.23
C LEU B 262 -12.23 15.24 20.02
N LEU B 263 -11.58 14.83 21.10
CA LEU B 263 -10.58 13.79 21.02
C LEU B 263 -11.28 12.49 20.63
N GLU B 264 -11.00 11.95 19.45
CA GLU B 264 -11.65 10.72 19.02
C GLU B 264 -11.33 9.47 19.85
N LYS B 265 -12.08 9.26 20.93
CA LYS B 265 -11.85 8.12 21.81
C LYS B 265 -12.11 6.73 21.18
N SER B 266 -12.97 6.66 20.17
CA SER B 266 -13.28 5.39 19.54
C SER B 266 -12.06 4.68 18.97
N ARG B 267 -11.02 5.44 18.66
CA ARG B 267 -9.81 4.86 18.08
C ARG B 267 -9.11 3.90 19.03
N VAL B 268 -9.20 4.14 20.33
CA VAL B 268 -8.52 3.27 21.27
C VAL B 268 -9.01 1.82 21.21
N VAL B 269 -10.26 1.62 20.84
CA VAL B 269 -10.80 0.27 20.77
C VAL B 269 -10.95 -0.28 19.36
N PHE B 270 -10.86 0.57 18.34
CA PHE B 270 -10.98 0.10 16.96
C PHE B 270 -10.20 0.95 15.96
N GLN B 271 -9.71 0.32 14.89
CA GLN B 271 -8.97 1.03 13.83
C GLN B 271 -9.15 0.32 12.51
N SER B 272 -9.33 1.08 11.43
CA SER B 272 -9.50 0.51 10.10
C SER B 272 -8.20 -0.10 9.58
N GLU B 273 -8.34 -0.90 8.54
CA GLU B 273 -7.20 -1.55 7.92
C GLU B 273 -6.18 -0.47 7.60
N THR B 274 -4.92 -0.72 7.97
CA THR B 274 -3.82 0.19 7.67
C THR B 274 -3.51 1.24 8.73
N GLU B 275 -4.50 1.63 9.51
CA GLU B 275 -4.29 2.65 10.53
C GLU B 275 -3.73 2.08 11.81
N ARG B 276 -3.36 2.96 12.74
CA ARG B 276 -2.85 2.55 14.04
C ARG B 276 -3.63 3.26 15.14
N ASN B 277 -3.39 2.83 16.37
CA ASN B 277 -3.99 3.40 17.54
C ASN B 277 -3.07 4.60 17.88
N TYR B 278 -3.41 5.36 18.91
CA TYR B 278 -2.58 6.49 19.29
C TYR B 278 -1.13 6.07 19.48
N HIS B 279 -0.21 6.93 19.10
CA HIS B 279 1.22 6.65 19.18
C HIS B 279 1.76 6.00 20.47
N ILE B 280 1.42 6.51 21.66
CA ILE B 280 2.00 5.95 22.88
C ILE B 280 1.90 4.46 23.03
N PHE B 281 0.81 3.87 22.58
CA PHE B 281 0.65 2.44 22.72
C PHE B 281 1.85 1.75 22.09
N TYR B 282 2.20 2.20 20.91
CA TYR B 282 3.32 1.63 20.20
C TYR B 282 4.67 2.03 20.80
N GLN B 283 4.78 3.27 21.28
CA GLN B 283 6.02 3.75 21.88
C GLN B 283 6.34 3.00 23.15
N LEU B 284 5.32 2.71 23.96
CA LEU B 284 5.54 1.99 25.21
C LEU B 284 6.10 0.60 24.97
N LEU B 285 5.32 -0.25 24.32
CA LEU B 285 5.74 -1.62 24.05
C LEU B 285 7.12 -1.70 23.42
N ALA B 286 7.48 -0.68 22.64
CA ALA B 286 8.76 -0.67 21.97
C ALA B 286 9.88 0.00 22.77
N GLY B 287 9.53 0.94 23.63
CA GLY B 287 10.57 1.62 24.37
C GLY B 287 10.70 1.24 25.82
N ALA B 288 9.84 0.37 26.31
CA ALA B 288 9.90 -0.05 27.72
C ALA B 288 11.19 -0.81 28.00
N THR B 289 11.80 -0.55 29.15
CA THR B 289 13.02 -1.28 29.53
C THR B 289 12.55 -2.66 29.99
N ALA B 290 13.40 -3.67 29.80
CA ALA B 290 13.07 -5.03 30.20
C ALA B 290 12.37 -5.15 31.57
N GLU B 291 12.72 -4.28 32.53
CA GLU B 291 12.10 -4.30 33.85
C GLU B 291 10.68 -3.78 33.74
N GLU B 292 10.55 -2.63 33.07
CA GLU B 292 9.25 -2.02 32.86
C GLU B 292 8.35 -3.01 32.12
N LYS B 293 8.93 -3.80 31.22
CA LYS B 293 8.15 -4.79 30.47
C LYS B 293 7.54 -5.85 31.39
N LYS B 294 8.33 -6.32 32.36
CA LYS B 294 7.87 -7.33 33.31
C LYS B 294 7.50 -6.68 34.64
N ALA B 295 6.67 -5.65 34.54
CA ALA B 295 6.18 -4.90 35.68
C ALA B 295 4.79 -4.47 35.24
N LEU B 296 4.62 -4.32 33.93
CA LEU B 296 3.35 -3.93 33.31
C LEU B 296 2.78 -5.11 32.50
N HIS B 297 3.49 -6.24 32.51
CA HIS B 297 3.06 -7.44 31.79
C HIS B 297 2.90 -7.16 30.29
N LEU B 298 3.85 -6.41 29.75
CA LEU B 298 3.81 -6.04 28.36
C LEU B 298 4.28 -7.15 27.44
N ALA B 299 3.91 -7.07 26.17
CA ALA B 299 4.30 -8.05 25.18
C ALA B 299 4.38 -7.36 23.82
N GLY B 300 4.42 -8.14 22.74
CA GLY B 300 4.49 -7.52 21.42
C GLY B 300 3.18 -6.88 21.01
N PRO B 301 3.23 -5.90 20.10
CA PRO B 301 2.05 -5.19 19.60
C PRO B 301 0.88 -6.12 19.26
N GLU B 302 1.12 -7.12 18.44
CA GLU B 302 0.04 -8.02 18.04
C GLU B 302 -0.52 -8.93 19.13
N SER B 303 0.01 -8.82 20.34
CA SER B 303 -0.52 -9.66 21.41
C SER B 303 -1.69 -8.96 22.11
N PHE B 304 -2.04 -7.77 21.62
CA PHE B 304 -3.15 -6.99 22.18
C PHE B 304 -4.23 -6.69 21.15
N ASN B 305 -5.48 -7.02 21.49
CA ASN B 305 -6.61 -6.81 20.59
C ASN B 305 -6.71 -5.40 20.05
N TYR B 306 -6.57 -4.42 20.93
CA TYR B 306 -6.65 -3.03 20.52
C TYR B 306 -5.52 -2.64 19.56
N LEU B 307 -4.50 -3.49 19.42
CA LEU B 307 -3.39 -3.16 18.56
C LEU B 307 -3.15 -4.05 17.37
N ASN B 308 -3.84 -5.19 17.31
CA ASN B 308 -3.62 -6.10 16.18
C ASN B 308 -4.87 -6.43 15.35
N GLN B 309 -5.64 -5.40 15.04
CA GLN B 309 -6.82 -5.58 14.23
C GLN B 309 -6.70 -4.87 12.89
N SER B 310 -5.71 -4.00 12.74
CA SER B 310 -5.54 -3.25 11.49
C SER B 310 -4.52 -3.83 10.51
N GLY B 311 -3.58 -4.62 11.04
CA GLY B 311 -2.56 -5.21 10.19
C GLY B 311 -1.33 -4.33 10.13
N CYS B 312 -1.45 -3.16 10.73
CA CYS B 312 -0.37 -2.21 10.76
C CYS B 312 0.11 -1.88 12.17
N VAL B 313 1.43 -1.91 12.34
CA VAL B 313 2.07 -1.61 13.62
C VAL B 313 3.30 -0.68 13.51
N ASP B 314 3.65 -0.26 12.29
CA ASP B 314 4.83 0.59 12.06
C ASP B 314 4.62 1.78 11.14
N ILE B 315 5.52 2.76 11.23
CA ILE B 315 5.45 3.95 10.40
C ILE B 315 6.76 4.22 9.66
N LYS B 316 6.65 4.57 8.38
CA LYS B 316 7.82 4.88 7.56
C LYS B 316 8.67 5.92 8.25
N GLY B 317 9.99 5.67 8.30
CA GLY B 317 10.93 6.59 8.90
C GLY B 317 10.85 6.85 10.41
N VAL B 318 9.89 6.24 11.10
CA VAL B 318 9.76 6.44 12.54
C VAL B 318 10.11 5.20 13.33
N SER B 319 10.78 5.40 14.46
CA SER B 319 11.19 4.35 15.38
C SER B 319 10.42 4.57 16.69
N ASP B 320 9.47 3.70 16.98
CA ASP B 320 8.69 3.88 18.20
C ASP B 320 9.54 3.92 19.48
N GLU B 321 10.77 3.42 19.45
CA GLU B 321 11.61 3.48 20.65
C GLU B 321 12.27 4.84 20.76
N ASP B 322 12.71 5.38 19.62
CA ASP B 322 13.33 6.70 19.60
C ASP B 322 12.28 7.70 20.14
N GLU B 323 11.06 7.59 19.62
CA GLU B 323 9.98 8.48 20.01
C GLU B 323 9.60 8.36 21.48
N PHE B 324 9.53 7.13 21.99
CA PHE B 324 9.20 6.95 23.39
C PHE B 324 10.20 7.73 24.25
N LYS B 325 11.48 7.61 23.96
CA LYS B 325 12.51 8.32 24.71
C LYS B 325 12.29 9.85 24.67
N ILE B 326 11.91 10.34 23.50
CA ILE B 326 11.64 11.76 23.29
C ILE B 326 10.46 12.21 24.13
N THR B 327 9.44 11.35 24.25
CA THR B 327 8.24 11.65 25.02
C THR B 327 8.53 11.71 26.52
N ARG B 328 9.29 10.73 27.00
CA ARG B 328 9.68 10.69 28.41
C ARG B 328 10.51 11.95 28.69
N GLN B 329 11.57 12.13 27.90
CA GLN B 329 12.46 13.28 28.03
C GLN B 329 11.69 14.61 28.03
N ALA B 330 10.67 14.72 27.18
CA ALA B 330 9.87 15.94 27.15
C ALA B 330 9.06 16.08 28.43
N MET B 331 8.57 14.97 28.96
CA MET B 331 7.77 14.98 30.17
C MET B 331 8.56 15.47 31.38
N ASP B 332 9.85 15.20 31.38
CA ASP B 332 10.72 15.66 32.46
C ASP B 332 10.78 17.19 32.38
N ILE B 333 11.19 17.69 31.22
CA ILE B 333 11.28 19.13 31.01
C ILE B 333 10.02 19.89 31.47
N VAL B 334 8.86 19.28 31.28
CA VAL B 334 7.61 19.93 31.65
C VAL B 334 7.25 19.78 33.13
N GLY B 335 7.76 18.76 33.78
CA GLY B 335 7.48 18.61 35.21
C GLY B 335 6.95 17.29 35.76
N PHE B 336 6.48 16.40 34.89
CA PHE B 336 5.95 15.13 35.36
C PHE B 336 7.02 14.36 36.17
N SER B 337 6.79 14.22 37.46
CA SER B 337 7.73 13.50 38.32
C SER B 337 7.86 12.08 37.83
N GLN B 338 8.87 11.35 38.31
CA GLN B 338 9.03 9.98 37.86
C GLN B 338 7.80 9.15 38.21
N GLU B 339 7.23 9.40 39.39
CA GLU B 339 6.05 8.66 39.84
C GLU B 339 4.91 8.78 38.84
N GLU B 340 4.51 10.03 38.58
CA GLU B 340 3.43 10.33 37.65
C GLU B 340 3.63 9.60 36.31
N GLN B 341 4.86 9.65 35.79
CA GLN B 341 5.16 9.04 34.51
C GLN B 341 4.88 7.54 34.44
N MET B 342 5.25 6.81 35.48
CA MET B 342 5.00 5.37 35.53
C MET B 342 3.50 5.12 35.71
N SER B 343 2.82 6.09 36.31
CA SER B 343 1.39 6.00 36.52
C SER B 343 0.68 6.10 35.18
N ILE B 344 1.19 7.00 34.34
CA ILE B 344 0.62 7.19 33.03
C ILE B 344 0.83 5.93 32.18
N PHE B 345 2.03 5.38 32.21
CA PHE B 345 2.32 4.18 31.42
C PHE B 345 1.54 2.96 31.92
N LYS B 346 1.26 2.93 33.22
CA LYS B 346 0.50 1.82 33.80
C LYS B 346 -0.94 1.88 33.33
N ILE B 347 -1.46 3.08 33.15
CA ILE B 347 -2.84 3.24 32.67
C ILE B 347 -2.91 2.82 31.20
N ILE B 348 -1.89 3.22 30.44
CA ILE B 348 -1.82 2.86 29.02
C ILE B 348 -1.72 1.34 28.94
N ALA B 349 -0.95 0.76 29.86
CA ALA B 349 -0.77 -0.69 29.89
C ALA B 349 -2.07 -1.38 30.25
N GLY B 350 -2.78 -0.82 31.22
CA GLY B 350 -4.03 -1.39 31.68
C GLY B 350 -5.06 -1.43 30.58
N ILE B 351 -5.24 -0.29 29.89
CA ILE B 351 -6.17 -0.19 28.78
C ILE B 351 -5.96 -1.34 27.83
N LEU B 352 -4.71 -1.57 27.49
CA LEU B 352 -4.30 -2.65 26.59
C LEU B 352 -4.76 -3.99 27.17
N HIS B 353 -4.49 -4.21 28.45
CA HIS B 353 -4.89 -5.44 29.10
C HIS B 353 -6.41 -5.62 29.08
N LEU B 354 -7.15 -4.55 29.38
CA LEU B 354 -8.60 -4.63 29.36
C LEU B 354 -9.04 -5.15 28.02
N GLY B 355 -8.34 -4.74 26.98
CA GLY B 355 -8.69 -5.16 25.63
C GLY B 355 -8.69 -6.66 25.46
N ASN B 356 -7.81 -7.34 26.18
CA ASN B 356 -7.69 -8.79 26.08
C ASN B 356 -8.70 -9.60 26.89
N ILE B 357 -9.33 -9.00 27.91
CA ILE B 357 -10.32 -9.73 28.70
C ILE B 357 -11.37 -10.26 27.72
N LYS B 358 -11.47 -11.58 27.62
CA LYS B 358 -12.42 -12.19 26.69
C LYS B 358 -13.69 -12.68 27.37
N PHE B 359 -14.82 -12.10 26.98
CA PHE B 359 -16.10 -12.48 27.55
C PHE B 359 -16.67 -13.56 26.67
N GLU B 360 -17.46 -14.46 27.26
CA GLU B 360 -18.04 -15.55 26.50
C GLU B 360 -19.35 -16.06 27.09
N LYS B 361 -20.22 -16.56 26.22
CA LYS B 361 -21.52 -17.09 26.62
C LYS B 361 -21.38 -17.91 27.89
N GLY B 362 -22.08 -17.49 28.93
CA GLY B 362 -22.00 -18.18 30.21
C GLY B 362 -22.81 -19.46 30.28
N ALA B 363 -22.70 -20.15 31.41
CA ALA B 363 -23.43 -21.39 31.65
C ALA B 363 -24.88 -21.24 31.19
N GLY B 364 -25.37 -19.99 31.23
CA GLY B 364 -26.71 -19.70 30.79
C GLY B 364 -26.70 -18.76 29.61
N GLU B 365 -27.40 -17.64 29.73
CA GLU B 365 -27.50 -16.65 28.66
C GLU B 365 -26.68 -15.39 28.96
N GLY B 366 -26.35 -15.19 30.24
CA GLY B 366 -25.56 -14.04 30.61
C GLY B 366 -24.13 -14.34 30.16
N ALA B 367 -23.15 -13.63 30.71
CA ALA B 367 -21.76 -13.85 30.32
C ALA B 367 -20.84 -14.21 31.48
N VAL B 368 -19.73 -14.88 31.16
CA VAL B 368 -18.78 -15.30 32.18
C VAL B 368 -17.34 -15.10 31.69
N LEU B 369 -16.39 -15.21 32.61
CA LEU B 369 -14.99 -15.04 32.25
C LEU B 369 -14.14 -16.25 32.64
N LYS B 370 -13.82 -17.08 31.65
CA LYS B 370 -13.02 -18.28 31.88
C LYS B 370 -11.56 -17.99 32.19
N ASP B 371 -10.88 -17.27 31.29
CA ASP B 371 -9.47 -16.93 31.50
C ASP B 371 -9.40 -15.62 32.27
N LYS B 372 -8.66 -15.60 33.38
CA LYS B 372 -8.54 -14.40 34.19
C LYS B 372 -7.18 -13.69 34.13
N THR B 373 -6.32 -14.08 33.20
CA THR B 373 -5.01 -13.48 33.07
C THR B 373 -5.08 -11.97 32.85
N ALA B 374 -5.74 -11.58 31.77
CA ALA B 374 -5.87 -10.17 31.43
C ALA B 374 -6.43 -9.39 32.61
N LEU B 375 -7.68 -9.66 32.96
CA LEU B 375 -8.35 -9.00 34.06
C LEU B 375 -7.41 -8.76 35.24
N ASN B 376 -6.73 -9.82 35.66
CA ASN B 376 -5.82 -9.68 36.78
C ASN B 376 -4.70 -8.71 36.51
N ALA B 377 -4.15 -8.79 35.30
CA ALA B 377 -3.06 -7.91 34.88
C ALA B 377 -3.53 -6.47 34.97
N ALA B 378 -4.68 -6.21 34.36
CA ALA B 378 -5.29 -4.87 34.35
C ALA B 378 -5.43 -4.35 35.76
N SER B 379 -6.04 -5.15 36.63
CA SER B 379 -6.25 -4.76 38.02
C SER B 379 -4.92 -4.40 38.70
N THR B 380 -3.91 -5.22 38.42
CA THR B 380 -2.58 -5.04 38.99
C THR B 380 -1.96 -3.66 38.74
N VAL B 381 -1.94 -3.23 37.48
CA VAL B 381 -1.37 -1.93 37.15
C VAL B 381 -2.29 -0.78 37.55
N PHE B 382 -3.59 -0.96 37.35
CA PHE B 382 -4.57 0.05 37.70
C PHE B 382 -4.61 0.30 39.21
N GLY B 383 -4.35 -0.75 39.98
CA GLY B 383 -4.38 -0.64 41.43
C GLY B 383 -5.78 -0.81 41.97
N VAL B 384 -6.49 -1.83 41.49
CA VAL B 384 -7.85 -2.08 41.96
C VAL B 384 -8.11 -3.57 42.17
N ASN B 385 -9.18 -3.89 42.89
CA ASN B 385 -9.51 -5.27 43.19
C ASN B 385 -10.12 -5.96 41.97
N PRO B 386 -9.42 -6.96 41.40
CA PRO B 386 -9.88 -7.71 40.22
C PRO B 386 -11.21 -8.37 40.57
N SER B 387 -11.43 -8.44 41.88
CA SER B 387 -12.62 -9.02 42.47
C SER B 387 -13.84 -8.17 42.08
N VAL B 388 -13.78 -6.87 42.37
CA VAL B 388 -14.87 -5.96 42.04
C VAL B 388 -14.88 -5.59 40.56
N LEU B 389 -13.69 -5.48 39.98
CA LEU B 389 -13.59 -5.13 38.58
C LEU B 389 -14.38 -6.14 37.78
N GLU B 390 -14.24 -7.41 38.15
CA GLU B 390 -14.94 -8.50 37.47
C GLU B 390 -16.46 -8.32 37.57
N LYS B 391 -16.92 -7.87 38.74
CA LYS B 391 -18.35 -7.66 38.96
C LYS B 391 -18.87 -6.40 38.26
N ALA B 392 -18.16 -5.28 38.45
CA ALA B 392 -18.56 -4.03 37.82
C ALA B 392 -18.72 -4.21 36.32
N LEU B 393 -17.84 -4.99 35.71
CA LEU B 393 -17.93 -5.20 34.28
C LEU B 393 -19.14 -6.07 33.91
N MET B 394 -19.16 -7.32 34.37
CA MET B 394 -20.24 -8.27 34.07
C MET B 394 -21.52 -8.17 34.90
N GLU B 395 -21.40 -7.93 36.20
CA GLU B 395 -22.57 -7.83 37.06
C GLU B 395 -22.71 -6.46 37.72
N PRO B 396 -23.01 -5.44 36.93
CA PRO B 396 -23.17 -4.10 37.45
C PRO B 396 -24.47 -3.94 38.23
N ARG B 397 -24.41 -3.15 39.29
CA ARG B 397 -25.59 -2.91 40.12
C ARG B 397 -26.36 -1.74 39.57
N ILE B 398 -27.61 -1.99 39.21
CA ILE B 398 -28.49 -0.97 38.69
C ILE B 398 -29.30 -0.46 39.89
N LEU B 399 -30.05 0.61 39.69
CA LEU B 399 -30.86 1.14 40.78
C LEU B 399 -32.35 1.03 40.45
N ALA B 400 -32.79 -0.20 40.19
CA ALA B 400 -34.18 -0.50 39.85
C ALA B 400 -35.08 -0.36 41.08
N GLY B 401 -36.13 0.44 40.94
CA GLY B 401 -37.03 0.67 42.06
C GLY B 401 -36.41 1.67 43.02
N ARG B 402 -35.84 1.15 44.10
CA ARG B 402 -35.19 1.98 45.12
C ARG B 402 -34.07 1.18 45.78
N ASP B 403 -33.81 0.00 45.20
CA ASP B 403 -32.77 -0.91 45.68
C ASP B 403 -31.65 -1.04 44.65
N LEU B 404 -30.63 -1.81 45.00
CA LEU B 404 -29.49 -2.04 44.12
C LEU B 404 -29.45 -3.50 43.66
N VAL B 405 -30.24 -3.82 42.66
CA VAL B 405 -30.28 -5.18 42.14
C VAL B 405 -29.26 -5.40 41.03
N ALA B 406 -28.22 -6.16 41.33
CA ALA B 406 -27.17 -6.43 40.36
C ALA B 406 -27.79 -7.02 39.11
N GLN B 407 -26.99 -7.23 38.07
CA GLN B 407 -27.49 -7.81 36.84
C GLN B 407 -26.48 -8.79 36.24
N HIS B 408 -26.73 -9.17 34.99
CA HIS B 408 -25.86 -10.09 34.30
C HIS B 408 -26.02 -9.73 32.84
N LEU B 409 -25.04 -9.02 32.30
CA LEU B 409 -25.09 -8.59 30.91
C LEU B 409 -24.74 -9.74 29.98
N ASN B 410 -25.30 -9.71 28.78
CA ASN B 410 -25.00 -10.75 27.80
C ASN B 410 -23.62 -10.39 27.23
N VAL B 411 -22.84 -11.40 26.88
CA VAL B 411 -21.49 -11.19 26.35
C VAL B 411 -21.33 -9.90 25.55
N GLU B 412 -22.30 -9.63 24.67
CA GLU B 412 -22.29 -8.45 23.83
C GLU B 412 -22.20 -7.13 24.62
N LYS B 413 -23.11 -6.95 25.58
CA LYS B 413 -23.17 -5.75 26.40
C LYS B 413 -22.07 -5.72 27.47
N SER B 414 -21.37 -6.84 27.61
CA SER B 414 -20.31 -6.93 28.60
C SER B 414 -19.07 -6.28 28.02
N SER B 415 -18.87 -6.49 26.73
CA SER B 415 -17.71 -5.95 26.02
C SER B 415 -17.85 -4.45 25.81
N SER B 416 -19.07 -4.02 25.54
CA SER B 416 -19.33 -2.61 25.33
C SER B 416 -18.97 -1.83 26.57
N SER B 417 -19.48 -2.28 27.71
CA SER B 417 -19.19 -1.60 28.97
C SER B 417 -17.67 -1.49 29.11
N ARG B 418 -16.96 -2.57 28.79
CA ARG B 418 -15.51 -2.59 28.88
C ARG B 418 -14.92 -1.60 27.87
N ASP B 419 -15.53 -1.51 26.70
CA ASP B 419 -15.05 -0.58 25.70
C ASP B 419 -15.34 0.84 26.16
N ALA B 420 -16.35 0.99 27.01
CA ALA B 420 -16.75 2.29 27.53
C ALA B 420 -15.78 2.74 28.61
N LEU B 421 -15.35 1.79 29.42
CA LEU B 421 -14.41 2.09 30.50
C LEU B 421 -13.09 2.56 29.87
N VAL B 422 -12.60 1.80 28.89
CA VAL B 422 -11.37 2.12 28.20
C VAL B 422 -11.38 3.55 27.68
N LYS B 423 -12.44 3.91 26.95
CA LYS B 423 -12.56 5.26 26.39
C LYS B 423 -12.66 6.32 27.48
N ALA B 424 -13.40 6.02 28.54
CA ALA B 424 -13.54 6.96 29.63
C ALA B 424 -12.16 7.18 30.21
N LEU B 425 -11.44 6.07 30.42
CA LEU B 425 -10.09 6.10 30.96
C LEU B 425 -9.15 6.90 30.07
N TYR B 426 -9.29 6.73 28.76
CA TYR B 426 -8.40 7.45 27.86
C TYR B 426 -8.71 8.93 27.79
N GLY B 427 -10.00 9.27 27.68
CA GLY B 427 -10.38 10.67 27.60
C GLY B 427 -9.97 11.46 28.84
N ARG B 428 -10.14 10.86 30.01
CA ARG B 428 -9.79 11.54 31.24
C ARG B 428 -8.27 11.72 31.42
N LEU B 429 -7.50 10.73 31.02
CA LEU B 429 -6.05 10.82 31.09
C LEU B 429 -5.58 11.98 30.21
N PHE B 430 -6.04 12.01 28.96
CA PHE B 430 -5.66 13.08 28.06
C PHE B 430 -6.03 14.43 28.66
N LEU B 431 -7.29 14.57 29.02
CA LEU B 431 -7.79 15.81 29.62
C LEU B 431 -6.91 16.18 30.82
N TRP B 432 -6.47 15.16 31.56
CA TRP B 432 -5.61 15.34 32.74
C TRP B 432 -4.22 15.82 32.33
N LEU B 433 -3.63 15.18 31.33
CA LEU B 433 -2.31 15.57 30.87
C LEU B 433 -2.32 17.05 30.52
N VAL B 434 -3.40 17.45 29.86
CA VAL B 434 -3.58 18.82 29.42
C VAL B 434 -3.56 19.82 30.57
N LYS B 435 -4.43 19.60 31.56
CA LYS B 435 -4.49 20.48 32.72
C LYS B 435 -3.13 20.56 33.38
N LYS B 436 -2.45 19.43 33.47
CA LYS B 436 -1.14 19.38 34.09
C LYS B 436 -0.14 20.25 33.32
N ILE B 437 -0.26 20.24 32.00
CA ILE B 437 0.63 21.03 31.18
C ILE B 437 0.26 22.50 31.37
N ASN B 438 -1.04 22.77 31.49
CA ASN B 438 -1.51 24.13 31.69
C ASN B 438 -1.14 24.70 33.06
N ASN B 439 -0.93 23.84 34.05
CA ASN B 439 -0.57 24.27 35.39
C ASN B 439 0.81 24.89 35.40
N VAL B 440 1.71 24.26 34.65
CA VAL B 440 3.08 24.72 34.54
C VAL B 440 3.27 25.93 33.64
N LEU B 441 2.52 25.98 32.55
CA LEU B 441 2.65 27.04 31.56
C LEU B 441 1.76 28.25 31.70
N CYS B 442 0.55 28.07 32.21
CA CYS B 442 -0.37 29.20 32.30
C CYS B 442 -0.12 30.17 33.45
N SER B 443 -0.53 31.41 33.22
CA SER B 443 -0.39 32.50 34.18
C SER B 443 -1.61 33.40 34.00
N GLU B 444 -2.30 33.73 35.09
CA GLU B 444 -3.48 34.58 35.00
C GLU B 444 -3.15 36.03 34.60
N ARG B 445 -1.89 36.43 34.75
CA ARG B 445 -1.50 37.78 34.37
C ARG B 445 -0.80 37.78 33.03
N LYS B 446 -1.56 38.06 32.01
CA LYS B 446 -1.05 38.13 30.64
C LYS B 446 -1.40 39.47 30.00
N ALA B 447 -0.41 40.23 29.62
CA ALA B 447 -0.69 41.52 29.03
C ALA B 447 -1.52 41.32 27.78
N TYR B 448 -1.04 40.45 26.89
CA TYR B 448 -1.78 40.16 25.66
C TYR B 448 -1.58 38.71 25.29
N PHE B 449 -2.18 38.30 24.18
CA PHE B 449 -2.02 36.95 23.70
C PHE B 449 -2.32 36.78 22.22
N ILE B 450 -1.59 35.86 21.61
CA ILE B 450 -1.83 35.49 20.22
C ILE B 450 -2.24 34.02 20.29
N GLY B 451 -3.45 33.72 19.84
CA GLY B 451 -3.92 32.35 19.90
C GLY B 451 -3.87 31.68 18.54
N VAL B 452 -3.36 30.46 18.48
CA VAL B 452 -3.29 29.73 17.23
C VAL B 452 -4.29 28.58 17.25
N LEU B 453 -5.19 28.53 16.29
CA LEU B 453 -6.22 27.47 16.23
C LEU B 453 -5.88 26.41 15.20
N ASP B 454 -5.51 25.23 15.67
CA ASP B 454 -5.14 24.12 14.81
C ASP B 454 -6.32 23.17 14.83
N ILE B 455 -7.17 23.25 13.82
CA ILE B 455 -8.35 22.41 13.78
C ILE B 455 -8.74 22.03 12.36
N SER B 456 -9.47 20.93 12.23
CA SER B 456 -9.92 20.40 10.95
C SER B 456 -10.96 21.28 10.26
N GLY B 457 -11.10 21.13 8.95
CA GLY B 457 -12.11 21.90 8.24
C GLY B 457 -13.38 21.07 8.08
N PHE B 458 -14.28 21.50 7.19
CA PHE B 458 -15.54 20.78 6.95
C PHE B 458 -15.34 19.33 6.57
N GLU B 459 -15.88 18.39 7.34
CA GLU B 459 -15.75 16.98 7.00
C GLU B 459 -17.01 16.42 6.34
N ILE B 460 -16.81 15.68 5.25
CA ILE B 460 -17.90 15.08 4.51
C ILE B 460 -17.48 13.70 4.02
N PHE B 461 -17.64 12.71 4.89
CA PHE B 461 -17.27 11.34 4.59
C PHE B 461 -18.45 10.52 4.06
N LYS B 462 -18.16 9.28 3.68
CA LYS B 462 -19.17 8.36 3.17
C LYS B 462 -20.26 8.31 4.23
N VAL B 463 -19.85 8.03 5.47
CA VAL B 463 -20.76 7.96 6.59
C VAL B 463 -20.37 9.00 7.63
N ASN B 464 -21.26 9.96 7.87
CA ASN B 464 -21.04 11.02 8.83
C ASN B 464 -21.92 10.78 10.04
N SER B 465 -21.35 10.97 11.24
CA SER B 465 -22.09 10.76 12.48
C SER B 465 -22.08 12.03 13.31
N PHE B 466 -22.28 11.88 14.62
CA PHE B 466 -22.34 13.01 15.53
C PHE B 466 -21.07 13.85 15.57
N GLU B 467 -19.92 13.19 15.69
CA GLU B 467 -18.63 13.86 15.71
C GLU B 467 -18.53 14.80 14.51
N GLN B 468 -18.87 14.31 13.32
CA GLN B 468 -18.81 15.16 12.13
C GLN B 468 -19.69 16.39 12.28
N LEU B 469 -20.85 16.22 12.89
CA LEU B 469 -21.73 17.37 13.06
C LEU B 469 -21.05 18.39 13.97
N CYS B 470 -20.45 17.94 15.07
CA CYS B 470 -19.77 18.88 15.95
C CYS B 470 -18.70 19.67 15.22
N ILE B 471 -18.01 19.01 14.29
CA ILE B 471 -16.96 19.66 13.53
C ILE B 471 -17.47 20.58 12.42
N ASN B 472 -18.56 20.19 11.77
CA ASN B 472 -19.11 21.02 10.71
C ASN B 472 -19.83 22.24 11.25
N TYR B 473 -20.37 22.10 12.46
CA TYR B 473 -21.08 23.18 13.13
C TYR B 473 -20.01 24.21 13.47
N THR B 474 -18.90 23.73 14.04
CA THR B 474 -17.78 24.59 14.43
C THR B 474 -17.25 25.38 13.24
N ASN B 475 -17.12 24.73 12.08
CA ASN B 475 -16.64 25.42 10.91
C ASN B 475 -17.71 26.34 10.35
N GLU B 476 -18.94 26.22 10.82
CA GLU B 476 -19.98 27.11 10.34
C GLU B 476 -19.74 28.44 11.02
N LYS B 477 -19.49 28.37 12.32
CA LYS B 477 -19.21 29.57 13.09
C LYS B 477 -17.97 30.28 12.55
N LEU B 478 -16.87 29.54 12.43
CA LEU B 478 -15.61 30.09 11.95
C LEU B 478 -15.72 30.71 10.56
N GLN B 479 -16.48 30.09 9.66
CA GLN B 479 -16.65 30.65 8.32
C GLN B 479 -17.49 31.93 8.37
N GLN B 480 -18.34 32.04 9.38
CA GLN B 480 -19.20 33.22 9.55
C GLN B 480 -18.38 34.32 10.22
N PHE B 481 -17.36 33.92 10.99
CA PHE B 481 -16.45 34.85 11.67
C PHE B 481 -15.54 35.45 10.61
N PHE B 482 -15.16 34.62 9.65
CA PHE B 482 -14.31 35.08 8.57
C PHE B 482 -15.04 36.10 7.72
N ASN B 483 -16.21 35.72 7.22
CA ASN B 483 -16.98 36.63 6.37
C ASN B 483 -17.24 37.99 7.01
N HIS B 484 -17.40 38.03 8.33
CA HIS B 484 -17.61 39.30 9.02
C HIS B 484 -16.32 40.12 8.98
N HIS B 485 -15.19 39.44 9.08
CA HIS B 485 -13.90 40.12 9.06
C HIS B 485 -13.51 40.54 7.64
N MET B 486 -14.00 39.82 6.63
CA MET B 486 -13.68 40.14 5.24
C MET B 486 -14.48 41.33 4.74
N PHE B 487 -15.75 41.39 5.14
CA PHE B 487 -16.64 42.47 4.76
C PHE B 487 -16.07 43.76 5.38
N LYS B 488 -15.76 43.68 6.67
CA LYS B 488 -15.22 44.81 7.41
C LYS B 488 -13.96 45.38 6.77
N VAL B 489 -12.98 44.53 6.48
CA VAL B 489 -11.74 44.99 5.87
C VAL B 489 -11.91 45.49 4.42
N GLU B 490 -12.81 44.88 3.66
CA GLU B 490 -13.00 45.33 2.28
C GLU B 490 -13.53 46.74 2.14
N GLN B 491 -14.44 47.15 3.01
CA GLN B 491 -14.98 48.50 2.93
C GLN B 491 -13.93 49.51 3.40
N GLU B 492 -12.99 49.05 4.22
CA GLU B 492 -11.93 49.91 4.71
C GLU B 492 -11.04 50.37 3.57
N GLU B 493 -10.71 49.45 2.67
CA GLU B 493 -9.86 49.76 1.53
C GLU B 493 -10.52 50.73 0.57
N TYR B 494 -11.84 50.62 0.41
CA TYR B 494 -12.57 51.50 -0.48
C TYR B 494 -12.80 52.88 0.14
N LEU B 495 -13.10 52.91 1.45
CA LEU B 495 -13.34 54.19 2.12
C LEU B 495 -12.07 55.02 2.11
N LYS B 496 -10.97 54.42 2.53
CA LYS B 496 -9.67 55.07 2.48
C LYS B 496 -9.51 55.00 0.99
N GLU B 497 -8.59 55.75 0.39
CA GLU B 497 -8.45 55.66 -1.06
C GLU B 497 -9.67 56.34 -1.70
N LYS B 498 -10.72 56.49 -0.89
CA LYS B 498 -11.99 57.12 -1.26
C LYS B 498 -12.72 56.69 -2.52
N ILE B 499 -13.06 55.42 -2.62
CA ILE B 499 -13.81 54.94 -3.78
C ILE B 499 -15.22 54.59 -3.35
N ASN B 500 -16.20 55.26 -3.94
CA ASN B 500 -17.59 55.03 -3.59
C ASN B 500 -18.02 53.69 -4.16
N TRP B 501 -18.11 52.71 -3.28
CA TRP B 501 -18.50 51.36 -3.67
C TRP B 501 -19.10 50.61 -2.50
N THR B 502 -20.27 50.03 -2.72
CA THR B 502 -20.93 49.30 -1.66
C THR B 502 -21.07 47.81 -1.95
N PHE B 503 -20.55 47.00 -1.03
CA PHE B 503 -20.63 45.54 -1.16
C PHE B 503 -21.83 45.02 -0.37
N ILE B 504 -22.19 43.76 -0.63
CA ILE B 504 -23.31 43.13 0.07
C ILE B 504 -22.74 42.39 1.30
N ASP B 505 -23.61 41.97 2.20
CA ASP B 505 -23.18 41.26 3.41
C ASP B 505 -23.20 39.74 3.24
N PHE B 506 -23.82 39.26 2.15
CA PHE B 506 -23.93 37.84 1.78
C PHE B 506 -24.28 36.78 2.84
N GLY B 507 -24.24 37.15 4.12
CA GLY B 507 -24.55 36.20 5.18
C GLY B 507 -25.99 36.20 5.63
N LEU B 508 -26.81 35.36 5.00
CA LEU B 508 -28.22 35.25 5.33
C LEU B 508 -28.63 33.79 5.56
N ASP B 509 -27.73 32.87 5.26
CA ASP B 509 -28.02 31.46 5.42
C ASP B 509 -26.97 30.75 6.28
N SER B 510 -25.98 31.50 6.74
CA SER B 510 -24.95 30.93 7.61
C SER B 510 -25.63 30.77 8.95
N GLN B 511 -26.53 31.70 9.26
CA GLN B 511 -27.29 31.66 10.49
C GLN B 511 -28.33 30.56 10.32
N ALA B 512 -28.88 30.48 9.11
CA ALA B 512 -29.88 29.47 8.79
C ALA B 512 -29.37 28.08 9.10
N THR B 513 -28.11 27.81 8.79
CA THR B 513 -27.54 26.50 9.07
C THR B 513 -27.15 26.41 10.54
N ILE B 514 -26.66 27.51 11.10
CA ILE B 514 -26.25 27.52 12.49
C ILE B 514 -27.45 27.24 13.38
N ASP B 515 -28.51 27.99 13.15
CA ASP B 515 -29.73 27.86 13.93
C ASP B 515 -30.37 26.49 13.79
N LEU B 516 -30.45 25.99 12.56
CA LEU B 516 -31.00 24.66 12.31
C LEU B 516 -30.28 23.64 13.22
N ILE B 517 -29.05 23.97 13.61
CA ILE B 517 -28.24 23.10 14.45
C ILE B 517 -28.32 23.46 15.94
N ASP B 518 -27.90 24.67 16.30
CA ASP B 518 -27.92 25.08 17.70
C ASP B 518 -29.11 25.92 18.10
N GLY B 519 -30.16 25.90 17.28
CA GLY B 519 -31.35 26.66 17.60
C GLY B 519 -32.12 26.18 18.83
N ARG B 520 -32.72 27.13 19.55
CA ARG B 520 -33.50 26.82 20.74
C ARG B 520 -34.99 26.96 20.44
N GLN B 521 -35.39 28.10 19.91
CA GLN B 521 -36.79 28.33 19.59
C GLN B 521 -36.93 28.96 18.21
N PRO B 522 -37.35 28.16 17.20
CA PRO B 522 -37.65 26.73 17.34
C PRO B 522 -36.41 25.91 17.67
N PRO B 523 -36.59 24.74 18.30
CA PRO B 523 -35.48 23.88 18.66
C PRO B 523 -34.68 23.32 17.47
N GLY B 524 -33.35 23.42 17.59
CA GLY B 524 -32.48 22.92 16.55
C GLY B 524 -32.16 21.46 16.80
N ILE B 525 -31.48 20.84 15.85
CA ILE B 525 -31.14 19.43 15.99
C ILE B 525 -30.56 19.08 17.36
N LEU B 526 -29.68 19.92 17.91
CA LEU B 526 -29.09 19.63 19.20
C LEU B 526 -30.10 19.72 20.35
N ALA B 527 -31.07 20.62 20.23
CA ALA B 527 -32.09 20.77 21.27
C ALA B 527 -32.97 19.54 21.31
N LEU B 528 -33.34 19.05 20.13
CA LEU B 528 -34.17 17.86 20.05
C LEU B 528 -33.40 16.61 20.47
N LEU B 529 -32.07 16.66 20.43
CA LEU B 529 -31.23 15.52 20.82
C LEU B 529 -31.02 15.53 22.35
N ASP B 530 -31.00 16.71 22.95
CA ASP B 530 -30.84 16.82 24.40
C ASP B 530 -32.12 16.30 25.03
N GLU B 531 -33.26 16.76 24.50
CA GLU B 531 -34.58 16.37 24.97
C GLU B 531 -34.75 14.86 24.84
N GLN B 532 -34.81 14.42 23.59
CA GLN B 532 -34.97 13.02 23.24
C GLN B 532 -34.04 12.14 24.07
N SER B 533 -32.87 12.67 24.42
CA SER B 533 -31.86 11.95 25.19
C SER B 533 -32.26 11.74 26.65
N VAL B 534 -33.37 12.34 27.06
CA VAL B 534 -33.84 12.22 28.44
C VAL B 534 -35.34 11.88 28.50
N PHE B 535 -35.80 11.16 27.49
CA PHE B 535 -37.19 10.74 27.37
C PHE B 535 -37.11 9.22 27.47
N PRO B 536 -37.73 8.63 28.50
CA PRO B 536 -37.70 7.17 28.67
C PRO B 536 -37.97 6.39 27.39
N ASN B 537 -37.23 5.30 27.22
CA ASN B 537 -37.35 4.41 26.06
C ASN B 537 -37.08 5.04 24.71
N ALA B 538 -36.61 6.28 24.70
CA ALA B 538 -36.29 6.95 23.45
C ALA B 538 -35.24 6.12 22.70
N THR B 539 -35.42 5.91 21.40
CA THR B 539 -34.45 5.13 20.65
C THR B 539 -33.91 5.95 19.50
N ASP B 540 -32.87 5.43 18.85
CA ASP B 540 -32.27 6.16 17.74
C ASP B 540 -33.32 6.43 16.68
N ASN B 541 -34.06 5.40 16.31
CA ASN B 541 -35.07 5.56 15.28
C ASN B 541 -36.23 6.45 15.72
N THR B 542 -36.26 6.77 17.01
CA THR B 542 -37.30 7.63 17.56
C THR B 542 -36.88 9.08 17.39
N LEU B 543 -35.57 9.32 17.43
CA LEU B 543 -35.02 10.67 17.27
C LEU B 543 -35.02 11.12 15.81
N ILE B 544 -34.70 10.20 14.90
CA ILE B 544 -34.68 10.48 13.47
C ILE B 544 -36.08 10.85 13.00
N THR B 545 -37.10 10.25 13.60
CA THR B 545 -38.48 10.51 13.22
C THR B 545 -38.89 11.89 13.73
N LYS B 546 -38.49 12.20 14.96
CA LYS B 546 -38.81 13.49 15.57
C LYS B 546 -38.16 14.59 14.75
N LEU B 547 -36.95 14.32 14.27
CA LEU B 547 -36.19 15.28 13.48
C LEU B 547 -36.89 15.55 12.17
N HIS B 548 -37.50 14.51 11.62
CA HIS B 548 -38.20 14.62 10.36
C HIS B 548 -39.49 15.44 10.44
N SER B 549 -40.22 15.32 11.54
CA SER B 549 -41.47 16.07 11.67
C SER B 549 -41.24 17.45 12.27
N HIS B 550 -40.00 17.93 12.19
CA HIS B 550 -39.69 19.24 12.71
C HIS B 550 -39.00 20.06 11.66
N PHE B 551 -38.41 19.37 10.70
CA PHE B 551 -37.68 20.10 9.66
C PHE B 551 -37.96 19.61 8.25
N SER B 552 -38.26 18.33 8.10
CA SER B 552 -38.51 17.80 6.76
C SER B 552 -39.62 18.54 6.04
N LYS B 553 -39.31 19.02 4.85
CA LYS B 553 -40.25 19.78 4.04
C LYS B 553 -40.64 21.04 4.79
N LYS B 554 -39.62 21.68 5.35
CA LYS B 554 -39.83 22.96 6.08
C LYS B 554 -38.54 23.80 6.03
N ASN B 555 -37.71 23.71 7.07
CA ASN B 555 -36.43 24.35 7.06
C ASN B 555 -35.69 23.95 5.77
N ALA B 556 -35.44 24.92 4.89
CA ALA B 556 -34.80 24.68 3.60
C ALA B 556 -33.38 24.14 3.64
N LYS B 557 -32.82 24.02 4.84
CA LYS B 557 -31.46 23.49 4.98
C LYS B 557 -31.50 22.02 5.37
N TYR B 558 -32.67 21.57 5.85
CA TYR B 558 -32.88 20.19 6.28
C TYR B 558 -33.42 19.36 5.13
N GLU B 559 -33.25 18.05 5.20
CA GLU B 559 -33.73 17.17 4.15
C GLU B 559 -33.87 15.70 4.56
N GLU B 560 -34.99 15.09 4.17
CA GLU B 560 -35.26 13.69 4.49
C GLU B 560 -35.03 12.80 3.27
N PRO B 561 -33.97 11.99 3.29
CA PRO B 561 -33.74 11.11 2.14
C PRO B 561 -34.99 10.26 1.87
N ARG B 562 -35.17 9.85 0.62
CA ARG B 562 -36.33 9.05 0.26
C ARG B 562 -36.06 7.57 0.49
N PHE B 563 -34.81 7.15 0.30
CA PHE B 563 -34.48 5.75 0.50
C PHE B 563 -34.10 5.40 1.92
N SER B 564 -33.22 6.19 2.53
CA SER B 564 -32.78 5.89 3.88
C SER B 564 -33.77 6.29 4.96
N LYS B 565 -33.92 5.41 5.94
CA LYS B 565 -34.83 5.64 7.04
C LYS B 565 -34.01 6.09 8.23
N THR B 566 -32.73 5.72 8.20
CA THR B 566 -31.76 6.03 9.26
C THR B 566 -30.94 7.30 9.05
N GLU B 567 -31.00 7.87 7.84
CA GLU B 567 -30.24 9.08 7.53
C GLU B 567 -31.09 10.34 7.40
N PHE B 568 -30.39 11.47 7.43
CA PHE B 568 -30.99 12.80 7.28
C PHE B 568 -29.87 13.76 6.81
N GLY B 569 -30.20 14.76 6.01
CA GLY B 569 -29.18 15.67 5.52
C GLY B 569 -29.36 17.15 5.79
N VAL B 570 -28.24 17.83 6.07
CA VAL B 570 -28.27 19.26 6.29
C VAL B 570 -27.28 19.91 5.32
N THR B 571 -27.70 21.05 4.78
CA THR B 571 -26.91 21.82 3.83
C THR B 571 -25.96 22.75 4.54
N HIS B 572 -24.68 22.40 4.50
CA HIS B 572 -23.63 23.21 5.13
C HIS B 572 -22.99 24.14 4.11
N TYR B 573 -22.16 25.05 4.61
CA TYR B 573 -21.43 25.99 3.76
C TYR B 573 -20.69 25.28 2.62
N ALA B 574 -20.23 24.05 2.88
CA ALA B 574 -19.48 23.25 1.91
C ALA B 574 -20.28 22.22 1.10
N GLY B 575 -21.59 22.18 1.27
CA GLY B 575 -22.39 21.21 0.52
C GLY B 575 -23.25 20.32 1.40
N GLN B 576 -24.13 19.54 0.77
CA GLN B 576 -25.00 18.66 1.54
C GLN B 576 -24.24 17.55 2.25
N VAL B 577 -24.54 17.41 3.53
CA VAL B 577 -23.92 16.40 4.36
C VAL B 577 -24.99 15.46 4.91
N MET B 578 -24.88 14.17 4.58
CA MET B 578 -25.84 13.19 5.06
C MET B 578 -25.36 12.60 6.39
N TYR B 579 -26.16 12.75 7.43
CA TYR B 579 -25.82 12.24 8.77
C TYR B 579 -26.60 10.99 9.23
N GLU B 580 -25.86 9.95 9.62
CA GLU B 580 -26.44 8.70 10.10
C GLU B 580 -26.82 8.87 11.58
N ILE B 581 -28.07 8.52 11.92
CA ILE B 581 -28.58 8.68 13.28
C ILE B 581 -28.09 7.63 14.29
N GLN B 582 -27.76 6.45 13.80
CA GLN B 582 -27.32 5.38 14.66
C GLN B 582 -26.33 5.78 15.77
N ASP B 583 -26.63 5.36 17.00
CA ASP B 583 -25.78 5.61 18.17
C ASP B 583 -25.75 7.04 18.73
N TRP B 584 -26.43 7.97 18.09
CA TRP B 584 -26.39 9.34 18.61
C TRP B 584 -26.86 9.48 20.04
N LEU B 585 -27.96 8.82 20.39
CA LEU B 585 -28.49 8.91 21.75
C LEU B 585 -27.49 8.41 22.78
N GLU B 586 -26.66 7.45 22.38
CA GLU B 586 -25.65 6.90 23.27
C GLU B 586 -24.44 7.83 23.31
N LYS B 587 -24.07 8.38 22.16
CA LYS B 587 -22.93 9.29 22.11
C LYS B 587 -23.21 10.56 22.93
N ASN B 588 -24.39 11.13 22.72
CA ASN B 588 -24.76 12.35 23.44
C ASN B 588 -24.88 12.15 24.93
N LYS B 589 -25.06 10.90 25.34
CA LYS B 589 -25.18 10.60 26.75
C LYS B 589 -23.85 10.07 27.30
N ASP B 590 -23.10 9.36 26.45
CA ASP B 590 -21.80 8.81 26.83
C ASP B 590 -21.80 8.19 28.24
N PRO B 591 -22.49 7.06 28.39
CA PRO B 591 -22.60 6.38 29.68
C PRO B 591 -21.41 5.58 30.16
N LEU B 592 -21.44 5.22 31.43
CA LEU B 592 -20.40 4.43 32.08
C LEU B 592 -20.96 3.87 33.38
N GLN B 593 -21.20 2.55 33.42
CA GLN B 593 -21.72 1.92 34.63
C GLN B 593 -21.14 2.55 35.90
N GLN B 594 -22.01 2.98 36.81
CA GLN B 594 -21.62 3.60 38.07
C GLN B 594 -20.74 2.69 38.93
N ASP B 595 -20.97 1.38 38.86
CA ASP B 595 -20.17 0.45 39.65
C ASP B 595 -18.70 0.51 39.22
N LEU B 596 -18.46 0.78 37.93
CA LEU B 596 -17.10 0.88 37.40
C LEU B 596 -16.46 2.16 37.89
N GLU B 597 -17.27 3.12 38.31
CA GLU B 597 -16.77 4.38 38.86
C GLU B 597 -16.24 4.07 40.26
N LEU B 598 -17.06 3.38 41.04
CA LEU B 598 -16.70 3.01 42.40
C LEU B 598 -15.42 2.16 42.46
N CYS B 599 -15.34 1.13 41.62
CA CYS B 599 -14.17 0.27 41.59
C CYS B 599 -12.89 1.05 41.45
N PHE B 600 -12.91 2.05 40.57
CA PHE B 600 -11.72 2.87 40.36
C PHE B 600 -11.58 4.05 41.34
N LYS B 601 -12.71 4.56 41.83
CA LYS B 601 -12.66 5.68 42.76
C LYS B 601 -11.72 5.29 43.89
N ASP B 602 -11.76 4.02 44.24
CA ASP B 602 -10.93 3.47 45.30
C ASP B 602 -9.67 2.84 44.73
N SER B 603 -8.98 3.61 43.89
CA SER B 603 -7.76 3.12 43.29
C SER B 603 -6.64 3.51 44.21
N SER B 604 -5.63 2.65 44.26
CA SER B 604 -4.46 2.89 45.08
C SER B 604 -3.48 3.82 44.38
N ASP B 605 -3.65 3.97 43.05
CA ASP B 605 -2.78 4.82 42.23
C ASP B 605 -3.15 6.30 42.30
N ASN B 606 -2.12 7.13 42.47
CA ASN B 606 -2.27 8.59 42.58
C ASN B 606 -2.98 9.24 41.41
N VAL B 607 -2.56 8.92 40.20
CA VAL B 607 -3.17 9.47 39.02
C VAL B 607 -4.59 8.94 38.82
N VAL B 608 -4.75 7.62 38.81
CA VAL B 608 -6.05 6.99 38.63
C VAL B 608 -7.11 7.62 39.51
N THR B 609 -6.71 7.98 40.73
CA THR B 609 -7.62 8.60 41.68
C THR B 609 -8.11 9.94 41.15
N LYS B 610 -7.18 10.79 40.74
CA LYS B 610 -7.55 12.10 40.22
C LYS B 610 -8.58 11.96 39.11
N LEU B 611 -8.37 10.99 38.23
CA LEU B 611 -9.26 10.76 37.10
C LEU B 611 -10.69 10.34 37.46
N PHE B 612 -10.89 9.81 38.66
CA PHE B 612 -12.22 9.36 39.06
C PHE B 612 -12.86 10.11 40.22
N ASN B 613 -12.03 10.81 40.99
CA ASN B 613 -12.49 11.57 42.14
C ASN B 613 -12.66 13.07 41.86
N ASP B 614 -11.70 13.67 41.16
CA ASP B 614 -11.78 15.11 40.80
C ASP B 614 -12.89 15.29 39.77
N PRO B 615 -13.99 15.95 40.17
CA PRO B 615 -15.16 16.22 39.32
C PRO B 615 -14.85 17.03 38.07
N ASN B 616 -13.70 17.70 38.08
CA ASN B 616 -13.25 18.53 36.95
C ASN B 616 -12.82 17.69 35.75
N ILE B 617 -12.54 16.42 36.02
CA ILE B 617 -12.10 15.50 34.98
C ILE B 617 -13.17 14.46 34.69
N ALA B 618 -13.63 13.78 35.74
CA ALA B 618 -14.63 12.74 35.63
C ALA B 618 -16.05 13.16 35.26
N SER B 619 -16.35 14.46 35.25
CA SER B 619 -17.71 14.88 34.92
C SER B 619 -17.79 16.02 33.91
N ARG B 620 -18.89 16.05 33.17
CA ARG B 620 -19.12 17.10 32.18
C ARG B 620 -19.39 18.42 32.91
N ALA B 621 -20.32 18.36 33.85
CA ALA B 621 -20.74 19.49 34.66
C ALA B 621 -22.17 19.18 35.06
N LYS B 622 -22.48 19.34 36.35
CA LYS B 622 -23.81 19.04 36.86
C LYS B 622 -24.63 20.28 37.17
N LYS B 623 -25.78 20.38 36.50
CA LYS B 623 -26.71 21.48 36.70
C LYS B 623 -27.38 21.23 38.05
N GLY B 624 -27.07 20.06 38.61
CA GLY B 624 -27.64 19.65 39.88
C GLY B 624 -28.77 18.70 39.59
N ALA B 625 -29.86 19.24 39.04
CA ALA B 625 -31.04 18.45 38.69
C ALA B 625 -30.69 17.42 37.61
N ASN B 626 -29.70 17.76 36.78
CA ASN B 626 -29.26 16.87 35.72
C ASN B 626 -27.83 17.21 35.31
N PHE B 627 -27.33 16.47 34.32
CA PHE B 627 -25.98 16.66 33.82
C PHE B 627 -26.03 17.33 32.45
N ILE B 628 -24.88 17.79 32.00
CA ILE B 628 -24.77 18.42 30.70
C ILE B 628 -24.49 17.33 29.68
N THR B 629 -25.24 17.33 28.57
CA THR B 629 -25.00 16.33 27.54
C THR B 629 -23.69 16.67 26.83
N VAL B 630 -23.17 15.71 26.08
CA VAL B 630 -21.93 15.91 25.35
C VAL B 630 -22.15 17.05 24.38
N ALA B 631 -23.32 17.08 23.77
CA ALA B 631 -23.66 18.11 22.81
C ALA B 631 -23.67 19.49 23.47
N ALA B 632 -24.25 19.58 24.66
CA ALA B 632 -24.31 20.83 25.40
C ALA B 632 -22.92 21.26 25.79
N GLN B 633 -22.16 20.31 26.36
CA GLN B 633 -20.79 20.57 26.79
C GLN B 633 -20.00 21.15 25.63
N TYR B 634 -20.15 20.53 24.46
CA TYR B 634 -19.43 21.01 23.31
C TYR B 634 -19.93 22.40 22.99
N LYS B 635 -21.25 22.52 22.91
CA LYS B 635 -21.85 23.80 22.58
C LYS B 635 -21.24 24.92 23.41
N GLU B 636 -20.99 24.66 24.69
CA GLU B 636 -20.42 25.72 25.52
C GLU B 636 -18.95 25.97 25.23
N GLN B 637 -18.19 24.92 24.92
CA GLN B 637 -16.77 25.07 24.64
C GLN B 637 -16.51 25.83 23.35
N LEU B 638 -17.38 25.63 22.37
CA LEU B 638 -17.23 26.34 21.11
C LEU B 638 -17.58 27.77 21.39
N ALA B 639 -18.59 27.97 22.24
CA ALA B 639 -19.03 29.32 22.61
C ALA B 639 -17.90 30.07 23.30
N SER B 640 -17.19 29.39 24.19
CA SER B 640 -16.09 30.01 24.90
C SER B 640 -14.97 30.42 23.94
N LEU B 641 -14.77 29.60 22.92
CA LEU B 641 -13.74 29.83 21.91
C LEU B 641 -14.10 31.02 21.03
N MET B 642 -15.30 30.99 20.44
CA MET B 642 -15.73 32.08 19.59
C MET B 642 -15.73 33.37 20.39
N ALA B 643 -15.93 33.23 21.70
CA ALA B 643 -15.94 34.38 22.59
C ALA B 643 -14.53 34.99 22.58
N THR B 644 -13.51 34.17 22.82
CA THR B 644 -12.13 34.64 22.84
C THR B 644 -11.69 35.17 21.47
N LEU B 645 -12.02 34.43 20.42
CA LEU B 645 -11.63 34.82 19.07
C LEU B 645 -12.18 36.16 18.63
N GLU B 646 -13.28 36.58 19.25
CA GLU B 646 -13.90 37.85 18.88
C GLU B 646 -13.33 39.03 19.66
N THR B 647 -12.29 38.76 20.43
CA THR B 647 -11.61 39.79 21.21
C THR B 647 -10.20 39.85 20.63
N THR B 648 -10.09 39.46 19.37
CA THR B 648 -8.79 39.42 18.69
C THR B 648 -8.83 39.88 17.24
N ASN B 649 -7.67 40.26 16.73
CA ASN B 649 -7.53 40.63 15.33
C ASN B 649 -7.15 39.27 14.76
N PRO B 650 -7.88 38.80 13.75
CA PRO B 650 -7.60 37.49 13.15
C PRO B 650 -6.77 37.44 11.86
N HIS B 651 -6.11 36.31 11.66
CA HIS B 651 -5.30 36.03 10.46
C HIS B 651 -5.70 34.61 10.04
N PHE B 652 -6.11 34.43 8.78
CA PHE B 652 -6.56 33.12 8.31
C PHE B 652 -5.64 32.38 7.37
N VAL B 653 -5.30 31.14 7.74
CA VAL B 653 -4.43 30.31 6.92
C VAL B 653 -5.22 29.10 6.42
N ARG B 654 -5.12 28.80 5.13
CA ARG B 654 -5.82 27.65 4.57
C ARG B 654 -4.89 26.58 4.03
N CYS B 655 -4.86 25.42 4.68
CA CYS B 655 -4.01 24.33 4.24
C CYS B 655 -4.71 23.46 3.20
N ILE B 656 -3.97 23.09 2.16
CA ILE B 656 -4.50 22.29 1.07
C ILE B 656 -3.57 21.10 0.85
N ILE B 657 -4.15 19.93 0.58
CA ILE B 657 -3.33 18.75 0.33
C ILE B 657 -3.21 18.62 -1.19
N PRO B 658 -1.98 18.49 -1.69
CA PRO B 658 -1.80 18.39 -3.15
C PRO B 658 -2.46 17.22 -3.85
N ASN B 659 -2.64 16.11 -3.14
CA ASN B 659 -3.22 14.89 -3.70
C ASN B 659 -3.57 13.94 -2.56
N ASN B 660 -3.99 12.72 -2.90
CA ASN B 660 -4.35 11.74 -1.87
C ASN B 660 -3.33 10.64 -1.78
N LYS B 661 -2.12 10.90 -2.24
CA LYS B 661 -1.08 9.88 -2.21
C LYS B 661 0.20 10.30 -1.47
N GLN B 662 0.12 11.35 -0.65
CA GLN B 662 1.27 11.80 0.12
C GLN B 662 2.59 11.80 -0.67
N LEU B 663 2.51 12.23 -1.92
CA LEU B 663 3.69 12.26 -2.79
C LEU B 663 4.07 13.70 -3.16
N PRO B 664 5.36 13.95 -3.43
CA PRO B 664 5.71 15.33 -3.80
C PRO B 664 5.49 15.54 -5.30
N ALA B 665 5.60 16.78 -5.74
CA ALA B 665 5.44 17.14 -7.15
C ALA B 665 4.21 16.60 -7.88
N LYS B 666 3.09 16.44 -7.19
CA LYS B 666 1.87 15.96 -7.84
C LYS B 666 0.62 16.72 -7.42
N LEU B 667 0.53 17.98 -7.81
CA LEU B 667 -0.63 18.81 -7.49
C LEU B 667 -1.71 18.33 -8.45
N GLU B 668 -2.88 17.98 -7.92
CA GLU B 668 -3.97 17.48 -8.76
C GLU B 668 -5.22 18.35 -8.70
N ASP B 669 -5.61 18.83 -9.88
CA ASP B 669 -6.78 19.70 -10.06
C ASP B 669 -8.06 19.27 -9.33
N LYS B 670 -8.45 18.01 -9.49
CA LYS B 670 -9.66 17.51 -8.86
C LYS B 670 -9.63 17.70 -7.36
N VAL B 671 -8.58 17.16 -6.74
CA VAL B 671 -8.39 17.22 -5.31
C VAL B 671 -8.32 18.62 -4.73
N VAL B 672 -7.41 19.43 -5.27
CA VAL B 672 -7.21 20.80 -4.80
C VAL B 672 -8.45 21.66 -4.97
N LEU B 673 -8.92 21.80 -6.20
CA LEU B 673 -10.09 22.62 -6.47
C LEU B 673 -11.21 22.36 -5.48
N ASP B 674 -11.53 21.08 -5.24
CA ASP B 674 -12.59 20.75 -4.31
C ASP B 674 -12.37 21.47 -2.99
N GLN B 675 -11.16 21.35 -2.44
CA GLN B 675 -10.83 22.00 -1.18
C GLN B 675 -11.00 23.52 -1.31
N LEU B 676 -10.47 24.09 -2.38
CA LEU B 676 -10.59 25.54 -2.59
C LEU B 676 -12.05 25.94 -2.64
N ARG B 677 -12.88 25.02 -3.12
CA ARG B 677 -14.30 25.26 -3.24
C ARG B 677 -15.03 25.18 -1.89
N CYS B 678 -14.44 24.50 -0.92
CA CYS B 678 -15.07 24.36 0.39
C CYS B 678 -14.47 25.20 1.51
N ASN B 679 -13.16 25.45 1.47
CA ASN B 679 -12.52 26.23 2.53
C ASN B 679 -12.76 27.74 2.46
N GLY B 680 -13.65 28.16 1.56
CA GLY B 680 -13.99 29.56 1.43
C GLY B 680 -13.11 30.44 0.56
N VAL B 681 -12.16 29.84 -0.15
CA VAL B 681 -11.27 30.60 -0.99
C VAL B 681 -11.92 30.95 -2.34
N LEU B 682 -12.54 29.96 -2.97
CA LEU B 682 -13.18 30.24 -4.24
C LEU B 682 -14.35 31.19 -4.04
N GLU B 683 -15.07 31.02 -2.94
CA GLU B 683 -16.20 31.90 -2.65
C GLU B 683 -15.68 33.31 -2.58
N GLY B 684 -14.75 33.54 -1.64
CA GLY B 684 -14.17 34.86 -1.46
C GLY B 684 -13.81 35.50 -2.80
N ILE B 685 -13.24 34.71 -3.70
CA ILE B 685 -12.85 35.18 -5.02
C ILE B 685 -14.05 35.55 -5.86
N ARG B 686 -15.18 34.88 -5.60
CA ARG B 686 -16.42 35.16 -6.33
C ARG B 686 -16.92 36.53 -5.89
N ILE B 687 -16.82 36.80 -4.60
CA ILE B 687 -17.25 38.07 -4.06
C ILE B 687 -16.25 39.17 -4.43
N THR B 688 -14.96 38.91 -4.25
CA THR B 688 -13.92 39.88 -4.58
C THR B 688 -14.01 40.27 -6.05
N ARG B 689 -14.47 39.33 -6.85
CA ARG B 689 -14.63 39.55 -8.27
C ARG B 689 -15.76 40.54 -8.57
N LYS B 690 -16.63 40.77 -7.59
CA LYS B 690 -17.76 41.68 -7.79
C LYS B 690 -17.42 43.15 -7.89
N GLY B 691 -16.56 43.64 -7.00
CA GLY B 691 -16.20 45.05 -7.04
C GLY B 691 -15.02 45.40 -7.94
N PHE B 692 -13.95 45.88 -7.31
CA PHE B 692 -12.75 46.26 -8.04
C PHE B 692 -11.53 45.52 -7.50
N PRO B 693 -11.33 44.28 -7.98
CA PRO B 693 -10.25 43.35 -7.63
C PRO B 693 -8.83 43.90 -7.79
N ASN B 694 -8.52 44.33 -9.01
CA ASN B 694 -7.20 44.84 -9.33
C ASN B 694 -7.01 46.32 -9.02
N ARG B 695 -6.05 46.63 -8.16
CA ARG B 695 -5.76 48.01 -7.79
C ARG B 695 -4.24 48.30 -7.85
N ILE B 696 -3.82 49.03 -8.87
CA ILE B 696 -2.41 49.35 -9.08
C ILE B 696 -2.07 50.80 -8.76
N ILE B 697 -0.87 51.03 -8.21
CA ILE B 697 -0.38 52.37 -7.90
C ILE B 697 -0.27 53.11 -9.24
N TYR B 698 -0.64 54.38 -9.30
CA TYR B 698 -0.56 55.14 -10.56
C TYR B 698 0.81 55.08 -11.25
N ALA B 699 1.84 55.52 -10.56
CA ALA B 699 3.16 55.51 -11.15
C ALA B 699 3.55 54.12 -11.61
N ASP B 700 3.02 53.09 -10.96
CA ASP B 700 3.35 51.72 -11.36
C ASP B 700 2.68 51.32 -12.67
N PHE B 701 1.50 51.87 -12.91
CA PHE B 701 0.70 51.58 -14.10
C PHE B 701 1.37 52.19 -15.33
N VAL B 702 1.78 53.46 -15.19
CA VAL B 702 2.44 54.19 -16.28
C VAL B 702 3.78 53.57 -16.65
N LYS B 703 4.53 53.18 -15.63
CA LYS B 703 5.83 52.59 -15.84
C LYS B 703 5.73 51.38 -16.78
N ARG B 704 4.53 50.80 -16.88
CA ARG B 704 4.35 49.62 -17.74
C ARG B 704 3.50 49.76 -18.98
N TYR B 705 2.46 50.58 -18.93
CA TYR B 705 1.58 50.71 -20.10
C TYR B 705 1.66 52.06 -20.78
N TYR B 706 2.76 52.78 -20.58
CA TYR B 706 2.90 54.08 -21.20
C TYR B 706 2.89 53.97 -22.71
N LEU B 707 3.60 52.97 -23.25
CA LEU B 707 3.67 52.75 -24.69
C LEU B 707 2.31 52.60 -25.35
N LEU B 708 1.26 52.48 -24.57
CA LEU B 708 -0.05 52.32 -25.15
C LEU B 708 -0.67 53.65 -25.55
N ALA B 709 -0.30 54.73 -24.89
CA ALA B 709 -0.83 56.04 -25.24
C ALA B 709 0.29 56.88 -25.85
N PRO B 710 0.05 57.42 -27.05
CA PRO B 710 1.06 58.25 -27.75
C PRO B 710 1.71 59.41 -26.97
N ASN B 711 3.03 59.46 -27.07
CA ASN B 711 3.86 60.49 -26.44
C ASN B 711 3.83 60.61 -24.93
N VAL B 712 3.51 59.52 -24.23
CA VAL B 712 3.47 59.52 -22.76
C VAL B 712 4.75 58.82 -22.33
N PRO B 713 5.55 59.48 -21.48
CA PRO B 713 6.83 58.94 -20.98
C PRO B 713 6.72 57.87 -19.90
N ARG B 714 7.73 57.00 -19.80
CA ARG B 714 7.74 55.96 -18.78
C ARG B 714 7.54 56.63 -17.43
N ASP B 715 8.03 57.86 -17.30
CA ASP B 715 7.84 58.62 -16.07
C ASP B 715 6.76 59.63 -16.37
N ALA B 716 6.68 60.63 -15.52
CA ALA B 716 5.69 61.69 -15.67
C ALA B 716 5.56 62.23 -14.27
N GLU B 717 5.65 63.54 -14.12
CA GLU B 717 5.52 64.10 -12.79
C GLU B 717 4.10 63.77 -12.35
N ASP B 718 3.17 63.74 -13.30
CA ASP B 718 1.77 63.43 -13.00
C ASP B 718 1.36 62.04 -13.50
N SER B 719 1.46 61.07 -12.61
CA SER B 719 1.11 59.70 -12.95
C SER B 719 -0.37 59.52 -13.32
N GLN B 720 -1.26 60.29 -12.67
CA GLN B 720 -2.70 60.17 -12.94
C GLN B 720 -3.11 60.60 -14.35
N LYS B 721 -2.63 61.75 -14.80
CA LYS B 721 -2.94 62.22 -16.14
C LYS B 721 -2.48 61.16 -17.13
N ALA B 722 -1.28 60.63 -16.89
CA ALA B 722 -0.70 59.63 -17.78
C ALA B 722 -1.59 58.40 -17.81
N THR B 723 -2.03 57.95 -16.65
CA THR B 723 -2.91 56.79 -16.56
C THR B 723 -4.14 57.07 -17.43
N ASP B 724 -4.75 58.23 -17.21
CA ASP B 724 -5.93 58.60 -17.98
C ASP B 724 -5.66 58.63 -19.50
N ALA B 725 -4.55 59.23 -19.90
CA ALA B 725 -4.21 59.30 -21.30
C ALA B 725 -4.12 57.90 -21.89
N VAL B 726 -3.83 56.90 -21.07
CA VAL B 726 -3.76 55.54 -21.60
C VAL B 726 -5.16 54.92 -21.67
N LEU B 727 -5.97 55.15 -20.65
CA LEU B 727 -7.33 54.61 -20.64
C LEU B 727 -8.17 55.20 -21.78
N LYS B 728 -8.10 56.51 -21.95
CA LYS B 728 -8.84 57.18 -23.02
C LYS B 728 -8.37 56.65 -24.37
N HIS B 729 -7.07 56.70 -24.61
CA HIS B 729 -6.59 56.23 -25.90
C HIS B 729 -7.00 54.81 -26.24
N LEU B 730 -7.08 53.94 -25.24
CA LEU B 730 -7.46 52.55 -25.51
C LEU B 730 -8.98 52.49 -25.52
N ASN B 731 -9.58 53.65 -25.29
CA ASN B 731 -11.04 53.73 -25.29
C ASN B 731 -11.60 52.71 -24.30
N ILE B 732 -11.72 53.12 -23.04
CA ILE B 732 -12.20 52.23 -22.00
C ILE B 732 -13.29 52.88 -21.15
N ASP B 733 -14.34 52.10 -20.93
CA ASP B 733 -15.52 52.49 -20.17
C ASP B 733 -15.26 52.81 -18.69
N PRO B 734 -15.25 54.11 -18.32
CA PRO B 734 -15.02 54.58 -16.95
C PRO B 734 -15.84 53.94 -15.83
N GLU B 735 -16.62 52.92 -16.18
CA GLU B 735 -17.43 52.20 -15.20
C GLU B 735 -16.59 50.97 -14.84
N GLN B 736 -15.60 50.69 -15.69
CA GLN B 736 -14.68 49.57 -15.52
C GLN B 736 -13.50 49.91 -14.62
N TYR B 737 -13.41 51.17 -14.20
CA TYR B 737 -12.36 51.56 -13.29
C TYR B 737 -12.81 52.71 -12.40
N ARG B 738 -11.97 53.09 -11.46
CA ARG B 738 -12.27 54.17 -10.54
C ARG B 738 -10.98 54.80 -10.08
N PHE B 739 -10.84 56.11 -10.25
CA PHE B 739 -9.63 56.74 -9.82
C PHE B 739 -9.58 56.82 -8.32
N GLY B 740 -8.61 56.13 -7.74
CA GLY B 740 -8.47 56.16 -6.30
C GLY B 740 -7.60 57.37 -6.02
N ILE B 741 -7.31 57.61 -4.75
CA ILE B 741 -6.47 58.73 -4.38
C ILE B 741 -4.99 58.37 -4.59
N THR B 742 -4.65 57.12 -4.35
CA THR B 742 -3.28 56.67 -4.46
C THR B 742 -3.10 55.68 -5.63
N LYS B 743 -4.13 54.88 -5.90
CA LYS B 743 -4.06 53.89 -6.97
C LYS B 743 -5.35 53.79 -7.80
N ILE B 744 -5.24 53.21 -9.00
CA ILE B 744 -6.34 53.08 -9.94
C ILE B 744 -7.02 51.71 -9.82
N PHE B 745 -8.34 51.69 -9.60
CA PHE B 745 -9.11 50.43 -9.44
C PHE B 745 -9.70 49.90 -10.72
N PHE B 746 -9.61 48.59 -10.91
CA PHE B 746 -10.16 47.95 -12.12
C PHE B 746 -11.10 46.81 -11.78
N ARG B 747 -12.04 46.57 -12.68
CA ARG B 747 -12.99 45.49 -12.49
C ARG B 747 -12.39 44.22 -13.10
N ALA B 748 -12.86 43.07 -12.66
CA ALA B 748 -12.37 41.79 -13.14
C ALA B 748 -12.25 41.83 -14.65
N GLY B 749 -11.20 41.22 -15.18
CA GLY B 749 -10.96 41.16 -16.61
C GLY B 749 -10.38 42.39 -17.30
N GLN B 750 -10.51 43.57 -16.70
CA GLN B 750 -9.99 44.78 -17.34
C GLN B 750 -8.46 44.92 -17.44
N LEU B 751 -7.76 44.79 -16.32
CA LEU B 751 -6.32 44.92 -16.36
C LEU B 751 -5.69 43.95 -17.36
N ALA B 752 -6.38 42.83 -17.60
CA ALA B 752 -5.88 41.80 -18.50
C ALA B 752 -6.01 42.26 -19.93
N ARG B 753 -7.16 42.82 -20.26
CA ARG B 753 -7.39 43.30 -21.61
C ARG B 753 -6.28 44.29 -21.91
N ILE B 754 -6.00 45.16 -20.95
CA ILE B 754 -4.94 46.13 -21.14
C ILE B 754 -3.61 45.40 -21.36
N GLU B 755 -3.27 44.46 -20.48
CA GLU B 755 -2.03 43.72 -20.65
C GLU B 755 -1.98 42.98 -22.01
N GLU B 756 -3.14 42.60 -22.52
CA GLU B 756 -3.23 41.91 -23.80
C GLU B 756 -2.88 42.87 -24.93
N ALA B 757 -3.09 44.17 -24.68
CA ALA B 757 -2.76 45.20 -25.64
C ALA B 757 -1.24 45.44 -25.60
N ARG B 758 -0.65 45.34 -24.41
CA ARG B 758 0.78 45.54 -24.33
C ARG B 758 1.38 44.42 -25.13
N GLU B 759 0.86 43.22 -24.92
CA GLU B 759 1.35 42.05 -25.64
C GLU B 759 1.32 42.29 -27.14
N GLN B 760 0.15 42.69 -27.63
CA GLN B 760 -0.02 42.91 -29.06
C GLN B 760 0.85 44.00 -29.67
N ARG B 761 1.17 45.05 -28.93
CA ARG B 761 2.03 46.06 -29.51
C ARG B 761 3.39 45.39 -29.68
N LEU B 762 3.90 44.79 -28.61
CA LEU B 762 5.19 44.12 -28.69
C LEU B 762 5.20 43.12 -29.84
N GLY B 763 4.06 42.48 -30.06
CA GLY B 763 3.94 41.51 -31.15
C GLY B 763 4.02 42.20 -32.51
N SER B 764 3.24 43.27 -32.66
CA SER B 764 3.23 44.06 -33.88
C SER B 764 4.67 44.42 -34.17
N GLU B 765 5.27 45.18 -33.28
CA GLU B 765 6.64 45.62 -33.42
C GLU B 765 7.56 44.48 -33.90
N GLN B 766 7.31 43.27 -33.43
CA GLN B 766 8.15 42.15 -33.80
C GLN B 766 7.83 41.65 -35.20
N THR B 767 6.55 41.60 -35.52
CA THR B 767 6.12 41.19 -36.87
C THR B 767 6.73 42.16 -37.86
N LYS B 768 6.56 43.45 -37.57
CA LYS B 768 7.07 44.52 -38.40
C LYS B 768 8.57 44.36 -38.61
N SER B 769 9.21 43.66 -37.71
CA SER B 769 10.65 43.49 -37.85
C SER B 769 10.99 42.23 -38.65
N ASP B 770 10.22 41.17 -38.45
CA ASP B 770 10.44 39.90 -39.15
C ASP B 770 10.23 40.16 -40.65
N TYR B 771 9.21 40.96 -40.95
CA TYR B 771 8.86 41.32 -42.32
C TYR B 771 10.05 41.92 -43.05
N LEU B 772 10.51 43.08 -42.60
CA LEU B 772 11.65 43.70 -43.25
C LEU B 772 12.82 42.74 -43.43
N LYS B 773 13.13 41.98 -42.39
CA LYS B 773 14.24 41.03 -42.46
C LYS B 773 14.02 40.01 -43.58
N ARG B 774 12.77 39.66 -43.83
CA ARG B 774 12.44 38.69 -44.87
C ARG B 774 12.24 39.33 -46.24
N ALA B 775 11.76 40.57 -46.26
CA ALA B 775 11.54 41.27 -47.51
C ALA B 775 12.88 41.62 -48.14
N ASN B 776 13.66 42.45 -47.45
CA ASN B 776 14.97 42.85 -47.96
C ASN B 776 15.78 41.66 -48.47
N GLU B 777 15.73 40.56 -47.73
CA GLU B 777 16.46 39.39 -48.13
C GLU B 777 15.88 38.87 -49.45
N LEU B 778 14.56 38.85 -49.53
CA LEU B 778 13.84 38.39 -50.72
C LEU B 778 14.21 39.19 -51.96
N VAL B 779 14.00 40.50 -51.91
CA VAL B 779 14.32 41.34 -53.04
C VAL B 779 15.79 41.23 -53.44
N GLN B 780 16.69 41.38 -52.48
CA GLN B 780 18.11 41.25 -52.80
C GLN B 780 18.32 39.94 -53.55
N TRP B 781 17.52 38.91 -53.26
CA TRP B 781 17.67 37.65 -53.97
C TRP B 781 17.07 37.72 -55.37
N ILE B 782 15.86 38.26 -55.46
CA ILE B 782 15.19 38.39 -56.73
C ILE B 782 16.08 39.20 -57.66
N ASN B 783 16.51 40.37 -57.21
CA ASN B 783 17.39 41.23 -57.99
C ASN B 783 18.58 40.49 -58.59
N ASP B 784 19.21 39.64 -57.80
CA ASP B 784 20.37 38.90 -58.24
C ASP B 784 20.11 37.79 -59.25
N LYS B 785 18.97 37.11 -59.14
CA LYS B 785 18.69 36.05 -60.10
C LYS B 785 18.46 36.68 -61.46
N GLN B 786 17.83 37.85 -61.44
CA GLN B 786 17.53 38.56 -62.68
C GLN B 786 18.81 38.97 -63.38
N ALA B 787 19.70 39.65 -62.66
CA ALA B 787 20.96 40.08 -63.24
C ALA B 787 21.70 38.85 -63.74
N SER B 788 21.41 37.71 -63.13
CA SER B 788 22.01 36.45 -63.51
C SER B 788 21.43 36.03 -64.86
N LEU B 789 20.13 35.77 -64.84
CA LEU B 789 19.37 35.36 -66.03
C LEU B 789 19.59 36.22 -67.26
N GLU B 790 19.71 37.53 -67.08
CA GLU B 790 19.89 38.42 -68.23
C GLU B 790 21.24 38.27 -68.92
N SER B 791 22.12 37.45 -68.36
CA SER B 791 23.42 37.20 -68.97
C SER B 791 23.22 36.38 -70.25
N ARG B 792 24.06 36.58 -71.25
CA ARG B 792 23.94 35.86 -72.51
C ARG B 792 25.16 35.07 -72.98
N ASP B 793 26.06 34.76 -72.06
CA ASP B 793 27.25 33.99 -72.43
C ASP B 793 27.05 32.52 -72.07
N PHE B 794 26.47 31.77 -73.00
CA PHE B 794 26.20 30.36 -72.78
C PHE B 794 27.24 29.42 -73.38
N GLY B 795 28.48 29.85 -73.43
CA GLY B 795 29.49 28.88 -73.87
C GLY B 795 29.43 28.57 -75.37
N ASP B 796 29.93 27.40 -75.85
CA ASP B 796 30.06 27.29 -77.39
C ASP B 796 29.62 26.17 -78.27
N SER B 797 29.39 25.04 -77.68
CA SER B 797 28.93 23.89 -78.46
C SER B 797 27.54 23.58 -77.98
N ILE B 798 27.00 22.40 -78.26
CA ILE B 798 25.72 22.06 -77.71
C ILE B 798 25.85 21.98 -76.17
N GLU B 799 26.63 21.00 -75.73
CA GLU B 799 26.86 20.76 -74.31
C GLU B 799 26.73 22.00 -73.44
N SER B 800 27.53 23.01 -73.73
CA SER B 800 27.48 24.25 -72.98
C SER B 800 26.03 24.72 -72.81
N VAL B 801 25.42 25.11 -73.94
CA VAL B 801 24.05 25.59 -73.98
C VAL B 801 23.04 24.62 -73.36
N GLN B 802 23.25 23.34 -73.58
CA GLN B 802 22.34 22.34 -73.05
C GLN B 802 22.38 22.31 -71.52
N SER B 803 23.57 22.54 -70.95
CA SER B 803 23.70 22.53 -69.49
C SER B 803 22.92 23.69 -68.92
N PHE B 804 23.02 24.87 -69.54
CA PHE B 804 22.28 26.04 -69.08
C PHE B 804 20.77 25.77 -69.14
N MET B 805 20.34 24.93 -70.08
CA MET B 805 18.93 24.60 -70.22
C MET B 805 18.49 23.69 -69.07
N ASN B 806 19.37 22.74 -68.72
CA ASN B 806 19.07 21.82 -67.63
C ASN B 806 19.17 22.57 -66.30
N ALA B 807 20.02 23.58 -66.25
CA ALA B 807 20.18 24.36 -65.04
C ALA B 807 18.94 25.23 -64.85
N HIS B 808 18.35 25.67 -65.96
CA HIS B 808 17.16 26.49 -65.89
C HIS B 808 15.99 25.62 -65.50
N LYS B 809 16.07 24.33 -65.84
CA LYS B 809 15.01 23.39 -65.50
C LYS B 809 15.05 23.12 -64.01
N GLU B 810 16.24 22.82 -63.48
CA GLU B 810 16.39 22.55 -62.06
C GLU B 810 15.89 23.75 -61.26
N TYR B 811 16.39 24.94 -61.60
CA TYR B 811 16.00 26.17 -60.94
C TYR B 811 14.48 26.28 -60.77
N LYS B 812 13.75 26.11 -61.87
CA LYS B 812 12.30 26.21 -61.85
C LYS B 812 11.58 25.12 -61.04
N LYS B 813 12.32 24.14 -60.53
CA LYS B 813 11.70 23.07 -59.76
C LYS B 813 12.21 22.96 -58.34
N THR B 814 13.37 23.54 -58.07
CA THR B 814 13.96 23.47 -56.75
C THR B 814 14.01 24.83 -56.06
N GLU B 815 14.91 25.66 -56.54
CA GLU B 815 15.14 26.98 -56.00
C GLU B 815 14.00 27.98 -56.15
N LYS B 816 13.08 27.76 -57.08
CA LYS B 816 12.01 28.73 -57.31
C LYS B 816 10.77 28.62 -56.43
N PRO B 817 10.13 27.44 -56.40
CA PRO B 817 8.92 27.29 -55.58
C PRO B 817 9.00 28.00 -54.23
N PRO B 818 10.06 27.76 -53.44
CA PRO B 818 10.24 28.40 -52.12
C PRO B 818 10.08 29.92 -52.16
N LYS B 819 10.86 30.57 -53.03
CA LYS B 819 10.80 32.01 -53.19
C LYS B 819 9.42 32.46 -53.67
N GLY B 820 8.66 31.52 -54.25
CA GLY B 820 7.33 31.85 -54.73
C GLY B 820 6.40 32.07 -53.56
N GLN B 821 6.33 31.07 -52.67
CA GLN B 821 5.50 31.15 -51.48
C GLN B 821 5.90 32.37 -50.66
N GLU B 822 7.20 32.51 -50.39
CA GLU B 822 7.67 33.63 -49.60
C GLU B 822 7.08 34.94 -50.10
N VAL B 823 7.01 35.09 -51.41
CA VAL B 823 6.45 36.30 -51.99
C VAL B 823 5.01 36.46 -51.51
N SER B 824 4.20 35.43 -51.71
CA SER B 824 2.80 35.48 -51.33
C SER B 824 2.53 35.35 -49.85
N GLU B 825 3.51 34.89 -49.08
CA GLU B 825 3.28 34.76 -47.66
C GLU B 825 3.59 36.07 -46.94
N LEU B 826 4.51 36.85 -47.51
CA LEU B 826 4.87 38.12 -46.92
C LEU B 826 3.73 39.10 -47.13
N GLU B 827 2.89 38.80 -48.12
CA GLU B 827 1.74 39.64 -48.41
C GLU B 827 0.70 39.48 -47.33
N ALA B 828 0.40 38.22 -46.99
CA ALA B 828 -0.57 37.92 -45.95
C ALA B 828 -0.15 38.59 -44.63
N ILE B 829 1.12 38.43 -44.29
CA ILE B 829 1.67 39.00 -43.08
C ILE B 829 1.52 40.52 -43.06
N TYR B 830 1.66 41.15 -44.23
CA TYR B 830 1.55 42.60 -44.33
C TYR B 830 0.08 42.99 -44.23
N ASN B 831 -0.79 42.18 -44.79
CA ASN B 831 -2.23 42.45 -44.74
C ASN B 831 -2.72 42.31 -43.32
N SER B 832 -2.42 41.18 -42.72
CA SER B 832 -2.82 40.92 -41.34
C SER B 832 -2.22 41.98 -40.45
N LEU B 833 -0.94 42.25 -40.61
CA LEU B 833 -0.29 43.27 -39.79
C LEU B 833 -1.01 44.62 -39.82
N GLN B 834 -1.59 44.99 -40.96
CA GLN B 834 -2.29 46.27 -41.06
C GLN B 834 -3.62 46.20 -40.29
N THR B 835 -4.34 45.09 -40.44
CA THR B 835 -5.62 44.93 -39.75
C THR B 835 -5.43 45.10 -38.24
N LYS B 836 -4.43 44.40 -37.71
CA LYS B 836 -4.10 44.42 -36.28
C LYS B 836 -3.74 45.82 -35.81
N LEU B 837 -2.82 46.47 -36.52
CA LEU B 837 -2.38 47.81 -36.15
C LEU B 837 -3.54 48.78 -36.01
N ARG B 838 -4.69 48.44 -36.58
CA ARG B 838 -5.86 49.30 -36.49
C ARG B 838 -6.52 49.15 -35.12
N LEU B 839 -6.61 47.91 -34.67
CA LEU B 839 -7.23 47.58 -33.38
C LEU B 839 -6.40 47.99 -32.18
N ILE B 840 -5.08 48.00 -32.33
CA ILE B 840 -4.23 48.40 -31.21
C ILE B 840 -4.34 49.91 -31.07
N LYS B 841 -4.95 50.54 -32.08
CA LYS B 841 -5.16 51.99 -32.10
C LYS B 841 -3.90 52.80 -32.41
N ARG B 842 -3.12 52.41 -33.42
CA ARG B 842 -1.94 53.19 -33.74
C ARG B 842 -1.62 53.23 -35.23
N GLU B 843 -0.65 54.06 -35.58
CA GLU B 843 -0.23 54.26 -36.98
C GLU B 843 -0.08 53.00 -37.84
N PRO B 844 -0.64 53.04 -39.06
CA PRO B 844 -0.57 51.93 -40.01
C PRO B 844 0.86 51.79 -40.51
N PHE B 845 1.26 50.56 -40.80
CA PHE B 845 2.61 50.29 -41.28
C PHE B 845 2.88 50.75 -42.69
N VAL B 846 4.05 51.33 -42.90
CA VAL B 846 4.44 51.80 -44.22
C VAL B 846 5.90 51.44 -44.48
N ALA B 847 6.10 50.31 -45.16
CA ALA B 847 7.44 49.80 -45.47
C ALA B 847 8.30 50.69 -46.35
N PRO B 848 9.63 50.56 -46.22
CA PRO B 848 10.61 51.34 -46.97
C PRO B 848 10.45 51.16 -48.49
N ALA B 849 10.84 52.17 -49.25
CA ALA B 849 10.75 52.10 -50.72
C ALA B 849 11.39 50.81 -51.19
N GLY B 850 10.65 50.04 -51.98
CA GLY B 850 11.17 48.78 -52.49
C GLY B 850 10.33 47.65 -51.91
N LEU B 851 10.24 47.63 -50.59
CA LEU B 851 9.49 46.59 -49.88
C LEU B 851 8.02 46.99 -49.74
N THR B 852 7.14 46.02 -49.96
CA THR B 852 5.68 46.19 -49.89
C THR B 852 5.02 45.24 -50.86
N PRO B 853 3.94 44.57 -50.45
CA PRO B 853 3.27 43.63 -51.35
C PRO B 853 3.23 44.03 -52.83
N ASN B 854 2.71 45.20 -53.15
CA ASN B 854 2.61 45.67 -54.53
C ASN B 854 3.93 45.80 -55.29
N GLU B 855 4.93 46.38 -54.65
CA GLU B 855 6.24 46.55 -55.28
C GLU B 855 6.95 45.22 -55.42
N ILE B 856 6.65 44.31 -54.50
CA ILE B 856 7.27 42.99 -54.52
C ILE B 856 6.73 42.22 -55.70
N ASP B 857 5.43 42.39 -55.97
CA ASP B 857 4.80 41.72 -57.10
C ASP B 857 5.48 42.13 -58.40
N SER B 858 5.69 43.43 -58.57
CA SER B 858 6.34 43.95 -59.75
C SER B 858 7.74 43.40 -59.90
N THR B 859 8.51 43.46 -58.82
CA THR B 859 9.88 42.94 -58.86
C THR B 859 9.90 41.49 -59.31
N TRP B 860 8.90 40.73 -58.87
CA TRP B 860 8.79 39.32 -59.19
C TRP B 860 8.28 39.11 -60.61
N SER B 861 7.45 40.04 -61.08
CA SER B 861 6.95 39.97 -62.45
C SER B 861 8.13 40.15 -63.38
N ALA B 862 8.98 41.13 -63.06
CA ALA B 862 10.15 41.40 -63.85
C ALA B 862 11.07 40.17 -63.91
N LEU B 863 11.17 39.45 -62.80
CA LEU B 863 12.00 38.25 -62.76
C LEU B 863 11.36 37.17 -63.62
N GLU B 864 10.04 37.10 -63.58
CA GLU B 864 9.27 36.14 -64.33
C GLU B 864 9.50 36.35 -65.83
N LYS B 865 9.85 37.58 -66.19
CA LYS B 865 10.10 37.93 -67.58
C LYS B 865 11.52 37.58 -67.98
N ALA B 866 12.48 37.96 -67.14
CA ALA B 866 13.87 37.65 -67.43
C ALA B 866 13.98 36.13 -67.62
N GLU B 867 13.17 35.39 -66.89
CA GLU B 867 13.16 33.93 -66.98
C GLU B 867 12.69 33.49 -68.36
N GLN B 868 11.64 34.12 -68.87
CA GLN B 868 11.12 33.76 -70.18
C GLN B 868 12.04 34.23 -71.30
N GLU B 869 12.63 35.41 -71.16
CA GLU B 869 13.52 35.91 -72.19
C GLU B 869 14.80 35.11 -72.15
N HIS B 870 15.07 34.54 -70.98
CA HIS B 870 16.27 33.75 -70.78
C HIS B 870 16.15 32.44 -71.56
N ALA B 871 15.02 31.77 -71.39
CA ALA B 871 14.80 30.51 -72.07
C ALA B 871 14.79 30.67 -73.59
N GLU B 872 14.16 31.71 -74.08
CA GLU B 872 14.10 31.92 -75.51
C GLU B 872 15.52 32.12 -76.07
N ALA B 873 16.32 32.95 -75.41
CA ALA B 873 17.68 33.18 -75.86
C ALA B 873 18.41 31.84 -75.95
N LEU B 874 18.17 30.97 -74.98
CA LEU B 874 18.79 29.63 -74.98
C LEU B 874 18.34 28.81 -76.19
N ARG B 875 17.04 28.88 -76.47
CA ARG B 875 16.44 28.15 -77.58
C ARG B 875 17.04 28.57 -78.91
N ILE B 876 17.09 29.87 -79.12
CA ILE B 876 17.64 30.43 -80.34
C ILE B 876 19.16 30.21 -80.43
N GLU B 877 19.79 29.86 -79.32
CA GLU B 877 21.23 29.65 -79.31
C GLU B 877 21.64 28.22 -79.60
N LEU B 878 20.78 27.27 -79.22
CA LEU B 878 21.08 25.86 -79.50
C LEU B 878 20.89 25.63 -80.99
N LYS B 879 19.99 26.39 -81.60
CA LYS B 879 19.73 26.32 -83.03
C LYS B 879 21.02 26.74 -83.73
N ARG B 880 21.54 27.90 -83.34
CA ARG B 880 22.75 28.42 -83.95
C ARG B 880 23.95 27.53 -83.67
N GLN B 881 23.93 26.84 -82.54
CA GLN B 881 25.06 26.00 -82.20
C GLN B 881 25.11 24.73 -83.03
N LYS B 882 24.00 24.03 -83.13
CA LYS B 882 24.04 22.81 -83.92
C LYS B 882 24.01 23.17 -85.40
N LYS B 883 23.67 24.42 -85.70
CA LYS B 883 23.64 24.88 -87.08
C LYS B 883 25.10 25.00 -87.48
N ILE B 884 25.91 25.34 -86.49
CA ILE B 884 27.34 25.50 -86.69
C ILE B 884 27.99 24.13 -86.68
N ALA B 885 27.43 23.23 -85.90
CA ALA B 885 27.97 21.88 -85.81
C ALA B 885 27.96 21.18 -87.17
N VAL B 886 26.83 21.29 -87.87
CA VAL B 886 26.68 20.66 -89.17
C VAL B 886 27.71 21.18 -90.15
N LEU B 887 27.96 22.48 -90.13
CA LEU B 887 28.94 23.10 -91.02
C LEU B 887 30.35 22.70 -90.65
N LEU B 888 30.57 22.43 -89.38
CA LEU B 888 31.88 22.05 -88.92
C LEU B 888 32.17 20.62 -89.38
N GLN B 889 31.13 19.79 -89.40
CA GLN B 889 31.29 18.40 -89.83
C GLN B 889 31.59 18.38 -91.33
N LYS B 890 30.77 19.08 -92.11
CA LYS B 890 30.95 19.17 -93.57
C LYS B 890 32.38 19.57 -93.89
N TYR B 891 32.89 20.55 -93.16
CA TYR B 891 34.25 21.04 -93.35
C TYR B 891 35.28 19.94 -93.11
N ASN B 892 35.19 19.28 -91.98
CA ASN B 892 36.15 18.24 -91.67
C ASN B 892 36.13 17.13 -92.69
N ARG B 893 34.96 16.57 -92.96
CA ARG B 893 34.84 15.49 -93.93
C ARG B 893 35.60 15.82 -95.19
N ILE B 894 35.51 17.06 -95.64
CA ILE B 894 36.19 17.47 -96.85
C ILE B 894 37.70 17.31 -96.74
N LEU B 895 38.29 17.89 -95.69
CA LEU B 895 39.72 17.80 -95.48
C LEU B 895 40.16 16.35 -95.35
N LYS B 896 39.31 15.51 -94.77
CA LYS B 896 39.64 14.11 -94.60
C LYS B 896 39.83 13.50 -95.99
N LYS B 897 38.82 13.62 -96.84
CA LYS B 897 38.90 13.08 -98.19
C LYS B 897 40.20 13.50 -98.87
N LEU B 898 40.43 14.80 -98.93
CA LEU B 898 41.65 15.32 -99.54
C LEU B 898 42.88 14.65 -98.96
N GLU B 899 43.00 14.65 -97.64
CA GLU B 899 44.16 14.04 -96.97
C GLU B 899 44.31 12.58 -97.37
N ASN B 900 43.24 11.81 -97.22
CA ASN B 900 43.26 10.38 -97.55
C ASN B 900 43.34 10.07 -99.03
N TRP B 901 43.17 11.09 -99.85
CA TRP B 901 43.25 10.92 -101.30
C TRP B 901 44.71 11.18 -101.67
N ALA B 902 45.21 12.35 -101.27
CA ALA B 902 46.59 12.74 -101.54
C ALA B 902 47.55 11.64 -101.10
N THR B 903 47.24 11.00 -99.97
CA THR B 903 48.08 9.93 -99.44
C THR B 903 48.07 8.71 -100.35
N THR B 904 46.94 8.46 -100.99
CA THR B 904 46.81 7.33 -101.91
C THR B 904 47.51 7.62 -103.25
N LYS B 905 47.37 8.86 -103.72
CA LYS B 905 47.99 9.27 -104.96
C LYS B 905 49.44 9.73 -104.74
N SER B 906 50.01 9.35 -103.61
CA SER B 906 51.39 9.69 -103.27
C SER B 906 52.23 8.42 -103.38
N VAL B 907 51.56 7.28 -103.27
CA VAL B 907 52.21 5.99 -103.38
C VAL B 907 52.36 5.73 -104.87
N TYR B 908 51.30 6.02 -105.61
CA TYR B 908 51.26 5.88 -107.06
C TYR B 908 52.41 6.68 -107.67
N LEU B 909 52.61 7.89 -107.15
CA LEU B 909 53.67 8.78 -107.62
C LEU B 909 54.99 8.47 -106.91
N GLY B 910 55.36 7.19 -106.91
CA GLY B 910 56.60 6.80 -106.27
C GLY B 910 57.04 5.40 -106.67
N SER B 911 56.81 5.04 -107.94
CA SER B 911 57.17 3.72 -108.45
C SER B 911 56.97 3.54 -109.96
N ASN B 912 58.03 3.11 -110.63
CA ASN B 912 58.02 2.85 -112.08
C ASN B 912 58.77 1.55 -112.28
N GLU B 913 58.06 0.43 -112.16
CA GLU B 913 58.67 -0.89 -112.30
C GLU B 913 58.48 -1.62 -113.65
N THR B 914 57.52 -1.19 -114.46
CA THR B 914 57.28 -1.82 -115.75
C THR B 914 57.10 -0.80 -116.88
N GLY B 915 57.97 0.21 -116.89
CA GLY B 915 57.93 1.23 -117.91
C GLY B 915 59.15 1.06 -118.82
N ASP B 916 59.37 -0.17 -119.27
CA ASP B 916 60.50 -0.49 -120.14
C ASP B 916 60.07 -0.74 -121.59
N SER B 917 59.68 0.34 -122.27
CA SER B 917 59.24 0.30 -123.65
C SER B 917 58.71 1.68 -124.01
N ILE B 918 59.17 2.22 -125.14
CA ILE B 918 58.72 3.53 -125.56
C ILE B 918 57.20 3.57 -125.68
N THR B 919 56.58 2.42 -125.87
CA THR B 919 55.13 2.35 -126.01
C THR B 919 54.42 2.40 -124.66
N ALA B 920 54.97 1.68 -123.69
CA ALA B 920 54.40 1.63 -122.36
C ALA B 920 54.61 2.90 -121.55
N VAL B 921 55.70 3.61 -121.84
CA VAL B 921 56.02 4.84 -121.13
C VAL B 921 55.17 6.04 -121.53
N GLN B 922 55.23 6.43 -122.79
CA GLN B 922 54.45 7.59 -123.21
C GLN B 922 52.96 7.40 -122.99
N ALA B 923 52.58 6.18 -122.60
CA ALA B 923 51.18 5.87 -122.31
C ALA B 923 50.98 6.07 -120.82
N LYS B 924 52.03 5.74 -120.06
CA LYS B 924 52.04 5.87 -118.61
C LYS B 924 52.19 7.34 -118.23
N LEU B 925 52.53 8.16 -119.22
CA LEU B 925 52.66 9.59 -119.00
C LEU B 925 51.30 10.24 -119.18
N LYS B 926 50.40 9.53 -119.87
CA LYS B 926 49.06 10.05 -120.07
C LYS B 926 48.25 9.79 -118.79
N ASN B 927 48.47 8.63 -118.17
CA ASN B 927 47.78 8.31 -116.93
C ASN B 927 48.22 9.37 -115.92
N LEU B 928 49.39 9.94 -116.18
CA LEU B 928 49.97 10.96 -115.33
C LEU B 928 49.33 12.29 -115.67
N GLU B 929 48.72 12.36 -116.85
CA GLU B 929 48.06 13.59 -117.27
C GLU B 929 46.59 13.52 -116.92
N ALA B 930 46.09 12.30 -116.73
CA ALA B 930 44.71 12.10 -116.34
C ALA B 930 44.66 12.36 -114.84
N PHE B 931 45.83 12.27 -114.21
CA PHE B 931 45.98 12.53 -112.78
C PHE B 931 46.02 14.04 -112.56
N ASP B 932 46.77 14.74 -113.41
CA ASP B 932 46.88 16.18 -113.32
C ASP B 932 45.55 16.78 -113.73
N GLY B 933 44.68 15.93 -114.26
CA GLY B 933 43.38 16.38 -114.69
C GLY B 933 42.42 16.51 -113.51
N GLU B 934 42.36 15.46 -112.68
CA GLU B 934 41.49 15.46 -111.51
C GLU B 934 42.09 16.24 -110.35
N CYS B 935 43.41 16.12 -110.18
CA CYS B 935 44.11 16.83 -109.10
C CYS B 935 43.84 18.33 -109.22
N GLN B 936 43.55 18.77 -110.44
CA GLN B 936 43.25 20.18 -110.67
C GLN B 936 41.78 20.43 -110.41
N SER B 937 40.95 19.47 -110.81
CA SER B 937 39.51 19.60 -110.63
C SER B 937 39.06 19.18 -109.22
N LEU B 938 39.98 19.28 -108.27
CA LEU B 938 39.68 18.97 -106.87
C LEU B 938 40.25 20.13 -106.08
N GLU B 939 41.47 20.50 -106.42
CA GLU B 939 42.16 21.61 -105.79
C GLU B 939 41.32 22.87 -106.05
N GLY B 940 40.43 22.76 -107.02
CA GLY B 940 39.57 23.87 -107.35
C GLY B 940 38.20 23.74 -106.72
N GLN B 941 37.55 22.60 -106.91
CA GLN B 941 36.22 22.42 -106.34
C GLN B 941 36.28 22.46 -104.82
N SER B 942 37.15 21.63 -104.23
CA SER B 942 37.31 21.59 -102.78
C SER B 942 37.52 22.97 -102.18
N ASN B 943 38.58 23.66 -102.62
CA ASN B 943 38.86 24.98 -102.11
C ASN B 943 37.69 25.92 -102.30
N SER B 944 36.75 25.54 -103.15
CA SER B 944 35.57 26.37 -103.36
C SER B 944 34.47 25.96 -102.37
N ASP B 945 34.43 24.68 -102.03
CA ASP B 945 33.43 24.19 -101.08
C ASP B 945 33.75 24.72 -99.68
N LEU B 946 34.94 24.38 -99.20
CA LEU B 946 35.40 24.81 -97.90
C LEU B 946 35.16 26.31 -97.75
N LEU B 947 35.56 27.08 -98.76
CA LEU B 947 35.40 28.53 -98.75
C LEU B 947 33.94 28.95 -98.51
N SER B 948 33.03 28.22 -99.14
CA SER B 948 31.60 28.48 -99.01
C SER B 948 31.16 28.19 -97.58
N ILE B 949 31.81 27.24 -96.93
CA ILE B 949 31.50 26.89 -95.56
C ILE B 949 32.04 27.94 -94.60
N LEU B 950 33.21 28.49 -94.91
CA LEU B 950 33.80 29.53 -94.07
C LEU B 950 32.89 30.75 -94.11
N ALA B 951 32.35 31.06 -95.27
CA ALA B 951 31.47 32.21 -95.42
C ALA B 951 30.15 31.98 -94.69
N GLN B 952 29.73 30.73 -94.61
CA GLN B 952 28.49 30.41 -93.92
C GLN B 952 28.66 30.56 -92.41
N LEU B 953 29.83 30.16 -91.92
CA LEU B 953 30.16 30.23 -90.50
C LEU B 953 30.30 31.67 -90.05
N THR B 954 30.86 32.49 -90.92
CA THR B 954 31.08 33.90 -90.63
C THR B 954 29.74 34.62 -90.55
N GLU B 955 28.68 33.99 -91.06
CA GLU B 955 27.38 34.59 -91.02
C GLU B 955 26.73 34.22 -89.69
N LEU B 956 27.24 33.15 -89.08
CA LEU B 956 26.74 32.69 -87.80
C LEU B 956 27.65 33.22 -86.70
N ASN B 957 28.54 34.12 -87.09
CA ASN B 957 29.49 34.74 -86.17
C ASN B 957 30.39 33.74 -85.45
N TYR B 958 30.68 32.62 -86.11
CA TYR B 958 31.54 31.59 -85.54
C TYR B 958 32.96 32.13 -85.45
N ASN B 959 33.27 32.79 -84.35
CA ASN B 959 34.58 33.39 -84.12
C ASN B 959 35.78 32.44 -84.26
N GLY B 960 35.51 31.16 -84.52
CA GLY B 960 36.59 30.21 -84.68
C GLY B 960 37.04 30.08 -86.13
N VAL B 961 36.75 31.09 -86.95
CA VAL B 961 37.09 31.10 -88.37
C VAL B 961 38.59 31.10 -88.71
N PRO B 962 39.35 32.10 -88.24
CA PRO B 962 40.79 32.15 -88.54
C PRO B 962 41.48 30.82 -88.31
N GLU B 963 41.14 30.17 -87.20
CA GLU B 963 41.71 28.87 -86.85
C GLU B 963 41.43 27.81 -87.91
N LEU B 964 40.32 27.97 -88.62
CA LEU B 964 39.94 27.02 -89.67
C LEU B 964 40.66 27.31 -90.98
N THR B 965 40.79 28.58 -91.31
CA THR B 965 41.47 28.99 -92.53
C THR B 965 42.90 28.50 -92.54
N GLU B 966 43.65 28.85 -91.50
CA GLU B 966 45.05 28.43 -91.39
C GLU B 966 45.12 26.94 -91.71
N ARG B 967 44.29 26.17 -91.03
CA ARG B 967 44.28 24.73 -91.24
C ARG B 967 44.17 24.43 -92.73
N LYS B 968 43.35 25.22 -93.43
CA LYS B 968 43.15 25.05 -94.86
C LYS B 968 44.38 25.44 -95.66
N ASP B 969 44.76 26.72 -95.58
CA ASP B 969 45.92 27.24 -96.31
C ASP B 969 47.18 26.39 -96.15
N THR B 970 47.22 25.60 -95.08
CA THR B 970 48.36 24.73 -94.81
C THR B 970 48.32 23.61 -95.83
N PHE B 971 47.30 22.76 -95.74
CA PHE B 971 47.13 21.63 -96.64
C PHE B 971 47.60 21.96 -98.06
N PHE B 972 47.08 23.05 -98.60
CA PHE B 972 47.41 23.50 -99.95
C PHE B 972 48.76 24.21 -99.97
N ALA B 973 49.71 23.66 -99.21
CA ALA B 973 51.05 24.20 -99.10
C ALA B 973 51.83 23.20 -98.27
N GLN B 974 51.13 22.12 -97.90
CA GLN B 974 51.69 21.03 -97.11
C GLN B 974 51.54 19.75 -97.92
N GLN B 975 50.53 18.96 -97.59
CA GLN B 975 50.29 17.70 -98.29
C GLN B 975 50.01 17.89 -99.77
N TRP B 976 49.12 18.83 -100.09
CA TRP B 976 48.76 19.05 -101.48
C TRP B 976 49.94 19.45 -102.35
N THR B 977 50.64 20.51 -101.97
CA THR B 977 51.79 20.93 -102.75
C THR B 977 52.78 19.76 -102.76
N GLY B 978 52.61 18.85 -101.80
CA GLY B 978 53.46 17.68 -101.74
C GLY B 978 53.24 16.88 -103.00
N VAL B 979 52.12 16.16 -103.08
CA VAL B 979 51.81 15.35 -104.26
C VAL B 979 52.06 16.10 -105.57
N LYS B 980 51.60 17.34 -105.67
CA LYS B 980 51.80 18.13 -106.88
C LYS B 980 53.25 18.05 -107.33
N SER B 981 54.17 18.50 -106.48
CA SER B 981 55.58 18.44 -106.82
C SER B 981 55.94 16.97 -107.02
N SER B 982 55.66 16.15 -106.01
CA SER B 982 55.94 14.72 -106.07
C SER B 982 55.52 14.15 -107.43
N ALA B 983 54.47 14.73 -108.01
CA ALA B 983 53.98 14.31 -109.31
C ALA B 983 55.08 14.48 -110.35
N GLU B 984 55.71 15.65 -110.36
CA GLU B 984 56.79 15.92 -111.30
C GLU B 984 57.87 14.85 -111.23
N THR B 985 58.35 14.58 -110.02
CA THR B 985 59.39 13.57 -109.82
C THR B 985 59.07 12.34 -110.65
N TYR B 986 57.78 11.99 -110.71
CA TYR B 986 57.36 10.84 -111.48
C TYR B 986 57.42 11.20 -112.96
N LYS B 987 56.97 12.40 -113.31
CA LYS B 987 56.99 12.86 -114.69
C LYS B 987 58.41 13.02 -115.22
N ASN B 988 59.25 13.74 -114.47
CA ASN B 988 60.63 13.97 -114.90
C ASN B 988 61.45 12.69 -114.96
N THR B 989 60.84 11.57 -114.57
CA THR B 989 61.50 10.27 -114.64
C THR B 989 60.95 9.52 -115.85
N LEU B 990 59.65 9.67 -116.10
CA LEU B 990 59.01 9.04 -117.24
C LEU B 990 59.46 9.75 -118.51
N LEU B 991 59.55 11.07 -118.43
CA LEU B 991 59.96 11.87 -119.57
C LEU B 991 61.36 11.47 -120.00
N ALA B 992 62.24 11.23 -119.03
CA ALA B 992 63.62 10.85 -119.31
C ALA B 992 63.80 9.41 -119.82
N GLU B 993 63.33 8.42 -119.06
CA GLU B 993 63.47 7.02 -119.47
C GLU B 993 62.94 6.81 -120.88
N LEU B 994 62.14 7.77 -121.35
CA LEU B 994 61.58 7.72 -122.70
C LEU B 994 62.53 8.45 -123.64
N GLU B 995 62.92 9.65 -123.26
CA GLU B 995 63.84 10.45 -124.06
C GLU B 995 65.12 9.65 -124.30
N ARG B 996 65.64 9.02 -123.25
CA ARG B 996 66.84 8.21 -123.38
C ARG B 996 66.44 6.78 -123.68
N LEU B 997 65.59 6.63 -124.68
CA LEU B 997 65.11 5.32 -125.12
C LEU B 997 64.69 5.50 -126.58
N GLN B 998 64.12 6.66 -126.89
CA GLN B 998 63.72 6.96 -128.25
C GLN B 998 65.00 7.31 -128.98
N LYS B 999 66.05 7.59 -128.21
CA LYS B 999 67.36 7.92 -128.74
C LYS B 999 67.96 6.64 -129.32
N ILE B 1000 67.73 5.53 -128.61
CA ILE B 1000 68.20 4.21 -129.01
C ILE B 1000 67.43 3.82 -130.28
N GLU B 1001 66.11 3.75 -130.13
CA GLU B 1001 65.19 3.40 -131.21
C GLU B 1001 65.36 4.28 -132.46
N ASP B 1002 66.00 5.44 -132.28
CA ASP B 1002 66.22 6.35 -133.40
C ASP B 1002 67.51 6.00 -134.14
N LEU B 1003 68.60 5.90 -133.39
CA LEU B 1003 69.91 5.58 -133.96
C LEU B 1003 69.93 4.09 -134.32
N HIS B 1004 69.02 3.34 -133.72
CA HIS B 1004 68.90 1.90 -133.97
C HIS B 1004 68.03 1.69 -135.21
N HIS B 1005 67.15 2.64 -135.49
CA HIS B 1005 66.28 2.57 -136.65
C HIS B 1005 67.17 2.62 -137.89
N HIS B 1006 68.44 2.95 -137.65
CA HIS B 1006 69.43 3.03 -138.71
C HIS B 1006 69.82 1.65 -139.22
N HIS B 1007 69.09 0.62 -138.74
CA HIS B 1007 69.33 -0.76 -139.16
C HIS B 1007 68.90 -0.85 -140.61
N HIS B 1008 68.17 0.18 -141.03
CA HIS B 1008 67.67 0.32 -142.39
C HIS B 1008 68.83 0.26 -143.37
N HIS B 1009 70.02 0.55 -142.87
CA HIS B 1009 71.24 0.55 -143.68
C HIS B 1009 72.29 -0.39 -143.11
N HIS B 1010 73.00 0.07 -142.08
CA HIS B 1010 74.05 -0.71 -141.45
C HIS B 1010 74.94 -1.35 -142.50
#